data_3VF1
#
_entry.id   3VF1
#
_cell.length_a   114.800
_cell.length_b   148.710
_cell.length_c   117.330
_cell.angle_alpha   90.000
_cell.angle_beta   119.160
_cell.angle_gamma   90.000
#
_symmetry.space_group_name_H-M   'C 1 2 1'
#
loop_
_entity.id
_entity.type
_entity.pdbx_description
1 polymer 11R-lipoxygenase
2 branched beta-D-fructofuranose-(2-1)-alpha-D-glucopyranose
3 non-polymer 'FE (II) ION'
4 water water
#
_entity_poly.entity_id   1
_entity_poly.type   'polypeptide(L)'
_entity_poly.pdbx_seq_one_letter_code
;MASMTGGQQMGRGSMHHHHMKYKITVETGDLRGAGTDASVSIKLTGKDGAETSAFSLDKYFHNDFESGGTDTYDQSGVDV
GEIAMITLKENGFGLKSDWYIAKVIIEKIDEATGFSNKYIFPCYRWVIKQLVVYEGKAILPNSKDNVKTIAEQRTKEVSE
NKKLYKWGTDPRYVQDLPGFVDAEEPKSLPKDVQFTDEATSSLFRVGLADFANLGLSHLFGIWDDWDCLEDFRQLITPAI
KSGLPHAAEYWRDDVWFGSQFLNGSNPEVIRRCDKLPENFPVKNEMVEKLLDRGYTLEKAMKEGLIFITDYKILEGIPTM
DTPEDKRYITTPLGLFYLKNNDDIIPIAIQLYQQPGENNSIWTPLKDTEWDWIMAKLWLRCADTQYHQMITHLLRCHLMM
EPTAVSSWRNLPSVHPVWKLLYPHTKGIMAINTLGRNDLIPTGGAADKVLSIGGGGQVTLMQKHYRSVTFDSYDLVKDLR
QRGVDGLRKFYYKDDALLLWNVIHQFVQDIIQIYYNDDDSVKKDNEIQDWIRDLHENGYPAGSDGTDKKVPKSFENREEL
VHFLTVVVFTCSCQHAAVNFSQMATYGFHPNSPTLMRQPPPTEKGKSNHKVIMASLANKHQAVTMVSVVNALTTIYPTEK
FLGDYADNLFGDAAAHAAMAKFKSNLANITKQITERNQGMVSPYTWLIPGHVPNSIAI
;
_entity_poly.pdbx_strand_id   A,B
#
loop_
_chem_comp.id
_chem_comp.type
_chem_comp.name
_chem_comp.formula
FE2 non-polymer 'FE (II) ION' 'Fe 2'
FRU D-saccharide, beta linking beta-D-fructofuranose 'C6 H12 O6'
GLC D-saccharide, alpha linking alpha-D-glucopyranose 'C6 H12 O6'
#
# COMPACT_ATOMS: atom_id res chain seq x y z
N HIS A 19 -20.28 7.14 -29.98
CA HIS A 19 -18.90 6.60 -30.09
C HIS A 19 -18.36 6.25 -28.69
N MET A 20 -17.04 6.05 -28.60
CA MET A 20 -16.41 5.67 -27.34
C MET A 20 -15.69 6.84 -26.70
N LYS A 21 -16.11 7.22 -25.51
CA LYS A 21 -15.46 8.29 -24.76
C LYS A 21 -14.27 7.77 -23.94
N TYR A 22 -13.16 8.52 -23.98
CA TYR A 22 -11.96 8.18 -23.23
C TYR A 22 -11.47 9.35 -22.39
N LYS A 23 -11.37 9.15 -21.09
CA LYS A 23 -10.80 10.16 -20.20
C LYS A 23 -9.36 9.82 -19.87
N ILE A 24 -8.42 10.37 -20.63
CA ILE A 24 -7.01 10.08 -20.47
C ILE A 24 -6.34 11.07 -19.53
N THR A 25 -5.79 10.55 -18.44
CA THR A 25 -5.08 11.39 -17.47
C THR A 25 -3.60 11.03 -17.45
N VAL A 26 -2.75 12.03 -17.66
CA VAL A 26 -1.31 11.82 -17.70
C VAL A 26 -0.63 12.46 -16.49
N GLU A 27 0.09 11.64 -15.73
CA GLU A 27 0.86 12.14 -14.60
C GLU A 27 2.33 12.26 -15.00
N THR A 28 2.86 13.48 -14.96
CA THR A 28 4.25 13.71 -15.30
C THR A 28 5.15 13.27 -14.15
N GLY A 29 6.27 12.63 -14.49
CA GLY A 29 7.21 12.19 -13.47
C GLY A 29 7.98 13.34 -12.86
N ASP A 30 8.94 13.02 -12.01
CA ASP A 30 9.69 14.06 -11.28
C ASP A 30 10.88 14.58 -12.09
N LEU A 31 11.20 13.92 -13.20
CA LEU A 31 12.27 14.38 -14.07
C LEU A 31 11.72 15.39 -15.07
N ARG A 32 12.61 16.22 -15.60
CA ARG A 32 12.22 17.30 -16.50
C ARG A 32 13.34 17.62 -17.48
N GLY A 33 13.09 17.33 -18.76
CA GLY A 33 14.06 17.61 -19.79
C GLY A 33 14.06 19.09 -20.15
N ALA A 34 14.84 19.45 -21.17
CA ALA A 34 14.87 20.82 -21.64
C ALA A 34 13.94 20.99 -22.83
N GLY A 35 13.31 22.16 -22.93
CA GLY A 35 12.40 22.46 -24.03
C GLY A 35 11.05 22.94 -23.52
N THR A 36 10.05 22.92 -24.39
CA THR A 36 8.72 23.42 -24.05
C THR A 36 7.62 22.48 -24.56
N ASP A 37 7.57 22.31 -25.88
CA ASP A 37 6.51 21.52 -26.50
C ASP A 37 6.71 20.03 -26.22
N ALA A 38 6.05 19.53 -25.18
CA ALA A 38 6.16 18.12 -24.82
C ALA A 38 4.92 17.35 -25.28
N SER A 39 4.25 17.87 -26.30
CA SER A 39 3.04 17.24 -26.82
C SER A 39 3.35 15.90 -27.47
N VAL A 40 2.45 14.94 -27.30
CA VAL A 40 2.60 13.61 -27.87
C VAL A 40 1.25 13.12 -28.37
N SER A 41 1.27 11.95 -29.03
CA SER A 41 0.03 11.32 -29.47
C SER A 41 -0.11 9.96 -28.80
N ILE A 42 -1.34 9.57 -28.51
CA ILE A 42 -1.59 8.32 -27.79
C ILE A 42 -2.59 7.42 -28.52
N LYS A 43 -2.13 6.25 -28.96
CA LYS A 43 -2.99 5.27 -29.61
C LYS A 43 -3.30 4.12 -28.67
N LEU A 44 -4.58 3.96 -28.32
CA LEU A 44 -4.99 2.89 -27.43
C LEU A 44 -5.12 1.59 -28.22
N THR A 45 -4.99 0.46 -27.52
CA THR A 45 -5.14 -0.85 -28.14
C THR A 45 -5.88 -1.80 -27.20
N GLY A 46 -6.96 -2.40 -27.70
CA GLY A 46 -7.77 -3.28 -26.89
C GLY A 46 -7.15 -4.66 -26.75
N LYS A 47 -7.64 -5.42 -25.78
CA LYS A 47 -7.13 -6.76 -25.51
C LYS A 47 -7.26 -7.65 -26.74
N ASP A 48 -8.26 -7.39 -27.58
CA ASP A 48 -8.54 -8.23 -28.74
C ASP A 48 -8.05 -7.61 -30.04
N GLY A 49 -7.15 -6.63 -29.94
CA GLY A 49 -6.50 -6.06 -31.12
C GLY A 49 -7.12 -4.77 -31.63
N ALA A 50 -8.35 -4.49 -31.22
CA ALA A 50 -9.05 -3.29 -31.67
C ALA A 50 -8.31 -2.04 -31.19
N GLU A 51 -7.68 -1.33 -32.12
CA GLU A 51 -6.94 -0.12 -31.77
C GLU A 51 -7.60 1.13 -32.34
N THR A 52 -7.38 2.26 -31.67
CA THR A 52 -8.01 3.53 -32.05
C THR A 52 -7.07 4.33 -32.94
N SER A 53 -7.35 5.63 -33.05
CA SER A 53 -6.51 6.54 -33.83
C SER A 53 -5.68 7.42 -32.90
N ALA A 54 -4.53 7.86 -33.39
CA ALA A 54 -3.59 8.64 -32.58
C ALA A 54 -4.19 9.97 -32.12
N PHE A 55 -4.65 10.00 -30.88
CA PHE A 55 -5.08 11.25 -30.27
C PHE A 55 -3.89 12.19 -30.14
N SER A 56 -4.16 13.45 -29.85
CA SER A 56 -3.09 14.44 -29.69
C SER A 56 -3.12 15.08 -28.31
N LEU A 57 -2.14 14.70 -27.49
CA LEU A 57 -2.02 15.24 -26.14
C LEU A 57 -1.09 16.45 -26.14
N ASP A 58 -1.67 17.62 -25.87
CA ASP A 58 -0.90 18.86 -25.84
C ASP A 58 -0.34 19.11 -24.45
N LYS A 59 0.99 19.17 -24.35
CA LYS A 59 1.66 19.45 -23.09
C LYS A 59 2.68 20.56 -23.28
N TYR A 60 2.54 21.62 -22.49
CA TYR A 60 3.45 22.76 -22.56
C TYR A 60 4.00 23.08 -21.17
N PHE A 61 5.30 23.24 -21.09
CA PHE A 61 5.96 23.57 -19.82
C PHE A 61 6.14 25.07 -19.66
N HIS A 62 5.51 25.64 -18.65
CA HIS A 62 5.59 27.07 -18.39
C HIS A 62 7.03 27.50 -18.13
N ASN A 63 7.58 27.08 -17.00
CA ASN A 63 8.96 27.39 -16.65
C ASN A 63 9.83 26.14 -16.74
N ASP A 64 11.11 26.29 -16.41
CA ASP A 64 12.05 25.18 -16.52
C ASP A 64 12.06 24.32 -15.25
N PHE A 65 11.85 24.95 -14.10
CA PHE A 65 11.93 24.24 -12.82
C PHE A 65 10.76 23.28 -12.60
N GLU A 66 9.58 23.66 -13.05
CA GLU A 66 8.37 22.89 -12.77
C GLU A 66 8.49 21.44 -13.23
N SER A 67 8.19 20.51 -12.33
CA SER A 67 8.20 19.09 -12.63
C SER A 67 7.06 18.40 -11.91
N GLY A 68 6.42 17.45 -12.58
CA GLY A 68 5.27 16.76 -12.03
C GLY A 68 3.97 17.38 -12.50
N GLY A 69 2.88 17.09 -11.80
CA GLY A 69 1.58 17.63 -12.14
C GLY A 69 0.75 16.66 -12.95
N THR A 70 -0.51 17.04 -13.18
CA THR A 70 -1.44 16.18 -13.93
C THR A 70 -2.09 16.94 -15.08
N ASP A 71 -2.37 16.21 -16.15
CA ASP A 71 -3.12 16.75 -17.28
C ASP A 71 -4.19 15.77 -17.70
N THR A 72 -5.45 16.21 -17.66
CA THR A 72 -6.57 15.34 -17.99
C THR A 72 -7.13 15.70 -19.37
N TYR A 73 -7.44 14.69 -20.16
CA TYR A 73 -7.94 14.88 -21.52
C TYR A 73 -9.20 14.07 -21.76
N ASP A 74 -10.23 14.72 -22.29
CA ASP A 74 -11.44 14.03 -22.73
C ASP A 74 -11.32 13.75 -24.22
N GLN A 75 -11.68 12.53 -24.62
CA GLN A 75 -11.51 12.12 -26.01
C GLN A 75 -12.64 11.22 -26.51
N SER A 76 -12.63 10.95 -27.80
CA SER A 76 -13.61 10.07 -28.43
C SER A 76 -13.03 9.38 -29.65
N GLY A 77 -13.30 8.08 -29.79
CA GLY A 77 -12.78 7.32 -30.91
C GLY A 77 -13.35 5.91 -30.97
N VAL A 78 -12.77 5.09 -31.86
CA VAL A 78 -13.20 3.72 -32.03
C VAL A 78 -13.07 2.94 -30.72
N ASP A 79 -14.15 2.27 -30.32
CA ASP A 79 -14.14 1.47 -29.10
C ASP A 79 -13.21 0.27 -29.26
N VAL A 80 -12.50 -0.04 -28.18
CA VAL A 80 -11.52 -1.14 -28.19
C VAL A 80 -11.83 -2.20 -27.14
N GLY A 81 -12.71 -1.89 -26.19
CA GLY A 81 -13.06 -2.81 -25.13
C GLY A 81 -12.16 -2.61 -23.92
N GLU A 82 -11.39 -3.64 -23.57
CA GLU A 82 -10.40 -3.52 -22.50
C GLU A 82 -9.05 -3.12 -23.09
N ILE A 83 -8.48 -2.04 -22.57
CA ILE A 83 -7.21 -1.53 -23.07
C ILE A 83 -6.06 -2.35 -22.50
N ALA A 84 -5.32 -3.01 -23.37
CA ALA A 84 -4.20 -3.85 -22.95
C ALA A 84 -2.90 -3.06 -22.93
N MET A 85 -2.78 -2.08 -23.81
CA MET A 85 -1.58 -1.28 -23.91
C MET A 85 -1.85 0.04 -24.64
N ILE A 86 -0.90 0.97 -24.52
CA ILE A 86 -0.99 2.25 -25.20
C ILE A 86 0.32 2.51 -25.94
N THR A 87 0.25 3.35 -26.97
CA THR A 87 1.45 3.72 -27.71
C THR A 87 1.60 5.24 -27.71
N LEU A 88 2.82 5.70 -27.44
CA LEU A 88 3.09 7.12 -27.33
C LEU A 88 4.13 7.54 -28.37
N LYS A 89 3.89 8.68 -29.02
CA LYS A 89 4.78 9.16 -30.07
C LYS A 89 4.95 10.67 -29.95
N GLU A 90 6.18 11.14 -30.12
CA GLU A 90 6.45 12.57 -30.06
C GLU A 90 5.60 13.30 -31.10
N ASN A 91 4.82 14.27 -30.62
CA ASN A 91 3.90 15.00 -31.47
C ASN A 91 4.24 16.50 -31.46
N GLY A 92 5.36 16.83 -30.85
CA GLY A 92 5.77 18.22 -30.71
C GLY A 92 6.26 18.82 -32.01
N PHE A 93 6.00 20.12 -32.17
CA PHE A 93 6.44 20.84 -33.36
C PHE A 93 7.71 21.63 -33.10
N GLY A 94 7.58 22.73 -32.35
CA GLY A 94 8.70 23.61 -32.10
C GLY A 94 9.32 23.42 -30.73
N LEU A 95 10.65 23.28 -30.69
CA LEU A 95 11.39 23.11 -29.45
C LEU A 95 10.81 21.97 -28.63
N LYS A 96 10.73 20.80 -29.25
CA LYS A 96 10.11 19.63 -28.62
C LYS A 96 10.90 19.19 -27.39
N SER A 97 10.18 19.00 -26.28
CA SER A 97 10.80 18.56 -25.04
C SER A 97 10.40 17.11 -24.76
N ASP A 98 11.39 16.29 -24.43
CA ASP A 98 11.12 14.91 -24.06
C ASP A 98 10.27 14.86 -22.80
N TRP A 99 9.11 14.22 -22.90
CA TRP A 99 8.19 14.12 -21.77
C TRP A 99 8.49 12.89 -20.93
N TYR A 100 8.85 13.10 -19.67
CA TYR A 100 9.05 11.99 -18.74
C TYR A 100 7.76 11.73 -18.00
N ILE A 101 7.11 10.62 -18.33
CA ILE A 101 5.79 10.30 -17.80
C ILE A 101 5.84 9.24 -16.71
N ALA A 102 5.23 9.55 -15.57
CA ALA A 102 5.14 8.60 -14.48
C ALA A 102 4.20 7.46 -14.86
N LYS A 103 2.94 7.79 -15.10
CA LYS A 103 1.96 6.81 -15.54
C LYS A 103 0.77 7.47 -16.23
N VAL A 104 0.00 6.66 -16.96
CA VAL A 104 -1.19 7.15 -17.65
C VAL A 104 -2.41 6.41 -17.13
N ILE A 105 -3.49 7.15 -16.92
CA ILE A 105 -4.74 6.57 -16.44
C ILE A 105 -5.87 6.87 -17.43
N ILE A 106 -6.43 5.82 -18.00
CA ILE A 106 -7.50 5.98 -18.99
C ILE A 106 -8.81 5.41 -18.46
N GLU A 107 -9.76 6.30 -18.19
CA GLU A 107 -11.08 5.89 -17.72
C GLU A 107 -12.07 5.83 -18.88
N LYS A 108 -12.82 4.74 -18.95
CA LYS A 108 -13.80 4.53 -20.01
C LYS A 108 -14.96 3.70 -19.50
N ILE A 109 -15.82 3.26 -20.42
CA ILE A 109 -16.94 2.40 -20.06
C ILE A 109 -17.14 1.29 -21.07
N ASP A 110 -17.28 0.05 -20.58
CA ASP A 110 -17.49 -1.10 -21.44
C ASP A 110 -18.95 -1.17 -21.91
N GLU A 111 -19.16 -0.99 -23.21
CA GLU A 111 -20.51 -0.97 -23.77
C GLU A 111 -21.26 -2.25 -23.42
N ALA A 112 -20.50 -3.31 -23.11
CA ALA A 112 -21.09 -4.60 -22.76
C ALA A 112 -21.87 -4.53 -21.45
N THR A 113 -21.41 -3.71 -20.51
CA THR A 113 -22.07 -3.58 -19.22
C THR A 113 -22.02 -2.16 -18.64
N GLY A 114 -21.71 -1.19 -19.49
CA GLY A 114 -21.70 0.21 -19.09
C GLY A 114 -21.21 0.47 -17.68
N PHE A 115 -19.95 0.15 -17.41
CA PHE A 115 -19.32 0.45 -16.12
C PHE A 115 -18.09 1.31 -16.33
N SER A 116 -17.85 2.24 -15.41
CA SER A 116 -16.65 3.08 -15.47
C SER A 116 -15.44 2.29 -14.98
N ASN A 117 -14.49 2.04 -15.89
CA ASN A 117 -13.29 1.27 -15.56
C ASN A 117 -12.01 2.04 -15.86
N LYS A 118 -11.09 2.02 -14.91
CA LYS A 118 -9.80 2.69 -15.07
C LYS A 118 -8.71 1.71 -15.46
N TYR A 119 -7.88 2.10 -16.42
CA TYR A 119 -6.76 1.29 -16.86
C TYR A 119 -5.45 2.02 -16.59
N ILE A 120 -4.72 1.58 -15.57
CA ILE A 120 -3.48 2.23 -15.16
C ILE A 120 -2.32 1.70 -16.00
N PHE A 121 -1.47 2.61 -16.47
CA PHE A 121 -0.31 2.23 -17.27
C PHE A 121 0.97 2.76 -16.66
N PRO A 122 1.60 1.97 -15.79
CA PRO A 122 2.87 2.35 -15.13
C PRO A 122 3.97 2.52 -16.17
N CYS A 123 4.54 3.71 -16.26
CA CYS A 123 5.49 4.03 -17.33
C CYS A 123 6.88 4.34 -16.79
N TYR A 124 7.07 5.56 -16.29
CA TYR A 124 8.37 6.00 -15.79
C TYR A 124 9.45 5.90 -16.86
N ARG A 125 9.17 6.49 -18.01
CA ARG A 125 10.10 6.51 -19.13
C ARG A 125 10.02 7.85 -19.85
N TRP A 126 11.06 8.18 -20.59
CA TRP A 126 11.01 9.31 -21.51
C TRP A 126 10.40 8.80 -22.82
N VAL A 127 9.51 9.59 -23.42
CA VAL A 127 8.91 9.19 -24.69
C VAL A 127 9.93 9.20 -25.81
N ILE A 128 10.70 10.28 -25.91
CA ILE A 128 11.69 10.43 -26.97
C ILE A 128 11.04 10.25 -28.36
N LYS A 129 11.12 9.05 -28.92
CA LYS A 129 10.52 8.77 -30.21
C LYS A 129 9.16 8.08 -30.03
N GLN A 130 9.18 6.77 -29.84
CA GLN A 130 7.95 5.99 -29.72
C GLN A 130 8.04 5.00 -28.57
N LEU A 131 7.07 5.06 -27.67
CA LEU A 131 7.08 4.23 -26.47
C LEU A 131 5.75 3.49 -26.29
N VAL A 132 5.83 2.17 -26.16
CA VAL A 132 4.64 1.35 -25.93
C VAL A 132 4.61 0.87 -24.47
N VAL A 133 3.47 1.12 -23.82
CA VAL A 133 3.33 0.80 -22.40
C VAL A 133 2.17 -0.16 -22.16
N TYR A 134 2.47 -1.29 -21.53
CA TYR A 134 1.44 -2.27 -21.20
C TYR A 134 0.61 -1.79 -20.01
N GLU A 135 -0.50 -2.47 -19.77
CA GLU A 135 -1.31 -2.21 -18.59
C GLU A 135 -0.64 -2.89 -17.39
N GLY A 136 -0.87 -2.35 -16.19
CA GLY A 136 -0.19 -2.80 -14.99
C GLY A 136 0.02 -4.29 -14.86
N LYS A 137 -1.05 -5.05 -15.07
CA LYS A 137 -1.03 -6.51 -14.93
C LYS A 137 0.25 -7.13 -15.51
N ALA A 138 0.93 -7.95 -14.71
CA ALA A 138 2.12 -8.65 -15.16
C ALA A 138 1.73 -9.98 -15.79
N ILE A 139 2.35 -10.31 -16.92
CA ILE A 139 1.95 -11.47 -17.71
C ILE A 139 3.15 -12.26 -18.22
N LEU A 140 3.22 -13.53 -17.84
CA LEU A 140 4.24 -14.43 -18.35
C LEU A 140 3.97 -14.78 -19.81
N PRO A 141 5.02 -15.07 -20.58
CA PRO A 141 4.82 -15.42 -22.00
C PRO A 141 4.07 -16.73 -22.15
N ASN A 142 4.28 -17.66 -21.21
CA ASN A 142 3.58 -18.95 -21.23
C ASN A 142 2.29 -18.91 -20.43
N SER A 143 1.73 -17.71 -20.24
CA SER A 143 0.50 -17.55 -19.48
C SER A 143 -0.71 -17.77 -20.38
N LYS A 144 -1.89 -17.61 -19.82
CA LYS A 144 -3.14 -17.66 -20.58
C LYS A 144 -3.60 -16.25 -20.97
N ASP A 145 -3.09 -15.25 -20.25
CA ASP A 145 -3.41 -13.85 -20.53
C ASP A 145 -2.49 -13.26 -21.59
N ASN A 146 -1.47 -14.01 -21.98
CA ASN A 146 -0.56 -13.60 -23.06
C ASN A 146 -1.22 -13.73 -24.43
N VAL A 147 -2.28 -12.96 -24.65
CA VAL A 147 -3.03 -13.01 -25.90
C VAL A 147 -2.18 -12.52 -27.08
N LYS A 148 -2.71 -12.67 -28.29
CA LYS A 148 -1.95 -12.42 -29.50
C LYS A 148 -1.31 -11.02 -29.53
N THR A 149 -2.11 -9.99 -29.25
CA THR A 149 -1.62 -8.62 -29.29
C THR A 149 -0.46 -8.42 -28.31
N ILE A 150 -0.58 -9.00 -27.12
CA ILE A 150 0.50 -8.93 -26.13
C ILE A 150 1.71 -9.72 -26.61
N ALA A 151 1.47 -10.96 -27.03
CA ALA A 151 2.53 -11.87 -27.43
C ALA A 151 3.36 -11.33 -28.58
N GLU A 152 2.73 -10.60 -29.49
CA GLU A 152 3.43 -10.04 -30.64
C GLU A 152 4.22 -8.79 -30.26
N GLN A 153 3.70 -8.04 -29.30
CA GLN A 153 4.33 -6.80 -28.88
C GLN A 153 5.61 -7.08 -28.06
N ARG A 154 5.48 -7.94 -27.06
CA ARG A 154 6.62 -8.24 -26.18
C ARG A 154 7.82 -8.77 -26.94
N THR A 155 7.56 -9.43 -28.07
CA THR A 155 8.64 -9.94 -28.90
C THR A 155 9.36 -8.80 -29.61
N LYS A 156 8.58 -7.79 -30.00
CA LYS A 156 9.13 -6.62 -30.68
C LYS A 156 9.89 -5.73 -29.71
N GLU A 157 9.32 -5.53 -28.52
CA GLU A 157 9.93 -4.70 -27.50
C GLU A 157 11.34 -5.20 -27.19
N VAL A 158 11.44 -6.48 -26.83
CA VAL A 158 12.72 -7.10 -26.51
C VAL A 158 13.68 -7.03 -27.69
N SER A 159 13.14 -7.18 -28.90
CA SER A 159 13.96 -7.14 -30.12
C SER A 159 14.56 -5.75 -30.32
N GLU A 160 13.75 -4.73 -30.05
CA GLU A 160 14.20 -3.35 -30.17
C GLU A 160 15.27 -3.04 -29.13
N ASN A 161 15.05 -3.49 -27.90
CA ASN A 161 15.97 -3.22 -26.81
C ASN A 161 17.35 -3.84 -27.02
N LYS A 162 17.39 -5.03 -27.60
CA LYS A 162 18.67 -5.70 -27.86
C LYS A 162 19.59 -4.83 -28.71
N LYS A 163 19.02 -3.91 -29.47
CA LYS A 163 19.80 -3.06 -30.35
C LYS A 163 20.42 -1.88 -29.59
N LEU A 164 19.80 -1.53 -28.46
CA LEU A 164 20.27 -0.41 -27.66
C LEU A 164 21.22 -0.85 -26.55
N TYR A 165 21.03 -2.07 -26.07
CA TYR A 165 21.80 -2.58 -24.93
C TYR A 165 22.64 -3.79 -25.32
N LYS A 166 23.84 -3.54 -25.83
CA LYS A 166 24.74 -4.60 -26.25
C LYS A 166 25.77 -4.86 -25.16
N TRP A 167 26.45 -6.00 -25.25
CA TRP A 167 27.56 -6.31 -24.35
C TRP A 167 28.82 -5.59 -24.80
N GLY A 168 29.37 -4.76 -23.92
CA GLY A 168 30.56 -3.97 -24.23
C GLY A 168 31.77 -4.80 -24.60
N THR A 169 32.65 -4.22 -25.41
CA THR A 169 33.89 -4.88 -25.82
C THR A 169 35.10 -3.99 -25.56
N ASP A 170 34.92 -2.95 -24.75
CA ASP A 170 36.02 -2.07 -24.36
C ASP A 170 37.21 -2.93 -23.92
N PRO A 171 38.31 -2.90 -24.71
CA PRO A 171 39.45 -3.78 -24.44
C PRO A 171 40.01 -3.66 -23.03
N ARG A 172 39.84 -2.51 -22.41
CA ARG A 172 40.33 -2.29 -21.05
C ARG A 172 39.70 -3.27 -20.05
N TYR A 173 38.49 -3.73 -20.35
CA TYR A 173 37.71 -4.48 -19.38
C TYR A 173 37.12 -5.80 -19.88
N VAL A 174 37.62 -6.32 -21.00
CA VAL A 174 37.09 -7.56 -21.55
C VAL A 174 37.69 -8.81 -20.92
N GLN A 175 38.80 -8.66 -20.21
CA GLN A 175 39.54 -9.81 -19.69
C GLN A 175 39.37 -10.00 -18.18
N ASP A 176 38.96 -11.20 -17.78
CA ASP A 176 38.83 -11.57 -16.38
C ASP A 176 37.95 -10.60 -15.59
N LEU A 177 36.82 -10.22 -16.19
CA LEU A 177 35.85 -9.37 -15.51
C LEU A 177 34.44 -9.71 -15.97
N PRO A 178 33.43 -9.31 -15.19
CA PRO A 178 32.04 -9.53 -15.59
C PRO A 178 31.70 -8.76 -16.86
N GLY A 179 30.68 -9.19 -17.58
CA GLY A 179 30.22 -8.47 -18.75
C GLY A 179 29.71 -7.10 -18.34
N PHE A 180 29.57 -6.20 -19.31
CA PHE A 180 29.10 -4.85 -19.04
C PHE A 180 28.41 -4.27 -20.26
N VAL A 181 27.67 -3.18 -20.06
CA VAL A 181 26.95 -2.54 -21.15
C VAL A 181 27.92 -1.83 -22.07
N ASP A 182 27.57 -1.74 -23.35
CA ASP A 182 28.37 -1.03 -24.33
C ASP A 182 28.00 0.45 -24.33
N ALA A 183 28.88 1.27 -23.78
CA ALA A 183 28.66 2.72 -23.73
C ALA A 183 29.99 3.43 -23.51
N GLU A 184 30.25 4.46 -24.30
CA GLU A 184 31.51 5.18 -24.21
C GLU A 184 31.49 6.15 -23.04
N GLU A 185 30.32 6.75 -22.80
CA GLU A 185 30.15 7.68 -21.70
C GLU A 185 28.72 7.58 -21.15
N PRO A 186 28.48 8.17 -19.97
CA PRO A 186 27.13 8.16 -19.41
C PRO A 186 26.10 8.76 -20.38
N LYS A 187 26.52 9.74 -21.17
CA LYS A 187 25.62 10.41 -22.10
C LYS A 187 25.27 9.54 -23.31
N SER A 188 26.17 8.63 -23.68
CA SER A 188 25.94 7.77 -24.82
C SER A 188 24.98 6.62 -24.51
N LEU A 189 24.48 6.60 -23.27
CA LEU A 189 23.48 5.61 -22.88
C LEU A 189 22.08 6.08 -23.23
N PRO A 190 21.14 5.13 -23.41
CA PRO A 190 19.73 5.50 -23.58
C PRO A 190 19.25 6.37 -22.43
N LYS A 191 18.45 7.39 -22.74
CA LYS A 191 18.03 8.36 -21.73
C LYS A 191 17.37 7.68 -20.52
N ASP A 192 16.71 6.55 -20.76
CA ASP A 192 15.98 5.86 -19.70
C ASP A 192 16.87 5.32 -18.58
N VAL A 193 18.16 5.13 -18.87
CA VAL A 193 19.08 4.59 -17.87
C VAL A 193 20.23 5.55 -17.57
N GLN A 194 20.04 6.82 -17.87
CA GLN A 194 21.04 7.83 -17.58
C GLN A 194 20.92 8.31 -16.14
N PHE A 195 21.87 9.14 -15.72
CA PHE A 195 21.82 9.75 -14.40
C PHE A 195 20.58 10.61 -14.27
N THR A 196 19.88 10.47 -13.14
CA THR A 196 18.69 11.28 -12.86
C THR A 196 19.08 12.65 -12.34
N ASP A 197 20.37 12.89 -12.18
CA ASP A 197 20.88 14.18 -11.76
C ASP A 197 22.16 14.50 -12.53
N GLU A 198 22.19 15.66 -13.17
CA GLU A 198 23.29 16.01 -14.06
C GLU A 198 24.59 16.27 -13.30
N ALA A 199 24.49 16.60 -12.02
CA ALA A 199 25.66 16.88 -11.21
C ALA A 199 26.49 15.63 -10.99
N THR A 200 25.84 14.47 -11.05
CA THR A 200 26.49 13.19 -10.77
C THR A 200 27.70 12.94 -11.67
N SER A 201 27.56 13.28 -12.95
CA SER A 201 28.59 13.00 -13.95
C SER A 201 29.96 13.61 -13.60
N SER A 202 29.95 14.67 -12.80
CA SER A 202 31.18 15.38 -12.45
C SER A 202 31.43 15.35 -10.95
N LEU A 203 31.34 14.16 -10.35
CA LEU A 203 31.44 14.04 -8.91
C LEU A 203 32.77 13.43 -8.46
N PHE A 204 33.41 12.66 -9.34
CA PHE A 204 34.65 11.98 -9.00
C PHE A 204 35.89 12.70 -9.51
N ARG A 205 35.70 13.91 -10.04
CA ARG A 205 36.83 14.75 -10.39
C ARG A 205 37.33 15.41 -9.10
N VAL A 206 38.63 15.33 -8.86
CA VAL A 206 39.20 15.83 -7.63
C VAL A 206 40.18 16.97 -7.91
N GLY A 207 39.66 18.06 -8.46
CA GLY A 207 40.47 19.23 -8.77
C GLY A 207 40.46 20.23 -7.64
N LEU A 208 41.03 21.41 -7.91
CA LEU A 208 41.13 22.46 -6.91
C LEU A 208 39.76 22.86 -6.37
N ALA A 209 38.77 22.94 -7.26
CA ALA A 209 37.43 23.36 -6.90
C ALA A 209 36.78 22.38 -5.94
N ASP A 210 37.17 21.11 -6.04
CA ASP A 210 36.61 20.07 -5.17
C ASP A 210 37.24 20.15 -3.79
N PHE A 211 38.52 20.50 -3.76
CA PHE A 211 39.20 20.81 -2.49
C PHE A 211 38.51 22.00 -1.84
N ALA A 212 38.16 22.98 -2.67
CA ALA A 212 37.58 24.23 -2.19
C ALA A 212 36.17 24.01 -1.65
N ASN A 213 35.44 23.06 -2.22
CA ASN A 213 34.10 22.75 -1.75
C ASN A 213 34.11 22.26 -0.30
N LEU A 214 35.22 21.64 0.09
CA LEU A 214 35.36 21.14 1.46
C LEU A 214 36.07 22.15 2.35
N GLY A 215 36.48 23.28 1.76
CA GLY A 215 37.16 24.32 2.51
C GLY A 215 38.60 23.96 2.79
N LEU A 216 39.22 23.21 1.89
CA LEU A 216 40.58 22.71 2.09
C LEU A 216 41.48 23.00 0.89
N SER A 217 41.13 24.00 0.10
CA SER A 217 41.88 24.32 -1.11
C SER A 217 43.30 24.77 -0.79
N HIS A 218 43.52 25.20 0.45
CA HIS A 218 44.86 25.64 0.86
C HIS A 218 45.82 24.47 0.98
N LEU A 219 45.30 23.25 0.89
CA LEU A 219 46.12 22.04 0.96
C LEU A 219 46.33 21.42 -0.40
N PHE A 220 45.83 22.07 -1.46
CA PHE A 220 45.97 21.53 -2.80
C PHE A 220 47.41 21.67 -3.28
N GLY A 221 47.99 20.55 -3.73
CA GLY A 221 49.35 20.54 -4.23
C GLY A 221 50.39 20.50 -3.13
N ILE A 222 49.94 20.37 -1.88
CA ILE A 222 50.84 20.33 -0.74
C ILE A 222 51.23 18.89 -0.41
N TRP A 223 52.49 18.56 -0.66
CA TRP A 223 52.97 17.19 -0.49
C TRP A 223 53.74 16.99 0.82
N ASP A 224 53.45 17.82 1.80
CA ASP A 224 54.12 17.73 3.10
C ASP A 224 53.50 16.64 3.95
N ASP A 225 54.27 16.17 4.94
CA ASP A 225 53.74 15.25 5.93
C ASP A 225 52.76 15.99 6.82
N TRP A 226 51.88 15.24 7.47
CA TRP A 226 51.10 15.79 8.57
C TRP A 226 52.00 15.82 9.79
N ASP A 227 51.89 16.87 10.59
CA ASP A 227 52.77 17.03 11.75
C ASP A 227 52.55 15.89 12.75
N CYS A 228 51.29 15.55 13.00
CA CYS A 228 50.97 14.46 13.91
C CYS A 228 49.65 13.80 13.53
N LEU A 229 49.38 12.65 14.16
CA LEU A 229 48.22 11.83 13.83
C LEU A 229 46.91 12.57 14.08
N GLU A 230 46.89 13.46 15.05
CA GLU A 230 45.66 14.16 15.43
C GLU A 230 45.27 15.23 14.42
N ASP A 231 46.21 15.61 13.56
CA ASP A 231 45.95 16.67 12.58
C ASP A 231 45.05 16.21 11.43
N PHE A 232 44.88 14.89 11.30
CA PHE A 232 43.97 14.36 10.29
C PHE A 232 42.53 14.82 10.54
N ARG A 233 42.24 15.21 11.77
CA ARG A 233 40.92 15.72 12.13
C ARG A 233 40.61 17.04 11.43
N GLN A 234 41.64 17.67 10.86
CA GLN A 234 41.45 18.92 10.14
C GLN A 234 40.62 18.73 8.88
N LEU A 235 40.60 17.50 8.36
CA LEU A 235 39.91 17.21 7.12
C LEU A 235 38.39 17.17 7.30
N ILE A 236 37.94 17.12 8.55
CA ILE A 236 36.52 17.11 8.84
C ILE A 236 36.00 18.51 9.11
N THR A 237 35.68 19.22 8.05
CA THR A 237 35.14 20.57 8.13
C THR A 237 33.61 20.50 8.19
N PRO A 238 32.96 21.66 8.42
CA PRO A 238 31.50 21.69 8.40
C PRO A 238 30.92 21.22 7.08
N ALA A 239 31.75 21.19 6.03
CA ALA A 239 31.32 20.69 4.73
C ALA A 239 31.00 19.20 4.80
N ILE A 240 31.66 18.51 5.74
CA ILE A 240 31.36 17.11 6.01
C ILE A 240 30.25 17.05 7.05
N LYS A 241 29.04 16.77 6.59
CA LYS A 241 27.85 16.92 7.43
C LYS A 241 27.69 15.81 8.46
N SER A 242 28.31 14.65 8.21
CA SER A 242 28.25 13.55 9.16
C SER A 242 29.09 13.86 10.40
N GLY A 243 29.99 14.82 10.29
CA GLY A 243 30.80 15.25 11.42
C GLY A 243 32.03 14.39 11.65
N LEU A 244 32.61 14.53 12.83
CA LEU A 244 33.82 13.78 13.18
C LEU A 244 33.51 12.31 13.41
N PRO A 245 34.15 11.41 12.63
CA PRO A 245 33.95 9.98 12.84
C PRO A 245 34.35 9.55 14.24
N HIS A 246 33.67 8.57 14.80
CA HIS A 246 34.01 8.05 16.11
C HIS A 246 35.42 7.44 16.10
N ALA A 247 35.84 6.98 14.93
CA ALA A 247 37.17 6.43 14.75
C ALA A 247 38.24 7.38 15.30
N ALA A 248 38.03 8.68 15.10
CA ALA A 248 38.97 9.69 15.59
C ALA A 248 39.23 9.55 17.09
N GLU A 249 38.26 8.98 17.80
CA GLU A 249 38.32 8.90 19.25
C GLU A 249 38.72 7.51 19.75
N TYR A 250 38.70 6.51 18.88
CA TYR A 250 38.90 5.12 19.31
C TYR A 250 39.95 4.36 18.51
N TRP A 251 40.41 4.90 17.40
CA TRP A 251 41.18 4.13 16.43
C TRP A 251 42.40 3.41 17.01
N ARG A 252 42.99 3.96 18.08
CA ARG A 252 44.18 3.37 18.67
C ARG A 252 43.86 2.12 19.49
N ASP A 253 42.60 1.98 19.91
CA ASP A 253 42.20 0.89 20.79
C ASP A 253 42.14 -0.45 20.05
N ASP A 254 42.83 -1.45 20.59
CA ASP A 254 42.85 -2.78 19.99
C ASP A 254 41.45 -3.36 19.85
N VAL A 255 40.56 -3.03 20.78
CA VAL A 255 39.19 -3.52 20.73
C VAL A 255 38.44 -2.89 19.56
N TRP A 256 38.61 -1.58 19.39
CA TRP A 256 38.02 -0.88 18.26
C TRP A 256 38.61 -1.41 16.96
N PHE A 257 39.93 -1.58 16.95
CA PHE A 257 40.64 -2.08 15.77
C PHE A 257 40.05 -3.39 15.27
N GLY A 258 39.93 -4.36 16.18
CA GLY A 258 39.37 -5.65 15.85
C GLY A 258 37.96 -5.53 15.29
N SER A 259 37.16 -4.66 15.90
CA SER A 259 35.76 -4.51 15.51
C SER A 259 35.61 -3.91 14.12
N GLN A 260 36.65 -3.26 13.62
CA GLN A 260 36.60 -2.64 12.30
C GLN A 260 36.59 -3.69 11.19
N PHE A 261 37.01 -4.91 11.51
CA PHE A 261 37.00 -6.00 10.54
C PHE A 261 35.65 -6.70 10.53
N LEU A 262 34.79 -6.33 11.47
CA LEU A 262 33.45 -6.89 11.56
C LEU A 262 32.39 -5.85 11.22
N ASN A 263 32.56 -4.64 11.75
CA ASN A 263 31.53 -3.63 11.66
C ASN A 263 32.02 -2.34 11.00
N GLY A 264 33.07 -2.47 10.20
CA GLY A 264 33.56 -1.34 9.42
C GLY A 264 32.90 -1.31 8.07
N SER A 265 33.70 -1.28 7.01
CA SER A 265 33.17 -1.26 5.65
C SER A 265 33.52 -2.52 4.88
N ASN A 266 34.25 -3.43 5.51
CA ASN A 266 34.71 -4.65 4.83
C ASN A 266 34.75 -5.86 5.76
N PRO A 267 33.59 -6.52 5.94
CA PRO A 267 33.46 -7.70 6.79
C PRO A 267 33.57 -9.01 6.02
N GLU A 268 34.33 -9.03 4.94
CA GLU A 268 34.39 -10.18 4.04
C GLU A 268 35.62 -11.05 4.19
N VAL A 269 36.56 -10.64 5.04
CA VAL A 269 37.87 -11.28 5.06
C VAL A 269 38.10 -12.19 6.27
N ILE A 270 37.81 -11.69 7.47
CA ILE A 270 38.10 -12.44 8.68
C ILE A 270 37.36 -13.78 8.71
N ARG A 271 38.03 -14.80 9.24
CA ARG A 271 37.42 -16.13 9.35
C ARG A 271 38.07 -16.94 10.44
N ARG A 272 37.33 -17.91 10.97
CA ARG A 272 37.85 -18.80 12.01
C ARG A 272 39.08 -19.54 11.51
N CYS A 273 40.05 -19.72 12.40
CA CYS A 273 41.30 -20.39 12.06
C CYS A 273 41.54 -21.56 13.00
N ASP A 274 41.40 -22.77 12.46
CA ASP A 274 41.58 -23.98 13.25
C ASP A 274 43.03 -24.46 13.23
N LYS A 275 43.80 -23.96 12.27
CA LYS A 275 45.22 -24.25 12.19
C LYS A 275 45.96 -23.17 11.42
N LEU A 276 47.06 -22.69 12.00
CA LEU A 276 47.85 -21.65 11.37
C LEU A 276 48.41 -22.10 10.02
N PRO A 277 48.45 -21.17 9.05
CA PRO A 277 49.19 -21.45 7.82
C PRO A 277 50.66 -21.71 8.14
N GLU A 278 51.30 -22.62 7.42
CA GLU A 278 52.69 -22.95 7.68
C GLU A 278 53.61 -21.74 7.56
N ASN A 279 53.19 -20.75 6.77
CA ASN A 279 53.98 -19.54 6.56
C ASN A 279 53.66 -18.42 7.55
N PHE A 280 52.96 -18.78 8.64
CA PHE A 280 52.60 -17.81 9.66
C PHE A 280 52.92 -18.41 11.02
N PRO A 281 54.22 -18.60 11.32
CA PRO A 281 54.69 -19.33 12.50
C PRO A 281 54.52 -18.57 13.82
N VAL A 282 53.28 -18.34 14.23
CA VAL A 282 53.02 -17.70 15.51
C VAL A 282 53.19 -18.69 16.64
N LYS A 283 54.09 -18.39 17.56
CA LYS A 283 54.35 -19.27 18.70
C LYS A 283 53.62 -18.79 19.95
N ASN A 284 53.26 -19.73 20.80
CA ASN A 284 52.50 -19.43 22.01
C ASN A 284 53.19 -18.38 22.87
N GLU A 285 54.52 -18.43 22.94
CA GLU A 285 55.28 -17.50 23.76
C GLU A 285 54.98 -16.06 23.37
N MET A 286 54.69 -15.85 22.09
CA MET A 286 54.50 -14.51 21.56
C MET A 286 53.18 -13.89 22.03
N VAL A 287 52.17 -14.72 22.27
CA VAL A 287 50.81 -14.22 22.46
C VAL A 287 50.10 -14.76 23.70
N GLU A 288 50.79 -15.57 24.49
CA GLU A 288 50.14 -16.30 25.57
C GLU A 288 49.49 -15.37 26.61
N LYS A 289 50.18 -14.31 27.00
CA LYS A 289 49.67 -13.41 28.03
C LYS A 289 48.55 -12.51 27.50
N LEU A 290 48.33 -12.54 26.20
CA LEU A 290 47.23 -11.81 25.58
C LEU A 290 45.95 -12.64 25.67
N LEU A 291 46.10 -13.95 25.80
CA LEU A 291 44.96 -14.86 25.86
C LEU A 291 44.41 -14.91 27.28
N ASP A 292 43.39 -15.74 27.48
CA ASP A 292 42.84 -15.97 28.81
C ASP A 292 43.83 -16.75 29.65
N ARG A 293 43.79 -16.53 30.96
CA ARG A 293 44.59 -17.32 31.88
C ARG A 293 44.20 -18.78 31.74
N GLY A 294 45.19 -19.65 31.57
CA GLY A 294 44.94 -21.07 31.43
C GLY A 294 44.80 -21.51 29.98
N TYR A 295 44.98 -20.57 29.06
CA TYR A 295 44.86 -20.88 27.64
C TYR A 295 46.18 -20.76 26.90
N THR A 296 46.43 -21.71 26.01
CA THR A 296 47.56 -21.63 25.09
C THR A 296 46.99 -21.37 23.71
N LEU A 297 47.85 -20.93 22.79
CA LEU A 297 47.42 -20.68 21.42
C LEU A 297 46.73 -21.91 20.85
N GLU A 298 47.27 -23.08 21.16
CA GLU A 298 46.74 -24.33 20.64
C GLU A 298 45.33 -24.60 21.17
N LYS A 299 45.15 -24.39 22.47
CA LYS A 299 43.84 -24.61 23.10
C LYS A 299 42.81 -23.62 22.56
N ALA A 300 43.24 -22.38 22.35
CA ALA A 300 42.36 -21.35 21.83
C ALA A 300 41.80 -21.73 20.47
N MET A 301 42.65 -22.31 19.62
CA MET A 301 42.24 -22.71 18.28
C MET A 301 41.25 -23.88 18.33
N LYS A 302 41.53 -24.87 19.17
CA LYS A 302 40.63 -26.00 19.34
C LYS A 302 39.22 -25.54 19.69
N GLU A 303 39.12 -24.48 20.47
CA GLU A 303 37.83 -24.01 20.97
C GLU A 303 37.20 -22.94 20.05
N GLY A 304 37.87 -22.65 18.94
CA GLY A 304 37.33 -21.71 17.97
C GLY A 304 37.35 -20.27 18.44
N LEU A 305 38.43 -19.88 19.12
CA LEU A 305 38.57 -18.52 19.62
C LEU A 305 39.57 -17.73 18.78
N ILE A 306 40.14 -18.37 17.78
CA ILE A 306 41.18 -17.76 16.97
C ILE A 306 40.70 -17.50 15.54
N PHE A 307 40.79 -16.25 15.10
CA PHE A 307 40.38 -15.87 13.76
C PHE A 307 41.54 -15.22 13.03
N ILE A 308 41.46 -15.19 11.70
CA ILE A 308 42.58 -14.73 10.88
C ILE A 308 42.12 -13.92 9.67
N THR A 309 42.92 -12.94 9.29
CA THR A 309 42.71 -12.18 8.06
C THR A 309 43.93 -12.30 7.16
N ASP A 310 43.82 -13.13 6.14
CA ASP A 310 44.94 -13.41 5.23
C ASP A 310 44.76 -12.66 3.92
N TYR A 311 45.71 -11.77 3.62
CA TYR A 311 45.65 -10.97 2.39
C TYR A 311 46.64 -11.48 1.34
N LYS A 312 46.71 -12.79 1.21
CA LYS A 312 47.56 -13.43 0.21
C LYS A 312 47.30 -12.90 -1.19
N ILE A 313 46.06 -12.50 -1.46
CA ILE A 313 45.67 -12.10 -2.81
C ILE A 313 46.45 -10.88 -3.31
N LEU A 314 47.00 -10.10 -2.40
CA LEU A 314 47.77 -8.92 -2.77
C LEU A 314 49.14 -9.30 -3.34
N GLU A 315 49.51 -10.56 -3.20
CA GLU A 315 50.80 -11.03 -3.69
C GLU A 315 50.85 -10.92 -5.20
N GLY A 316 51.86 -10.20 -5.71
CA GLY A 316 52.04 -10.05 -7.14
C GLY A 316 51.43 -8.77 -7.69
N ILE A 317 50.65 -8.07 -6.87
CA ILE A 317 50.03 -6.82 -7.30
C ILE A 317 51.01 -5.65 -7.17
N PRO A 318 51.34 -5.00 -8.29
CA PRO A 318 52.30 -3.89 -8.28
C PRO A 318 51.74 -2.62 -7.68
N THR A 319 52.61 -1.84 -7.02
CA THR A 319 52.21 -0.56 -6.46
C THR A 319 52.82 0.57 -7.29
N MET A 320 52.27 1.77 -7.16
CA MET A 320 52.71 2.89 -7.97
C MET A 320 54.20 3.14 -7.79
N ASP A 321 54.90 3.28 -8.91
CA ASP A 321 56.34 3.50 -8.89
C ASP A 321 56.73 4.53 -9.96
N THR A 322 56.59 5.80 -9.62
CA THR A 322 57.02 6.88 -10.49
C THR A 322 58.03 7.74 -9.73
N PRO A 323 58.82 8.54 -10.46
CA PRO A 323 59.84 9.37 -9.82
C PRO A 323 59.27 10.26 -8.71
N GLU A 324 58.08 10.82 -8.93
CA GLU A 324 57.49 11.78 -8.00
C GLU A 324 56.44 11.17 -7.07
N ASP A 325 56.10 9.91 -7.29
CA ASP A 325 55.07 9.27 -6.50
C ASP A 325 55.32 7.76 -6.36
N LYS A 326 55.80 7.35 -5.19
CA LYS A 326 56.04 5.94 -4.92
C LYS A 326 55.21 5.49 -3.72
N ARG A 327 54.48 4.40 -3.91
CA ARG A 327 53.63 3.86 -2.85
C ARG A 327 53.97 2.40 -2.59
N TYR A 328 53.60 1.92 -1.41
CA TYR A 328 53.96 0.58 -1.00
C TYR A 328 52.80 -0.15 -0.36
N ILE A 329 52.86 -1.48 -0.40
CA ILE A 329 51.89 -2.33 0.26
C ILE A 329 52.56 -3.67 0.54
N THR A 330 52.05 -4.39 1.53
CA THR A 330 52.57 -5.70 1.85
C THR A 330 51.49 -6.74 1.59
N THR A 331 51.70 -7.95 2.09
CA THR A 331 50.76 -9.04 1.89
C THR A 331 50.52 -9.72 3.23
N PRO A 332 49.96 -8.97 4.18
CA PRO A 332 50.00 -9.30 5.60
C PRO A 332 49.05 -10.42 6.04
N LEU A 333 49.27 -10.91 7.25
CA LEU A 333 48.35 -11.81 7.91
C LEU A 333 48.11 -11.28 9.32
N GLY A 334 46.85 -11.23 9.73
CA GLY A 334 46.50 -10.78 11.06
C GLY A 334 45.82 -11.89 11.83
N LEU A 335 46.17 -12.03 13.11
CA LEU A 335 45.56 -13.04 13.95
C LEU A 335 44.78 -12.35 15.07
N PHE A 336 43.57 -12.83 15.32
CA PHE A 336 42.70 -12.20 16.31
C PHE A 336 42.23 -13.22 17.35
N TYR A 337 41.86 -12.71 18.52
CA TYR A 337 41.40 -13.55 19.61
C TYR A 337 40.00 -13.12 20.03
N LEU A 338 39.12 -14.09 20.25
CA LEU A 338 37.77 -13.81 20.73
C LEU A 338 37.75 -13.76 22.25
N LYS A 339 37.71 -12.55 22.79
CA LYS A 339 37.75 -12.36 24.24
C LYS A 339 36.50 -12.93 24.91
N ASN A 340 36.57 -13.05 26.22
CA ASN A 340 35.46 -13.63 26.99
C ASN A 340 34.21 -12.78 26.91
N ASN A 341 34.38 -11.49 26.66
CA ASN A 341 33.25 -10.57 26.58
C ASN A 341 32.81 -10.31 25.14
N ASP A 342 33.28 -11.15 24.22
CA ASP A 342 32.83 -11.16 22.83
C ASP A 342 33.49 -10.10 21.94
N ASP A 343 34.47 -9.37 22.47
CA ASP A 343 35.29 -8.50 21.65
C ASP A 343 36.43 -9.30 21.04
N ILE A 344 36.71 -9.04 19.76
CA ILE A 344 37.90 -9.64 19.14
C ILE A 344 39.04 -8.62 19.11
N ILE A 345 40.24 -9.08 19.43
CA ILE A 345 41.40 -8.21 19.43
C ILE A 345 42.51 -8.81 18.58
N PRO A 346 43.32 -7.94 17.94
CA PRO A 346 44.51 -8.40 17.21
C PRO A 346 45.58 -8.85 18.19
N ILE A 347 46.22 -9.99 17.93
CA ILE A 347 47.25 -10.49 18.82
C ILE A 347 48.58 -10.77 18.11
N ALA A 348 48.57 -10.74 16.78
CA ALA A 348 49.79 -11.01 16.01
C ALA A 348 49.62 -10.56 14.56
N ILE A 349 50.71 -10.09 13.96
CA ILE A 349 50.70 -9.61 12.58
C ILE A 349 52.02 -9.92 11.87
N GLN A 350 51.90 -10.38 10.63
CA GLN A 350 53.07 -10.60 9.79
C GLN A 350 52.85 -9.86 8.47
N LEU A 351 53.75 -8.95 8.12
CA LEU A 351 53.52 -8.03 7.01
C LEU A 351 53.57 -8.71 5.64
N TYR A 352 54.48 -9.66 5.47
CA TYR A 352 54.60 -10.37 4.19
C TYR A 352 54.31 -11.86 4.38
N GLN A 353 53.91 -12.51 3.29
CA GLN A 353 53.47 -13.91 3.34
C GLN A 353 54.58 -14.84 3.83
N GLN A 354 55.77 -14.70 3.27
CA GLN A 354 56.86 -15.62 3.56
C GLN A 354 57.74 -15.13 4.70
N PRO A 355 57.89 -15.94 5.76
CA PRO A 355 58.71 -15.57 6.92
C PRO A 355 60.17 -15.33 6.53
N GLY A 356 60.81 -14.36 7.18
CA GLY A 356 62.20 -14.03 6.88
C GLY A 356 62.81 -13.15 7.96
N GLU A 357 64.07 -12.77 7.77
CA GLU A 357 64.78 -11.95 8.74
C GLU A 357 64.21 -10.54 8.81
N ASN A 358 63.73 -10.04 7.67
CA ASN A 358 63.12 -8.72 7.61
C ASN A 358 61.60 -8.80 7.63
N ASN A 359 61.08 -9.97 7.97
CA ASN A 359 59.63 -10.19 8.02
C ASN A 359 59.25 -10.99 9.25
N SER A 360 59.28 -10.33 10.40
CA SER A 360 59.04 -10.99 11.68
C SER A 360 57.56 -10.93 12.05
N ILE A 361 57.23 -11.59 13.15
CA ILE A 361 55.87 -11.52 13.69
C ILE A 361 55.78 -10.43 14.75
N TRP A 362 54.87 -9.50 14.54
CA TRP A 362 54.68 -8.37 15.45
C TRP A 362 53.59 -8.72 16.46
N THR A 363 53.75 -8.22 17.69
CA THR A 363 52.86 -8.58 18.77
C THR A 363 52.93 -7.53 19.87
N PRO A 364 51.77 -7.11 20.41
CA PRO A 364 51.73 -6.04 21.41
C PRO A 364 52.38 -6.46 22.72
N LEU A 365 52.51 -7.76 22.93
CA LEU A 365 53.19 -8.32 24.09
C LEU A 365 54.72 -8.20 24.01
N LYS A 366 55.29 -8.40 22.82
CA LYS A 366 56.73 -8.50 22.65
C LYS A 366 57.33 -7.27 21.98
N ASP A 367 56.49 -6.44 21.37
CA ASP A 367 56.96 -5.29 20.62
C ASP A 367 56.62 -3.98 21.31
N THR A 368 57.31 -2.92 20.91
CA THR A 368 57.07 -1.60 21.48
C THR A 368 55.68 -1.13 21.04
N GLU A 369 55.17 -0.11 21.72
CA GLU A 369 53.83 0.39 21.46
C GLU A 369 53.75 1.07 20.08
N TRP A 370 54.79 1.82 19.73
CA TRP A 370 54.83 2.47 18.42
C TRP A 370 54.97 1.44 17.30
N ASP A 371 55.77 0.40 17.53
CA ASP A 371 55.92 -0.67 16.55
C ASP A 371 54.59 -1.36 16.30
N TRP A 372 53.87 -1.65 17.38
CA TRP A 372 52.58 -2.32 17.28
C TRP A 372 51.58 -1.48 16.49
N ILE A 373 51.59 -0.17 16.73
CA ILE A 373 50.72 0.74 16.00
C ILE A 373 51.08 0.73 14.52
N MET A 374 52.38 0.75 14.22
CA MET A 374 52.84 0.69 12.83
C MET A 374 52.33 -0.58 12.16
N ALA A 375 52.50 -1.71 12.84
CA ALA A 375 52.10 -3.00 12.28
C ALA A 375 50.61 -3.00 11.95
N LYS A 376 49.80 -2.44 12.84
CA LYS A 376 48.36 -2.40 12.64
C LYS A 376 47.99 -1.53 11.43
N LEU A 377 48.68 -0.41 11.27
CA LEU A 377 48.39 0.49 10.16
C LEU A 377 48.61 -0.21 8.81
N TRP A 378 49.64 -1.04 8.73
CA TRP A 378 49.95 -1.74 7.48
C TRP A 378 48.95 -2.85 7.20
N LEU A 379 48.36 -3.41 8.24
CA LEU A 379 47.32 -4.44 8.07
C LEU A 379 46.04 -3.80 7.53
N ARG A 380 45.68 -2.64 8.06
CA ARG A 380 44.50 -1.93 7.61
C ARG A 380 44.68 -1.42 6.18
N CYS A 381 45.88 -0.99 5.84
CA CYS A 381 46.15 -0.49 4.51
C CYS A 381 45.87 -1.57 3.47
N ALA A 382 46.32 -2.79 3.76
CA ALA A 382 46.06 -3.92 2.89
C ALA A 382 44.55 -4.14 2.75
N ASP A 383 43.84 -4.02 3.86
CA ASP A 383 42.39 -4.24 3.87
C ASP A 383 41.68 -3.20 3.02
N THR A 384 42.21 -1.98 3.02
CA THR A 384 41.64 -0.89 2.22
C THR A 384 41.71 -1.23 0.73
N GLN A 385 42.85 -1.76 0.30
CA GLN A 385 43.02 -2.15 -1.09
C GLN A 385 41.94 -3.16 -1.44
N TYR A 386 41.76 -4.14 -0.56
CA TYR A 386 40.78 -5.20 -0.75
C TYR A 386 39.37 -4.63 -0.79
N HIS A 387 39.05 -3.75 0.15
CA HIS A 387 37.70 -3.22 0.26
C HIS A 387 37.29 -2.41 -0.97
N GLN A 388 38.15 -1.48 -1.39
CA GLN A 388 37.83 -0.58 -2.48
C GLN A 388 37.63 -1.31 -3.80
N MET A 389 38.57 -2.18 -4.15
CA MET A 389 38.56 -2.81 -5.46
C MET A 389 37.72 -4.09 -5.53
N ILE A 390 37.78 -4.90 -4.48
CA ILE A 390 37.11 -6.20 -4.50
C ILE A 390 35.73 -6.15 -3.82
N THR A 391 35.70 -5.72 -2.56
CA THR A 391 34.46 -5.73 -1.80
C THR A 391 33.43 -4.76 -2.37
N HIS A 392 33.89 -3.59 -2.79
CA HIS A 392 32.97 -2.56 -3.26
C HIS A 392 32.77 -2.58 -4.77
N LEU A 393 33.80 -2.19 -5.52
CA LEU A 393 33.66 -2.04 -6.96
C LEU A 393 33.34 -3.36 -7.67
N LEU A 394 34.18 -4.37 -7.51
CA LEU A 394 33.97 -5.63 -8.20
C LEU A 394 32.70 -6.35 -7.74
N ARG A 395 32.66 -6.69 -6.46
CA ARG A 395 31.63 -7.61 -5.94
C ARG A 395 30.25 -6.98 -5.82
N CYS A 396 30.16 -5.65 -5.95
CA CYS A 396 28.86 -4.98 -5.96
C CYS A 396 28.57 -4.35 -7.32
N HIS A 397 29.36 -3.34 -7.68
CA HIS A 397 29.12 -2.60 -8.91
C HIS A 397 29.21 -3.49 -10.16
N LEU A 398 30.37 -4.08 -10.40
CA LEU A 398 30.61 -4.81 -11.64
C LEU A 398 29.87 -6.15 -11.72
N MET A 399 29.79 -6.87 -10.61
CA MET A 399 29.15 -8.19 -10.60
C MET A 399 27.63 -8.11 -10.77
N MET A 400 27.05 -6.96 -10.47
CA MET A 400 25.61 -6.80 -10.56
C MET A 400 25.15 -6.19 -11.88
N GLU A 401 26.05 -5.54 -12.60
CA GLU A 401 25.69 -4.85 -13.84
C GLU A 401 25.10 -5.80 -14.88
N PRO A 402 25.69 -7.00 -15.03
CA PRO A 402 25.19 -7.95 -16.03
C PRO A 402 23.70 -8.25 -15.93
N THR A 403 23.15 -8.21 -14.72
CA THR A 403 21.73 -8.52 -14.53
C THR A 403 20.87 -7.39 -15.09
N ALA A 404 21.39 -6.16 -15.05
CA ALA A 404 20.67 -5.02 -15.61
C ALA A 404 20.66 -5.11 -17.12
N VAL A 405 21.83 -5.43 -17.70
CA VAL A 405 21.96 -5.53 -19.15
C VAL A 405 21.10 -6.66 -19.70
N SER A 406 21.11 -7.80 -19.02
CA SER A 406 20.35 -8.96 -19.47
C SER A 406 18.85 -8.70 -19.38
N SER A 407 18.44 -7.90 -18.40
CA SER A 407 17.04 -7.55 -18.24
C SER A 407 16.52 -6.83 -19.48
N TRP A 408 17.29 -5.84 -19.95
CA TRP A 408 16.91 -5.06 -21.10
C TRP A 408 16.91 -5.88 -22.39
N ARG A 409 17.77 -6.89 -22.44
CA ARG A 409 17.97 -7.67 -23.66
C ARG A 409 17.00 -8.85 -23.81
N ASN A 410 16.43 -9.32 -22.71
CA ASN A 410 15.66 -10.56 -22.73
C ASN A 410 14.26 -10.48 -22.11
N LEU A 411 14.00 -9.44 -21.33
CA LEU A 411 12.71 -9.34 -20.64
C LEU A 411 11.90 -8.13 -21.13
N PRO A 412 10.62 -8.35 -21.43
CA PRO A 412 9.70 -7.25 -21.73
C PRO A 412 9.16 -6.64 -20.44
N SER A 413 8.77 -5.38 -20.48
CA SER A 413 8.34 -4.66 -19.29
C SER A 413 7.04 -5.20 -18.69
N VAL A 414 6.42 -6.16 -19.36
CA VAL A 414 5.19 -6.77 -18.85
C VAL A 414 5.50 -7.99 -17.99
N HIS A 415 6.75 -8.43 -18.01
CA HIS A 415 7.19 -9.59 -17.25
C HIS A 415 7.34 -9.24 -15.76
N PRO A 416 6.83 -10.10 -14.87
CA PRO A 416 6.86 -9.83 -13.42
C PRO A 416 8.27 -9.67 -12.84
N VAL A 417 9.22 -10.43 -13.35
CA VAL A 417 10.61 -10.34 -12.89
C VAL A 417 11.24 -9.01 -13.29
N TRP A 418 10.91 -8.51 -14.46
CA TRP A 418 11.38 -7.20 -14.89
C TRP A 418 10.90 -6.13 -13.91
N LYS A 419 9.64 -6.23 -13.50
CA LYS A 419 9.05 -5.29 -12.56
C LYS A 419 9.72 -5.42 -11.19
N LEU A 420 10.03 -6.66 -10.82
CA LEU A 420 10.64 -6.94 -9.53
C LEU A 420 12.02 -6.29 -9.41
N LEU A 421 12.85 -6.49 -10.43
CA LEU A 421 14.24 -6.06 -10.38
C LEU A 421 14.44 -4.59 -10.73
N TYR A 422 13.48 -4.01 -11.45
CA TYR A 422 13.67 -2.68 -12.00
C TYR A 422 14.17 -1.66 -10.97
N PRO A 423 13.47 -1.54 -9.82
CA PRO A 423 13.89 -0.54 -8.85
C PRO A 423 15.24 -0.82 -8.22
N HIS A 424 15.71 -2.06 -8.30
CA HIS A 424 16.96 -2.47 -7.65
C HIS A 424 18.16 -2.38 -8.57
N THR A 425 17.94 -2.41 -9.88
CA THR A 425 19.02 -2.33 -10.85
C THR A 425 19.10 -0.92 -11.43
N LYS A 426 18.26 -0.03 -10.95
CA LYS A 426 18.19 1.33 -11.46
C LYS A 426 19.47 2.09 -11.19
N GLY A 427 20.09 2.63 -12.25
CA GLY A 427 21.22 3.51 -12.11
C GLY A 427 22.58 2.85 -12.14
N ILE A 428 22.61 1.51 -12.15
CA ILE A 428 23.88 0.79 -12.08
C ILE A 428 24.69 0.93 -13.36
N MET A 429 24.02 0.96 -14.51
CA MET A 429 24.72 1.10 -15.78
C MET A 429 25.36 2.48 -15.91
N ALA A 430 24.62 3.51 -15.50
CA ALA A 430 25.14 4.87 -15.55
C ALA A 430 26.41 5.03 -14.72
N ILE A 431 26.34 4.64 -13.45
CA ILE A 431 27.46 4.83 -12.53
C ILE A 431 28.69 4.01 -12.93
N ASN A 432 28.46 2.80 -13.44
CA ASN A 432 29.56 1.94 -13.86
C ASN A 432 30.26 2.44 -15.12
N THR A 433 29.51 3.07 -16.01
CA THR A 433 30.08 3.66 -17.21
C THR A 433 30.99 4.81 -16.81
N LEU A 434 30.55 5.59 -15.84
CA LEU A 434 31.35 6.67 -15.30
C LEU A 434 32.58 6.09 -14.59
N GLY A 435 32.36 5.03 -13.82
CA GLY A 435 33.43 4.37 -13.10
C GLY A 435 34.52 3.88 -14.02
N ARG A 436 34.13 3.33 -15.16
CA ARG A 436 35.09 2.81 -16.13
C ARG A 436 35.97 3.91 -16.71
N ASN A 437 35.60 5.16 -16.50
CA ASN A 437 36.37 6.29 -17.01
C ASN A 437 37.04 7.12 -15.92
N ASP A 438 36.40 7.25 -14.77
CA ASP A 438 36.84 8.20 -13.74
C ASP A 438 37.21 7.57 -12.40
N LEU A 439 36.99 6.27 -12.24
CA LEU A 439 37.30 5.60 -10.98
C LEU A 439 38.38 4.53 -11.16
N ILE A 440 38.11 3.59 -12.06
CA ILE A 440 38.92 2.39 -12.18
C ILE A 440 40.22 2.60 -12.98
N PRO A 441 40.15 3.32 -14.10
CA PRO A 441 41.34 3.41 -14.96
C PRO A 441 42.46 4.26 -14.34
N THR A 442 43.61 4.27 -14.99
CA THR A 442 44.71 5.12 -14.55
C THR A 442 44.32 6.58 -14.74
N GLY A 443 44.57 7.38 -13.71
CA GLY A 443 44.14 8.77 -13.71
C GLY A 443 42.84 8.94 -12.95
N GLY A 444 42.21 7.82 -12.61
CA GLY A 444 40.96 7.85 -11.88
C GLY A 444 41.15 8.06 -10.39
N ALA A 445 40.04 8.12 -9.66
CA ALA A 445 40.08 8.36 -8.22
C ALA A 445 40.90 7.29 -7.49
N ALA A 446 40.57 6.03 -7.74
CA ALA A 446 41.28 4.92 -7.09
C ALA A 446 42.78 5.05 -7.34
N ASP A 447 43.14 5.42 -8.56
CA ASP A 447 44.54 5.54 -8.94
C ASP A 447 45.26 6.61 -8.12
N LYS A 448 44.52 7.60 -7.65
CA LYS A 448 45.11 8.73 -6.92
C LYS A 448 45.26 8.50 -5.41
N VAL A 449 44.56 7.50 -4.87
CA VAL A 449 44.54 7.32 -3.41
C VAL A 449 45.06 5.97 -2.94
N LEU A 450 45.02 4.96 -3.80
CA LEU A 450 45.46 3.63 -3.43
C LEU A 450 46.92 3.41 -3.76
N SER A 451 47.63 2.66 -2.92
CA SER A 451 49.03 2.37 -3.17
C SER A 451 49.19 1.38 -4.32
N ILE A 452 48.16 0.57 -4.56
CA ILE A 452 48.17 -0.33 -5.71
C ILE A 452 47.71 0.40 -6.97
N GLY A 453 47.51 1.72 -6.85
CA GLY A 453 47.22 2.54 -8.00
C GLY A 453 48.38 2.49 -8.97
N GLY A 454 48.14 2.86 -10.22
CA GLY A 454 49.14 2.79 -11.25
C GLY A 454 48.92 1.61 -12.18
N GLY A 455 47.82 0.90 -11.97
CA GLY A 455 47.46 -0.23 -12.81
C GLY A 455 47.06 -1.47 -12.02
N GLY A 456 47.60 -1.59 -10.80
CA GLY A 456 47.35 -2.75 -9.99
C GLY A 456 45.91 -2.88 -9.51
N GLN A 457 45.20 -1.76 -9.44
CA GLN A 457 43.83 -1.77 -8.93
C GLN A 457 42.92 -2.63 -9.82
N VAL A 458 43.18 -2.62 -11.12
CA VAL A 458 42.40 -3.44 -12.05
C VAL A 458 42.84 -4.89 -11.97
N THR A 459 44.15 -5.09 -11.83
CA THR A 459 44.71 -6.43 -11.74
C THR A 459 44.20 -7.17 -10.50
N LEU A 460 43.96 -6.43 -9.42
CA LEU A 460 43.44 -7.02 -8.19
C LEU A 460 42.03 -7.53 -8.40
N MET A 461 41.22 -6.77 -9.13
CA MET A 461 39.86 -7.18 -9.45
C MET A 461 39.87 -8.43 -10.32
N GLN A 462 40.71 -8.41 -11.35
CA GLN A 462 40.82 -9.53 -12.27
C GLN A 462 41.25 -10.79 -11.53
N LYS A 463 42.11 -10.63 -10.52
CA LYS A 463 42.63 -11.76 -9.78
C LYS A 463 41.54 -12.42 -8.93
N HIS A 464 40.66 -11.61 -8.37
CA HIS A 464 39.55 -12.12 -7.57
C HIS A 464 38.49 -12.76 -8.46
N TYR A 465 38.23 -12.13 -9.61
CA TYR A 465 37.19 -12.62 -10.52
C TYR A 465 37.53 -14.00 -11.04
N ARG A 466 38.79 -14.22 -11.40
CA ARG A 466 39.23 -15.51 -11.93
C ARG A 466 38.82 -16.68 -11.04
N SER A 467 38.64 -16.42 -9.74
CA SER A 467 38.34 -17.48 -8.79
C SER A 467 36.94 -17.38 -8.18
N VAL A 468 36.22 -16.31 -8.52
CA VAL A 468 34.92 -16.08 -7.87
C VAL A 468 33.82 -16.96 -8.45
N THR A 469 32.93 -17.40 -7.58
CA THR A 469 31.69 -18.07 -8.00
C THR A 469 30.55 -17.48 -7.20
N PHE A 470 29.32 -17.82 -7.58
CA PHE A 470 28.15 -17.28 -6.89
C PHE A 470 27.89 -17.95 -5.55
N ASP A 471 28.65 -18.98 -5.23
CA ASP A 471 28.56 -19.60 -3.91
C ASP A 471 28.96 -18.59 -2.84
N SER A 472 29.87 -17.69 -3.18
CA SER A 472 30.33 -16.68 -2.25
C SER A 472 29.30 -15.58 -2.05
N TYR A 473 28.19 -15.66 -2.78
CA TYR A 473 27.11 -14.69 -2.65
C TYR A 473 25.96 -15.23 -1.81
N ASP A 474 25.99 -16.53 -1.53
CA ASP A 474 25.04 -17.11 -0.59
C ASP A 474 25.45 -16.69 0.82
N LEU A 475 24.86 -15.60 1.29
CA LEU A 475 25.24 -15.01 2.57
C LEU A 475 25.28 -16.04 3.68
N VAL A 476 24.17 -16.75 3.85
CA VAL A 476 24.03 -17.69 4.96
C VAL A 476 25.16 -18.71 4.99
N LYS A 477 25.47 -19.31 3.84
CA LYS A 477 26.46 -20.36 3.77
C LYS A 477 27.89 -19.80 3.79
N ASP A 478 28.07 -18.57 3.33
CA ASP A 478 29.38 -17.94 3.34
C ASP A 478 29.80 -17.63 4.77
N LEU A 479 28.94 -16.93 5.51
CA LEU A 479 29.22 -16.62 6.91
C LEU A 479 29.43 -17.90 7.70
N ARG A 480 28.73 -18.96 7.32
CA ARG A 480 28.77 -20.22 8.06
C ARG A 480 30.07 -20.97 7.83
N GLN A 481 30.54 -21.02 6.58
CA GLN A 481 31.77 -21.73 6.26
C GLN A 481 32.99 -20.95 6.76
N ARG A 482 32.81 -19.66 7.00
CA ARG A 482 33.86 -18.83 7.59
C ARG A 482 33.87 -18.94 9.11
N GLY A 483 32.82 -19.54 9.68
CA GLY A 483 32.75 -19.75 11.11
C GLY A 483 32.60 -18.47 11.90
N VAL A 484 31.99 -17.45 11.30
CA VAL A 484 31.86 -16.14 11.93
C VAL A 484 30.40 -15.77 12.21
N ASP A 485 29.48 -16.65 11.85
CA ASP A 485 28.05 -16.34 11.96
C ASP A 485 27.56 -16.42 13.41
N GLY A 486 28.40 -16.92 14.32
CA GLY A 486 28.03 -17.04 15.71
C GLY A 486 28.53 -15.92 16.59
N LEU A 487 29.33 -15.02 16.03
CA LEU A 487 29.91 -13.91 16.80
C LEU A 487 28.84 -12.94 17.30
N ARG A 488 28.79 -12.76 18.62
CA ARG A 488 27.76 -11.94 19.26
C ARG A 488 27.80 -10.47 18.86
N LYS A 489 29.01 -9.92 18.70
CA LYS A 489 29.16 -8.49 18.42
C LYS A 489 29.55 -8.23 16.97
N PHE A 490 29.10 -9.12 16.09
CA PHE A 490 29.27 -8.96 14.66
C PHE A 490 27.96 -8.40 14.10
N TYR A 491 27.79 -7.08 14.24
CA TYR A 491 26.51 -6.44 13.98
C TYR A 491 26.09 -6.49 12.52
N TYR A 492 27.07 -6.37 11.62
CA TYR A 492 26.78 -6.51 10.19
C TYR A 492 26.12 -7.86 9.91
N LYS A 493 26.64 -8.90 10.53
CA LYS A 493 26.16 -10.26 10.30
C LYS A 493 24.72 -10.42 10.77
N ASP A 494 24.42 -9.91 11.96
CA ASP A 494 23.07 -10.02 12.52
C ASP A 494 22.05 -9.30 11.65
N ASP A 495 22.39 -8.08 11.22
CA ASP A 495 21.46 -7.26 10.45
C ASP A 495 21.32 -7.77 9.02
N ALA A 496 22.45 -8.15 8.41
CA ALA A 496 22.44 -8.66 7.04
C ALA A 496 21.62 -9.94 6.93
N LEU A 497 21.63 -10.76 7.98
CA LEU A 497 20.92 -12.03 7.97
C LEU A 497 19.41 -11.82 8.12
N LEU A 498 19.01 -10.77 8.85
CA LEU A 498 17.61 -10.43 8.96
C LEU A 498 17.08 -9.95 7.62
N LEU A 499 17.85 -9.09 6.96
CA LEU A 499 17.44 -8.50 5.69
C LEU A 499 17.41 -9.55 4.58
N TRP A 500 18.40 -10.44 4.58
CA TRP A 500 18.46 -11.51 3.60
C TRP A 500 17.21 -12.36 3.65
N ASN A 501 16.83 -12.78 4.86
CA ASN A 501 15.66 -13.64 5.05
C ASN A 501 14.36 -12.92 4.73
N VAL A 502 14.32 -11.62 5.01
CA VAL A 502 13.13 -10.82 4.72
C VAL A 502 13.00 -10.56 3.23
N ILE A 503 14.12 -10.36 2.55
CA ILE A 503 14.13 -10.16 1.11
C ILE A 503 13.83 -11.47 0.38
N HIS A 504 14.33 -12.58 0.93
CA HIS A 504 14.08 -13.88 0.35
C HIS A 504 12.59 -14.20 0.40
N GLN A 505 11.95 -13.82 1.50
CA GLN A 505 10.52 -14.04 1.66
C GLN A 505 9.73 -13.22 0.64
N PHE A 506 10.13 -11.97 0.44
CA PHE A 506 9.46 -11.09 -0.50
C PHE A 506 9.55 -11.62 -1.93
N VAL A 507 10.76 -11.98 -2.35
CA VAL A 507 10.98 -12.50 -3.69
C VAL A 507 10.18 -13.78 -3.90
N GLN A 508 10.12 -14.61 -2.88
CA GLN A 508 9.37 -15.87 -2.95
C GLN A 508 7.88 -15.61 -3.12
N ASP A 509 7.37 -14.62 -2.37
CA ASP A 509 5.96 -14.26 -2.45
C ASP A 509 5.60 -13.81 -3.86
N ILE A 510 6.41 -12.92 -4.43
CA ILE A 510 6.17 -12.41 -5.76
C ILE A 510 6.20 -13.52 -6.79
N ILE A 511 7.23 -14.35 -6.73
CA ILE A 511 7.42 -15.42 -7.70
C ILE A 511 6.29 -16.46 -7.65
N GLN A 512 5.79 -16.73 -6.44
CA GLN A 512 4.74 -17.73 -6.29
C GLN A 512 3.36 -17.19 -6.68
N ILE A 513 3.28 -15.89 -6.91
CA ILE A 513 2.05 -15.28 -7.42
C ILE A 513 1.87 -15.59 -8.91
N TYR A 514 2.98 -15.65 -9.64
CA TYR A 514 2.95 -15.81 -11.09
C TYR A 514 3.36 -17.20 -11.55
N TYR A 515 4.27 -17.84 -10.81
CA TYR A 515 4.71 -19.19 -11.14
C TYR A 515 4.05 -20.18 -10.20
N ASN A 516 3.08 -20.94 -10.72
CA ASN A 516 2.32 -21.87 -9.90
C ASN A 516 3.10 -23.14 -9.59
N ASP A 517 4.10 -23.44 -10.41
CA ASP A 517 4.89 -24.65 -10.23
C ASP A 517 6.20 -24.57 -11.01
N ASP A 518 7.05 -25.58 -10.84
CA ASP A 518 8.36 -25.59 -11.47
C ASP A 518 8.26 -25.62 -13.00
N ASP A 519 7.18 -26.19 -13.50
CA ASP A 519 6.97 -26.26 -14.95
C ASP A 519 6.73 -24.85 -15.48
N SER A 520 6.06 -24.02 -14.70
CA SER A 520 5.82 -22.63 -15.07
C SER A 520 7.14 -21.93 -15.33
N VAL A 521 8.19 -22.34 -14.62
CA VAL A 521 9.50 -21.73 -14.74
C VAL A 521 10.24 -22.26 -15.97
N LYS A 522 10.16 -23.57 -16.20
CA LYS A 522 10.80 -24.18 -17.35
C LYS A 522 10.28 -23.59 -18.64
N LYS A 523 8.96 -23.40 -18.73
CA LYS A 523 8.31 -23.02 -19.98
C LYS A 523 8.24 -21.51 -20.19
N ASP A 524 8.84 -20.75 -19.28
CA ASP A 524 8.93 -19.31 -19.45
C ASP A 524 10.16 -19.01 -20.29
N ASN A 525 9.99 -19.00 -21.61
CA ASN A 525 11.09 -18.83 -22.53
C ASN A 525 11.88 -17.54 -22.28
N GLU A 526 11.24 -16.55 -21.69
CA GLU A 526 11.85 -15.24 -21.51
C GLU A 526 12.83 -15.20 -20.34
N ILE A 527 12.51 -15.87 -19.24
CA ILE A 527 13.43 -15.93 -18.10
C ILE A 527 14.60 -16.84 -18.44
N GLN A 528 14.35 -17.81 -19.33
CA GLN A 528 15.40 -18.73 -19.76
C GLN A 528 16.40 -18.01 -20.65
N ASP A 529 15.91 -17.06 -21.45
CA ASP A 529 16.78 -16.23 -22.26
C ASP A 529 17.62 -15.34 -21.34
N TRP A 530 16.97 -14.82 -20.31
CA TRP A 530 17.62 -13.96 -19.33
C TRP A 530 18.81 -14.65 -18.68
N ILE A 531 18.57 -15.81 -18.08
CA ILE A 531 19.61 -16.51 -17.34
C ILE A 531 20.67 -17.09 -18.26
N ARG A 532 20.27 -17.44 -19.48
CA ARG A 532 21.21 -17.98 -20.46
C ARG A 532 22.17 -16.90 -20.95
N ASP A 533 21.66 -15.67 -21.05
CA ASP A 533 22.49 -14.55 -21.50
C ASP A 533 23.51 -14.19 -20.42
N LEU A 534 23.12 -14.36 -19.17
CA LEU A 534 24.03 -14.11 -18.05
C LEU A 534 25.13 -15.16 -17.99
N HIS A 535 24.75 -16.43 -18.16
CA HIS A 535 25.70 -17.52 -18.08
C HIS A 535 26.76 -17.44 -19.17
N GLU A 536 26.36 -16.95 -20.35
CA GLU A 536 27.25 -16.94 -21.50
C GLU A 536 28.06 -15.65 -21.61
N ASN A 537 27.39 -14.51 -21.44
CA ASN A 537 28.05 -13.21 -21.63
C ASN A 537 28.19 -12.41 -20.34
N GLY A 538 27.28 -12.60 -19.40
CA GLY A 538 27.29 -11.85 -18.16
C GLY A 538 28.47 -12.19 -17.25
N TYR A 539 28.82 -13.47 -17.20
CA TYR A 539 29.85 -13.93 -16.28
C TYR A 539 30.76 -14.98 -16.92
N PRO A 540 31.60 -14.54 -17.87
CA PRO A 540 32.57 -15.46 -18.50
C PRO A 540 33.49 -16.09 -17.45
N ALA A 541 33.84 -17.36 -17.66
CA ALA A 541 34.59 -18.13 -16.68
C ALA A 541 35.89 -17.45 -16.28
N GLY A 542 36.56 -16.80 -17.24
CA GLY A 542 37.84 -16.18 -16.99
C GLY A 542 38.99 -17.06 -17.45
N SER A 543 40.21 -16.57 -17.28
CA SER A 543 41.38 -17.23 -17.86
C SER A 543 41.87 -18.43 -17.06
N ASP A 544 41.21 -18.73 -15.94
CA ASP A 544 41.52 -19.95 -15.18
C ASP A 544 40.47 -21.04 -15.46
N GLY A 545 39.44 -20.67 -16.21
CA GLY A 545 38.39 -21.63 -16.55
C GLY A 545 37.47 -21.92 -15.39
N THR A 546 37.50 -21.07 -14.37
CA THR A 546 36.68 -21.28 -13.18
C THR A 546 35.23 -20.88 -13.44
N ASP A 547 34.37 -21.89 -13.57
CA ASP A 547 32.94 -21.65 -13.77
C ASP A 547 32.37 -20.85 -12.61
N LYS A 548 31.54 -19.86 -12.93
CA LYS A 548 31.01 -18.94 -11.94
C LYS A 548 29.76 -19.48 -11.26
N LYS A 549 29.34 -20.67 -11.67
CA LYS A 549 28.18 -21.34 -11.08
C LYS A 549 26.88 -20.54 -11.26
N VAL A 550 26.77 -19.85 -12.40
CA VAL A 550 25.50 -19.26 -12.80
C VAL A 550 24.74 -20.32 -13.60
N PRO A 551 23.47 -20.56 -13.24
CA PRO A 551 22.72 -21.64 -13.89
C PRO A 551 22.64 -21.47 -15.41
N LYS A 552 22.63 -22.59 -16.13
CA LYS A 552 22.42 -22.56 -17.58
C LYS A 552 20.93 -22.36 -17.85
N SER A 553 20.10 -22.76 -16.89
CA SER A 553 18.66 -22.59 -16.98
C SER A 553 18.04 -22.70 -15.61
N PHE A 554 16.82 -22.19 -15.46
CA PHE A 554 16.08 -22.31 -14.22
C PHE A 554 15.12 -23.50 -14.32
N GLU A 555 15.35 -24.52 -13.51
CA GLU A 555 14.57 -25.75 -13.59
C GLU A 555 13.45 -25.79 -12.55
N ASN A 556 13.51 -24.92 -11.56
CA ASN A 556 12.47 -24.85 -10.54
C ASN A 556 12.34 -23.45 -9.96
N ARG A 557 11.34 -23.26 -9.10
CA ARG A 557 11.06 -21.94 -8.54
C ARG A 557 12.09 -21.54 -7.49
N GLU A 558 12.62 -22.54 -6.77
CA GLU A 558 13.56 -22.28 -5.69
C GLU A 558 14.88 -21.69 -6.23
N GLU A 559 15.37 -22.25 -7.32
CA GLU A 559 16.56 -21.73 -7.97
C GLU A 559 16.35 -20.28 -8.39
N LEU A 560 15.16 -20.01 -8.94
CA LEU A 560 14.84 -18.67 -9.42
C LEU A 560 14.79 -17.67 -8.26
N VAL A 561 14.16 -18.06 -7.16
CA VAL A 561 14.03 -17.19 -6.00
C VAL A 561 15.41 -16.87 -5.42
N HIS A 562 16.25 -17.89 -5.26
CA HIS A 562 17.56 -17.69 -4.68
C HIS A 562 18.38 -16.68 -5.49
N PHE A 563 18.49 -16.92 -6.79
CA PHE A 563 19.29 -16.07 -7.66
C PHE A 563 18.82 -14.63 -7.59
N LEU A 564 17.51 -14.43 -7.54
CA LEU A 564 16.94 -13.07 -7.49
C LEU A 564 17.15 -12.45 -6.12
N THR A 565 17.13 -13.27 -5.08
CA THR A 565 17.39 -12.80 -3.72
C THR A 565 18.81 -12.23 -3.65
N VAL A 566 19.75 -12.94 -4.26
CA VAL A 566 21.14 -12.49 -4.32
C VAL A 566 21.23 -11.10 -4.96
N VAL A 567 20.52 -10.91 -6.06
CA VAL A 567 20.60 -9.65 -6.79
C VAL A 567 20.02 -8.49 -5.98
N VAL A 568 18.82 -8.69 -5.44
CA VAL A 568 18.15 -7.64 -4.68
C VAL A 568 18.94 -7.29 -3.43
N PHE A 569 19.50 -8.30 -2.78
CA PHE A 569 20.27 -8.09 -1.55
C PHE A 569 21.57 -7.34 -1.82
N THR A 570 22.24 -7.71 -2.90
CA THR A 570 23.53 -7.12 -3.23
C THR A 570 23.40 -5.68 -3.73
N CYS A 571 22.35 -5.42 -4.50
CA CYS A 571 22.13 -4.09 -5.06
C CYS A 571 21.68 -3.09 -4.00
N SER A 572 21.06 -3.60 -2.93
CA SER A 572 20.54 -2.74 -1.88
C SER A 572 21.39 -2.79 -0.61
N CYS A 573 21.31 -3.90 0.13
CA CYS A 573 21.92 -3.99 1.45
C CYS A 573 23.45 -4.05 1.40
N GLN A 574 24.00 -5.03 0.68
CA GLN A 574 25.44 -5.22 0.65
C GLN A 574 26.14 -3.93 0.23
N HIS A 575 25.70 -3.33 -0.87
CA HIS A 575 26.31 -2.10 -1.35
C HIS A 575 26.24 -1.02 -0.28
N ALA A 576 25.10 -0.91 0.39
CA ALA A 576 24.91 0.10 1.43
C ALA A 576 25.90 -0.10 2.56
N ALA A 577 26.10 -1.36 2.95
CA ALA A 577 26.95 -1.68 4.10
C ALA A 577 28.41 -1.33 3.84
N VAL A 578 28.86 -1.54 2.62
CA VAL A 578 30.27 -1.34 2.28
C VAL A 578 30.52 -0.02 1.55
N ASN A 579 29.47 0.77 1.35
CA ASN A 579 29.60 2.03 0.60
C ASN A 579 29.36 3.26 1.48
N PHE A 580 28.17 3.35 2.08
CA PHE A 580 27.80 4.55 2.83
C PHE A 580 28.40 4.57 4.23
N SER A 581 29.12 3.51 4.58
CA SER A 581 29.84 3.46 5.84
C SER A 581 31.27 3.96 5.68
N GLN A 582 31.60 4.40 4.47
CA GLN A 582 32.98 4.74 4.12
C GLN A 582 33.50 6.00 4.82
N MET A 583 32.62 6.91 5.20
CA MET A 583 33.06 8.13 5.85
C MET A 583 33.42 7.85 7.30
N ALA A 584 32.65 6.97 7.94
CA ALA A 584 32.94 6.54 9.30
C ALA A 584 34.27 5.77 9.34
N THR A 585 34.60 5.13 8.22
CA THR A 585 35.78 4.27 8.16
C THR A 585 37.02 5.02 7.69
N TYR A 586 36.87 5.84 6.66
CA TYR A 586 38.01 6.54 6.05
C TYR A 586 38.06 8.02 6.41
N GLY A 587 37.02 8.53 7.06
CA GLY A 587 36.97 9.92 7.45
C GLY A 587 38.25 10.31 8.18
N PHE A 588 38.59 9.53 9.21
CA PHE A 588 39.85 9.69 9.92
C PHE A 588 40.87 8.72 9.31
N HIS A 589 41.76 9.25 8.49
CA HIS A 589 42.63 8.44 7.63
C HIS A 589 43.36 7.31 8.36
N PRO A 590 43.94 7.60 9.54
CA PRO A 590 44.71 6.58 10.25
C PRO A 590 43.91 5.32 10.59
N ASN A 591 42.59 5.43 10.65
CA ASN A 591 41.74 4.28 10.96
C ASN A 591 41.76 3.24 9.84
N SER A 592 42.07 3.70 8.63
CA SER A 592 42.14 2.81 7.47
C SER A 592 42.92 3.47 6.34
N PRO A 593 44.26 3.43 6.43
CA PRO A 593 45.15 4.06 5.44
C PRO A 593 44.89 3.56 4.02
N THR A 594 44.96 4.45 3.04
CA THR A 594 44.75 4.09 1.65
C THR A 594 46.05 3.79 0.94
N LEU A 595 47.13 4.42 1.40
CA LEU A 595 48.44 4.19 0.81
C LEU A 595 49.55 4.38 1.84
N MET A 596 50.75 3.90 1.50
CA MET A 596 51.93 4.15 2.30
C MET A 596 53.02 4.71 1.38
N ARG A 597 53.70 5.75 1.83
CA ARG A 597 54.71 6.43 1.02
C ARG A 597 56.11 5.91 1.29
N GLN A 598 56.24 5.06 2.31
CA GLN A 598 57.52 4.46 2.63
C GLN A 598 57.35 2.95 2.77
N PRO A 599 58.41 2.18 2.49
CA PRO A 599 58.32 0.74 2.69
C PRO A 599 58.16 0.42 4.18
N PRO A 600 57.67 -0.79 4.49
CA PRO A 600 57.47 -1.18 5.89
C PRO A 600 58.79 -1.30 6.63
N PRO A 601 58.75 -1.36 7.96
CA PRO A 601 59.98 -1.51 8.75
C PRO A 601 60.59 -2.89 8.57
N THR A 602 61.91 -2.98 8.67
CA THR A 602 62.61 -4.25 8.56
C THR A 602 63.18 -4.70 9.90
N GLU A 603 63.18 -3.79 10.87
CA GLU A 603 63.72 -4.07 12.19
C GLU A 603 62.78 -3.61 13.30
N LYS A 604 62.99 -4.12 14.50
CA LYS A 604 62.21 -3.71 15.66
C LYS A 604 62.76 -2.41 16.23
N GLY A 605 61.93 -1.72 17.01
CA GLY A 605 62.37 -0.55 17.75
C GLY A 605 62.63 0.71 16.93
N LYS A 606 62.33 0.66 15.64
CA LYS A 606 62.60 1.80 14.76
C LYS A 606 61.42 2.77 14.67
N SER A 607 60.25 2.33 15.12
CA SER A 607 59.03 3.12 14.94
C SER A 607 58.84 4.21 16.00
N ASN A 608 58.32 5.34 15.54
CA ASN A 608 57.93 6.43 16.43
C ASN A 608 56.94 7.32 15.69
N HIS A 609 56.49 8.39 16.34
CA HIS A 609 55.44 9.24 15.77
C HIS A 609 55.81 9.79 14.40
N LYS A 610 56.97 10.44 14.31
CA LYS A 610 57.39 11.09 13.07
C LYS A 610 57.64 10.10 11.93
N VAL A 611 58.15 8.92 12.27
CA VAL A 611 58.38 7.89 11.27
C VAL A 611 57.06 7.47 10.66
N ILE A 612 56.05 7.31 11.50
CA ILE A 612 54.72 6.92 11.06
C ILE A 612 54.10 7.98 10.16
N MET A 613 54.29 9.25 10.52
CA MET A 613 53.76 10.35 9.71
C MET A 613 54.39 10.38 8.33
N ALA A 614 55.57 9.81 8.20
CA ALA A 614 56.28 9.80 6.92
C ALA A 614 55.74 8.70 6.00
N SER A 615 55.13 7.68 6.58
CA SER A 615 54.54 6.59 5.81
C SER A 615 53.12 6.94 5.38
N LEU A 616 52.35 7.50 6.31
CA LEU A 616 50.96 7.84 6.03
C LEU A 616 50.86 8.88 4.91
N ALA A 617 49.69 8.94 4.28
CA ALA A 617 49.44 9.84 3.17
C ALA A 617 49.84 11.27 3.53
N ASN A 618 50.29 12.02 2.53
CA ASN A 618 50.60 13.43 2.72
C ASN A 618 49.30 14.23 2.70
N LYS A 619 49.42 15.55 2.80
CA LYS A 619 48.23 16.40 2.92
C LYS A 619 47.34 16.35 1.68
N HIS A 620 47.92 16.54 0.51
CA HIS A 620 47.14 16.51 -0.74
C HIS A 620 46.44 15.16 -0.92
N GLN A 621 47.17 14.08 -0.64
CA GLN A 621 46.64 12.74 -0.82
C GLN A 621 45.46 12.47 0.12
N ALA A 622 45.59 12.94 1.35
CA ALA A 622 44.55 12.71 2.36
C ALA A 622 43.26 13.46 2.01
N VAL A 623 43.41 14.68 1.51
CA VAL A 623 42.24 15.46 1.10
C VAL A 623 41.56 14.80 -0.08
N THR A 624 42.35 14.27 -1.01
CA THR A 624 41.82 13.59 -2.18
C THR A 624 40.90 12.45 -1.77
N MET A 625 41.30 11.70 -0.74
CA MET A 625 40.51 10.57 -0.28
C MET A 625 39.19 11.03 0.32
N VAL A 626 39.24 12.09 1.11
CA VAL A 626 38.04 12.62 1.75
C VAL A 626 37.06 13.17 0.71
N SER A 627 37.60 13.80 -0.33
CA SER A 627 36.77 14.32 -1.41
C SER A 627 36.06 13.16 -2.13
N VAL A 628 36.80 12.07 -2.34
CA VAL A 628 36.25 10.90 -3.00
C VAL A 628 35.19 10.21 -2.14
N VAL A 629 35.55 9.89 -0.91
CA VAL A 629 34.64 9.22 0.01
C VAL A 629 33.37 10.05 0.22
N ASN A 630 33.53 11.37 0.25
CA ASN A 630 32.39 12.26 0.39
C ASN A 630 31.47 12.16 -0.82
N ALA A 631 32.06 11.93 -1.98
CA ALA A 631 31.31 11.79 -3.22
C ALA A 631 30.61 10.42 -3.29
N LEU A 632 31.35 9.36 -2.96
CA LEU A 632 30.81 8.01 -3.02
C LEU A 632 29.60 7.83 -2.09
N THR A 633 29.53 8.63 -1.04
CA THR A 633 28.44 8.53 -0.08
C THR A 633 27.34 9.56 -0.34
N THR A 634 27.27 10.06 -1.57
CA THR A 634 26.26 11.04 -1.94
C THR A 634 24.87 10.42 -1.98
N ILE A 635 23.95 10.96 -1.20
CA ILE A 635 22.55 10.54 -1.23
C ILE A 635 21.66 11.73 -1.60
N TYR A 636 21.05 11.65 -2.78
CA TYR A 636 20.17 12.72 -3.24
C TYR A 636 18.82 12.66 -2.54
N PRO A 637 18.16 13.82 -2.40
CA PRO A 637 16.87 13.90 -1.69
C PRO A 637 15.78 13.02 -2.31
N THR A 638 15.97 12.64 -3.58
CA THR A 638 14.98 11.86 -4.29
C THR A 638 15.14 10.36 -4.06
N GLU A 639 16.30 9.96 -3.53
CA GLU A 639 16.63 8.55 -3.34
C GLU A 639 15.47 7.80 -2.68
N LYS A 640 15.24 6.58 -3.17
CA LYS A 640 14.20 5.71 -2.62
C LYS A 640 14.86 4.54 -1.88
N PHE A 641 14.54 4.42 -0.60
CA PHE A 641 15.19 3.43 0.24
C PHE A 641 14.45 2.09 0.24
N LEU A 642 15.07 1.08 0.84
CA LEU A 642 14.59 -0.30 0.71
C LEU A 642 13.13 -0.44 1.07
N GLY A 643 12.35 -0.95 0.11
CA GLY A 643 10.93 -1.20 0.33
C GLY A 643 10.05 -0.07 -0.19
N ASP A 644 10.62 1.12 -0.32
CA ASP A 644 9.88 2.27 -0.83
C ASP A 644 9.79 2.20 -2.35
N TYR A 645 8.70 1.63 -2.84
CA TYR A 645 8.48 1.48 -4.28
C TYR A 645 7.48 2.49 -4.79
N ALA A 646 7.86 3.76 -4.80
CA ALA A 646 6.97 4.83 -5.24
C ALA A 646 6.71 4.74 -6.75
N ASP A 647 7.75 4.37 -7.50
CA ASP A 647 7.62 4.21 -8.95
C ASP A 647 7.23 2.78 -9.29
N ASN A 648 6.27 2.24 -8.56
CA ASN A 648 5.87 0.85 -8.69
C ASN A 648 5.31 0.50 -10.08
N LEU A 649 5.81 -0.58 -10.65
CA LEU A 649 5.36 -1.04 -11.96
C LEU A 649 4.29 -2.11 -11.85
N PHE A 650 4.11 -2.67 -10.66
CA PHE A 650 3.11 -3.72 -10.44
C PHE A 650 1.70 -3.15 -10.39
N GLY A 651 0.79 -3.78 -11.13
CA GLY A 651 -0.61 -3.41 -11.09
C GLY A 651 -1.44 -4.40 -10.30
N ASP A 652 -0.97 -5.64 -10.25
CA ASP A 652 -1.69 -6.71 -9.56
C ASP A 652 -1.78 -6.43 -8.08
N ALA A 653 -2.99 -6.50 -7.52
CA ALA A 653 -3.22 -6.22 -6.11
C ALA A 653 -2.51 -7.24 -5.22
N ALA A 654 -2.25 -8.42 -5.76
CA ALA A 654 -1.55 -9.46 -5.00
C ALA A 654 -0.09 -9.07 -4.80
N ALA A 655 0.49 -8.41 -5.79
CA ALA A 655 1.86 -7.92 -5.70
C ALA A 655 1.97 -6.84 -4.62
N HIS A 656 0.98 -5.95 -4.60
CA HIS A 656 0.94 -4.88 -3.61
C HIS A 656 0.88 -5.44 -2.20
N ALA A 657 0.16 -6.54 -2.03
CA ALA A 657 0.05 -7.19 -0.73
C ALA A 657 1.41 -7.73 -0.30
N ALA A 658 2.14 -8.31 -1.26
CA ALA A 658 3.47 -8.85 -0.99
C ALA A 658 4.43 -7.73 -0.60
N MET A 659 4.37 -6.63 -1.35
CA MET A 659 5.22 -5.47 -1.10
C MET A 659 4.91 -4.84 0.26
N ALA A 660 3.65 -4.82 0.64
CA ALA A 660 3.25 -4.21 1.92
C ALA A 660 3.75 -5.07 3.09
N LYS A 661 3.67 -6.39 2.93
CA LYS A 661 4.16 -7.32 3.93
C LYS A 661 5.67 -7.14 4.07
N PHE A 662 6.32 -6.90 2.94
CA PHE A 662 7.76 -6.63 2.90
C PHE A 662 8.08 -5.41 3.76
N LYS A 663 7.39 -4.31 3.52
CA LYS A 663 7.61 -3.08 4.27
C LYS A 663 7.35 -3.27 5.75
N SER A 664 6.41 -4.14 6.09
CA SER A 664 6.07 -4.40 7.49
C SER A 664 7.18 -5.20 8.15
N ASN A 665 7.78 -6.13 7.42
CA ASN A 665 8.89 -6.92 7.94
C ASN A 665 10.13 -6.06 8.12
N LEU A 666 10.31 -5.09 7.23
CA LEU A 666 11.43 -4.15 7.32
C LEU A 666 11.27 -3.25 8.54
N ALA A 667 10.04 -2.79 8.76
CA ALA A 667 9.74 -1.93 9.89
C ALA A 667 10.08 -2.63 11.20
N ASN A 668 9.93 -3.95 11.22
CA ASN A 668 10.24 -4.73 12.41
C ASN A 668 11.74 -4.89 12.61
N ILE A 669 12.46 -5.00 11.50
CA ILE A 669 13.91 -5.07 11.54
C ILE A 669 14.49 -3.74 12.02
N THR A 670 13.95 -2.65 11.50
CA THR A 670 14.34 -1.32 11.95
C THR A 670 14.22 -1.21 13.46
N LYS A 671 13.12 -1.73 14.00
CA LYS A 671 12.86 -1.67 15.42
C LYS A 671 13.87 -2.50 16.22
N GLN A 672 14.24 -3.67 15.70
CA GLN A 672 15.24 -4.51 16.36
C GLN A 672 16.59 -3.80 16.42
N ILE A 673 17.05 -3.33 15.27
CA ILE A 673 18.35 -2.66 15.18
C ILE A 673 18.40 -1.46 16.11
N THR A 674 17.30 -0.73 16.20
CA THR A 674 17.23 0.45 17.06
C THR A 674 17.37 0.07 18.52
N GLU A 675 16.69 -0.99 18.93
CA GLU A 675 16.73 -1.43 20.31
C GLU A 675 18.12 -1.93 20.71
N ARG A 676 18.80 -2.59 19.78
CA ARG A 676 20.16 -3.06 20.03
C ARG A 676 21.12 -1.88 20.12
N ASN A 677 20.93 -0.91 19.24
CA ASN A 677 21.81 0.26 19.19
C ASN A 677 21.60 1.21 20.35
N GLN A 678 20.61 0.91 21.19
CA GLN A 678 20.28 1.80 22.30
C GLN A 678 21.43 1.96 23.28
N GLY A 679 21.85 3.20 23.49
CA GLY A 679 22.86 3.51 24.49
C GLY A 679 24.29 3.32 24.02
N MET A 680 24.47 3.01 22.74
CA MET A 680 25.81 2.83 22.20
C MET A 680 26.43 4.16 21.79
N VAL A 681 27.75 4.25 21.87
CA VAL A 681 28.47 5.44 21.43
C VAL A 681 28.58 5.46 19.92
N SER A 682 28.92 4.31 19.35
CA SER A 682 29.05 4.16 17.90
C SER A 682 28.18 3.01 17.41
N PRO A 683 26.86 3.26 17.28
CA PRO A 683 25.93 2.21 16.82
C PRO A 683 26.17 1.84 15.36
N TYR A 684 25.92 0.58 15.03
CA TYR A 684 25.98 0.13 13.65
C TYR A 684 24.65 0.44 12.97
N THR A 685 24.65 1.36 12.02
CA THR A 685 23.42 1.93 11.49
C THR A 685 23.31 1.80 9.97
N TRP A 686 24.25 1.10 9.34
CA TRP A 686 24.35 1.11 7.90
C TRP A 686 23.39 0.15 7.21
N LEU A 687 22.73 -0.71 7.98
CA LEU A 687 21.77 -1.64 7.42
C LEU A 687 20.36 -1.42 7.98
N ILE A 688 20.14 -0.25 8.58
CA ILE A 688 18.79 0.17 8.90
C ILE A 688 18.06 0.39 7.58
N PRO A 689 16.95 -0.36 7.36
CA PRO A 689 16.25 -0.33 6.07
C PRO A 689 16.02 1.07 5.53
N GLY A 690 15.65 2.00 6.41
CA GLY A 690 15.41 3.37 6.00
C GLY A 690 16.66 4.10 5.51
N HIS A 691 17.82 3.50 5.74
CA HIS A 691 19.08 4.08 5.30
C HIS A 691 19.67 3.35 4.09
N VAL A 692 19.01 2.26 3.67
CA VAL A 692 19.53 1.43 2.59
C VAL A 692 18.84 1.73 1.26
N PRO A 693 19.56 2.34 0.31
CA PRO A 693 18.96 2.59 -1.01
C PRO A 693 18.53 1.31 -1.69
N ASN A 694 17.60 1.41 -2.63
CA ASN A 694 17.10 0.24 -3.35
C ASN A 694 18.11 -0.32 -4.35
N SER A 695 18.98 0.55 -4.86
CA SER A 695 19.91 0.14 -5.92
C SER A 695 21.32 0.68 -5.73
N ILE A 696 22.18 0.36 -6.68
CA ILE A 696 23.54 0.88 -6.74
C ILE A 696 23.55 2.05 -7.73
N ALA A 697 23.36 3.26 -7.23
CA ALA A 697 23.34 4.44 -8.08
C ALA A 697 24.49 5.38 -7.76
N ILE A 698 25.44 4.92 -6.96
CA ILE A 698 26.55 5.77 -6.56
C ILE A 698 27.72 4.92 -6.05
N HIS B 19 20.16 25.37 17.40
CA HIS B 19 18.78 25.03 17.84
C HIS B 19 18.24 23.84 17.05
N MET B 20 16.93 23.61 17.13
CA MET B 20 16.31 22.49 16.45
C MET B 20 15.56 22.92 15.19
N LYS B 21 15.98 22.40 14.05
CA LYS B 21 15.33 22.68 12.78
C LYS B 21 14.14 21.75 12.52
N TYR B 22 13.04 22.31 12.06
CA TYR B 22 11.84 21.55 11.74
C TYR B 22 11.35 21.86 10.33
N LYS B 23 11.24 20.83 9.50
CA LYS B 23 10.68 20.99 8.17
C LYS B 23 9.23 20.49 8.14
N ILE B 24 8.29 21.41 8.35
CA ILE B 24 6.88 21.07 8.45
C ILE B 24 6.20 21.17 7.08
N THR B 25 5.65 20.05 6.61
CA THR B 25 4.94 20.01 5.34
C THR B 25 3.46 19.72 5.58
N VAL B 26 2.61 20.61 5.06
CA VAL B 26 1.17 20.46 5.24
C VAL B 26 0.49 20.13 3.92
N GLU B 27 -0.23 19.00 3.91
CA GLU B 27 -1.00 18.61 2.74
C GLU B 27 -2.47 18.95 2.96
N THR B 28 -3.00 19.83 2.12
CA THR B 28 -4.41 20.22 2.21
C THR B 28 -5.30 19.11 1.66
N GLY B 29 -6.41 18.85 2.34
CA GLY B 29 -7.35 17.84 1.89
C GLY B 29 -8.12 18.27 0.66
N ASP B 30 -9.08 17.46 0.25
CA ASP B 30 -9.84 17.74 -0.97
C ASP B 30 -11.03 18.65 -0.72
N LEU B 31 -11.35 18.90 0.54
CA LEU B 31 -12.43 19.83 0.88
C LEU B 31 -11.89 21.25 0.95
N ARG B 32 -12.79 22.22 0.80
CA ARG B 32 -12.40 23.62 0.73
C ARG B 32 -13.53 24.51 1.26
N GLY B 33 -13.29 25.15 2.39
CA GLY B 33 -14.26 26.05 2.98
C GLY B 33 -14.27 27.38 2.26
N ALA B 34 -15.05 28.32 2.78
CA ALA B 34 -15.10 29.66 2.20
C ALA B 34 -14.17 30.59 2.96
N GLY B 35 -13.55 31.53 2.26
CA GLY B 35 -12.64 32.48 2.86
C GLY B 35 -11.30 32.52 2.16
N THR B 36 -10.31 33.10 2.81
CA THR B 36 -8.98 33.25 2.22
C THR B 36 -7.88 32.91 3.22
N ASP B 37 -7.83 33.66 4.32
CA ASP B 37 -6.76 33.49 5.30
C ASP B 37 -6.94 32.21 6.10
N ALA B 38 -6.28 31.14 5.65
CA ALA B 38 -6.36 29.85 6.32
C ALA B 38 -5.12 29.59 7.17
N SER B 39 -4.46 30.67 7.59
CA SER B 39 -3.25 30.57 8.39
C SER B 39 -3.55 30.00 9.78
N VAL B 40 -2.63 29.17 10.28
CA VAL B 40 -2.77 28.58 11.61
C VAL B 40 -1.42 28.56 12.31
N SER B 41 -1.43 28.14 13.57
CA SER B 41 -0.19 27.98 14.32
C SER B 41 -0.04 26.52 14.73
N ILE B 42 1.19 26.03 14.77
CA ILE B 42 1.46 24.64 15.08
C ILE B 42 2.47 24.47 16.22
N LYS B 43 2.02 23.88 17.33
CA LYS B 43 2.88 23.60 18.46
C LYS B 43 3.20 22.11 18.54
N LEU B 44 4.48 21.78 18.38
CA LEU B 44 4.92 20.40 18.44
C LEU B 44 5.05 19.95 19.89
N THR B 45 4.93 18.65 20.12
CA THR B 45 5.09 18.09 21.46
C THR B 45 5.84 16.76 21.40
N GLY B 46 6.92 16.66 22.15
CA GLY B 46 7.74 15.47 22.15
C GLY B 46 7.14 14.35 22.97
N LYS B 47 7.64 13.14 22.76
CA LYS B 47 7.13 11.96 23.47
C LYS B 47 7.27 12.12 24.99
N ASP B 48 8.27 12.89 25.41
CA ASP B 48 8.54 13.05 26.84
C ASP B 48 8.05 14.38 27.39
N GLY B 49 7.15 15.03 26.66
CA GLY B 49 6.50 16.23 27.16
C GLY B 49 7.10 17.54 26.67
N ALA B 50 8.33 17.49 26.18
CA ALA B 50 9.01 18.68 25.70
C ALA B 50 8.27 19.28 24.51
N GLU B 51 7.63 20.43 24.73
CA GLU B 51 6.87 21.08 23.66
C GLU B 51 7.53 22.40 23.24
N THR B 52 7.29 22.79 21.98
CA THR B 52 7.91 23.98 21.41
C THR B 52 6.97 25.17 21.53
N SER B 53 7.24 26.21 20.75
CA SER B 53 6.38 27.39 20.73
C SER B 53 5.55 27.42 19.45
N ALA B 54 4.39 28.07 19.52
CA ALA B 54 3.45 28.10 18.40
C ALA B 54 4.04 28.78 17.17
N PHE B 55 4.49 27.97 16.22
CA PHE B 55 4.92 28.49 14.92
C PHE B 55 3.72 29.10 14.22
N SER B 56 3.98 29.84 13.14
CA SER B 56 2.90 30.46 12.37
C SER B 56 2.92 30.01 10.92
N LEU B 57 1.95 29.16 10.56
CA LEU B 57 1.82 28.66 9.20
C LEU B 57 0.90 29.56 8.40
N ASP B 58 1.46 30.24 7.41
CA ASP B 58 0.68 31.14 6.56
C ASP B 58 0.12 30.40 5.36
N LYS B 59 -1.21 30.36 5.26
CA LYS B 59 -1.87 29.72 4.14
C LYS B 59 -2.90 30.66 3.54
N TYR B 60 -2.77 30.92 2.24
CA TYR B 60 -3.70 31.80 1.53
C TYR B 60 -4.24 31.11 0.29
N PHE B 61 -5.56 31.16 0.12
CA PHE B 61 -6.20 30.54 -1.03
C PHE B 61 -6.40 31.55 -2.15
N HIS B 62 -5.78 31.29 -3.30
CA HIS B 62 -5.86 32.18 -4.44
C HIS B 62 -7.30 32.32 -4.92
N ASN B 63 -7.85 31.25 -5.48
CA ASN B 63 -9.23 31.24 -5.94
C ASN B 63 -10.10 30.36 -5.04
N ASP B 64 -11.37 30.24 -5.36
CA ASP B 64 -12.31 29.48 -4.55
C ASP B 64 -12.31 27.99 -4.90
N PHE B 65 -12.10 27.69 -6.17
CA PHE B 65 -12.17 26.31 -6.65
C PHE B 65 -11.00 25.45 -6.18
N GLU B 66 -9.80 26.05 -6.10
CA GLU B 66 -8.59 25.29 -5.79
C GLU B 66 -8.71 24.52 -4.48
N SER B 67 -8.41 23.23 -4.53
CA SER B 67 -8.40 22.39 -3.35
C SER B 67 -7.24 21.40 -3.43
N GLY B 68 -6.60 21.15 -2.29
CA GLY B 68 -5.44 20.27 -2.26
C GLY B 68 -4.15 21.07 -2.33
N GLY B 69 -3.06 20.39 -2.66
CA GLY B 69 -1.77 21.03 -2.78
C GLY B 69 -0.92 20.87 -1.52
N THR B 70 0.33 21.30 -1.61
CA THR B 70 1.27 21.17 -0.49
C THR B 70 1.90 22.52 -0.14
N ASP B 71 2.19 22.70 1.15
CA ASP B 71 2.93 23.86 1.61
C ASP B 71 4.01 23.41 2.58
N THR B 72 5.26 23.73 2.25
CA THR B 72 6.39 23.32 3.07
C THR B 72 6.95 24.51 3.84
N TYR B 73 7.26 24.29 5.11
CA TYR B 73 7.76 25.35 5.98
C TYR B 73 9.03 24.92 6.71
N ASP B 74 10.05 25.77 6.66
CA ASP B 74 11.27 25.55 7.44
C ASP B 74 11.15 26.34 8.74
N GLN B 75 11.52 25.71 9.85
CA GLN B 75 11.34 26.33 11.16
C GLN B 75 12.48 26.01 12.13
N SER B 76 12.47 26.68 13.27
CA SER B 76 13.47 26.45 14.31
C SER B 76 12.88 26.75 15.69
N GLY B 77 13.17 25.89 16.66
CA GLY B 77 12.66 26.06 18.00
C GLY B 77 13.22 25.07 19.00
N VAL B 78 12.65 25.05 20.20
CA VAL B 78 13.09 24.15 21.25
C VAL B 78 12.98 22.70 20.80
N ASP B 79 14.06 21.93 20.96
CA ASP B 79 14.06 20.53 20.59
C ASP B 79 13.14 19.74 21.50
N VAL B 80 12.43 18.77 20.92
CA VAL B 80 11.47 17.96 21.67
C VAL B 80 11.79 16.46 21.60
N GLY B 81 12.67 16.07 20.68
CA GLY B 81 13.02 14.67 20.52
C GLY B 81 12.13 14.00 19.48
N GLU B 82 11.36 13.01 19.92
CA GLU B 82 10.38 12.38 19.04
C GLU B 82 9.03 13.05 19.21
N ILE B 83 8.45 13.50 18.11
CA ILE B 83 7.18 14.20 18.15
C ILE B 83 6.03 13.20 18.27
N ALA B 84 5.29 13.29 19.37
CA ALA B 84 4.18 12.38 19.63
C ALA B 84 2.87 12.94 19.10
N MET B 85 2.76 14.27 19.09
CA MET B 85 1.54 14.91 18.63
C MET B 85 1.80 16.37 18.27
N ILE B 86 0.84 16.98 17.58
CA ILE B 86 0.92 18.39 17.22
C ILE B 86 -0.40 19.06 17.59
N THR B 87 -0.34 20.38 17.80
CA THR B 87 -1.55 21.15 18.11
C THR B 87 -1.71 22.27 17.10
N LEU B 88 -2.92 22.42 16.59
CA LEU B 88 -3.21 23.41 15.56
C LEU B 88 -4.26 24.40 16.04
N LYS B 89 -4.03 25.68 15.76
CA LYS B 89 -4.93 26.73 16.23
C LYS B 89 -5.11 27.78 15.13
N GLU B 90 -6.34 28.23 14.94
CA GLU B 90 -6.62 29.25 13.94
C GLU B 90 -5.77 30.48 14.22
N ASN B 91 -5.01 30.89 13.21
CA ASN B 91 -4.10 32.02 13.34
C ASN B 91 -4.45 33.11 12.34
N GLY B 92 -5.57 32.95 11.67
CA GLY B 92 -5.99 33.88 10.64
C GLY B 92 -6.50 35.19 11.19
N PHE B 93 -6.24 36.26 10.45
CA PHE B 93 -6.68 37.60 10.85
C PHE B 93 -7.97 38.00 10.13
N GLY B 94 -7.85 38.31 8.84
CA GLY B 94 -8.98 38.78 8.06
C GLY B 94 -9.59 37.72 7.17
N LEU B 95 -10.92 37.59 7.25
CA LEU B 95 -11.66 36.63 6.44
C LEU B 95 -11.05 35.23 6.60
N LYS B 96 -10.92 34.79 7.84
CA LYS B 96 -10.33 33.50 8.16
C LYS B 96 -11.12 32.35 7.53
N SER B 97 -10.41 31.46 6.84
CA SER B 97 -11.02 30.30 6.22
C SER B 97 -10.61 29.03 6.97
N ASP B 98 -11.58 28.19 7.28
CA ASP B 98 -11.30 26.92 7.94
C ASP B 98 -10.44 26.05 7.03
N TRP B 99 -9.28 25.65 7.52
CA TRP B 99 -8.35 24.83 6.76
C TRP B 99 -8.64 23.35 6.97
N TYR B 100 -9.01 22.66 5.89
CA TYR B 100 -9.20 21.22 5.95
C TYR B 100 -7.90 20.53 5.56
N ILE B 101 -7.24 19.92 6.55
CA ILE B 101 -5.91 19.36 6.36
C ILE B 101 -5.95 17.83 6.27
N ALA B 102 -5.35 17.30 5.21
CA ALA B 102 -5.25 15.86 5.03
C ALA B 102 -4.30 15.28 6.08
N LYS B 103 -3.04 15.70 6.03
CA LYS B 103 -2.06 15.27 7.01
C LYS B 103 -0.87 16.23 7.07
N VAL B 104 -0.11 16.12 8.15
CA VAL B 104 1.08 16.96 8.33
C VAL B 104 2.32 16.08 8.44
N ILE B 105 3.39 16.49 7.79
CA ILE B 105 4.65 15.76 7.80
C ILE B 105 5.76 16.64 8.34
N ILE B 106 6.34 16.25 9.46
CA ILE B 106 7.41 17.03 10.08
C ILE B 106 8.72 16.27 10.06
N GLU B 107 9.67 16.76 9.26
CA GLU B 107 10.99 16.15 9.19
C GLU B 107 11.98 16.90 10.08
N LYS B 108 12.74 16.14 10.86
CA LYS B 108 13.72 16.71 11.78
C LYS B 108 14.89 15.75 11.96
N ILE B 109 15.75 16.04 12.93
CA ILE B 109 16.88 15.18 13.23
C ILE B 109 17.08 15.03 14.74
N ASP B 110 17.24 13.79 15.19
CA ASP B 110 17.46 13.51 16.60
C ASP B 110 18.91 13.79 16.98
N GLU B 111 19.11 14.79 17.83
CA GLU B 111 20.46 15.19 18.23
C GLU B 111 21.22 14.01 18.82
N ALA B 112 20.48 13.02 19.31
CA ALA B 112 21.09 11.83 19.91
C ALA B 112 21.86 11.00 18.89
N THR B 113 21.39 10.98 17.64
CA THR B 113 22.05 10.21 16.60
C THR B 113 22.00 10.88 15.23
N GLY B 114 21.68 12.17 15.20
CA GLY B 114 21.64 12.94 13.97
C GLY B 114 21.16 12.19 12.74
N PHE B 115 19.91 11.75 12.77
CA PHE B 115 19.28 11.11 11.61
C PHE B 115 18.03 11.88 11.20
N SER B 116 17.79 11.95 9.89
CA SER B 116 16.59 12.60 9.37
C SER B 116 15.38 11.68 9.54
N ASN B 117 14.43 12.10 10.38
CA ASN B 117 13.25 11.29 10.66
C ASN B 117 11.95 12.06 10.39
N LYS B 118 11.03 11.40 9.69
CA LYS B 118 9.75 12.00 9.36
C LYS B 118 8.66 11.52 10.32
N TYR B 119 7.82 12.45 10.77
CA TYR B 119 6.70 12.13 11.65
C TYR B 119 5.39 12.48 10.97
N ILE B 120 4.67 11.47 10.50
CA ILE B 120 3.42 11.67 9.78
C ILE B 120 2.27 11.82 10.76
N PHE B 121 1.41 12.81 10.50
CA PHE B 121 0.26 13.06 11.36
C PHE B 121 -1.04 13.03 10.55
N PRO B 122 -1.65 11.84 10.44
CA PRO B 122 -2.92 11.68 9.70
C PRO B 122 -4.02 12.50 10.36
N CYS B 123 -4.62 13.43 9.63
CA CYS B 123 -5.56 14.37 10.22
C CYS B 123 -6.96 14.24 9.61
N TYR B 124 -7.16 14.82 8.43
CA TYR B 124 -8.45 14.78 7.76
C TYR B 124 -9.54 15.42 8.63
N ARG B 125 -9.26 16.64 9.09
CA ARG B 125 -10.19 17.39 9.91
C ARG B 125 -10.13 18.87 9.54
N TRP B 126 -11.18 19.61 9.86
CA TRP B 126 -11.14 21.06 9.80
C TRP B 126 -10.54 21.57 11.11
N VAL B 127 -9.65 22.57 11.02
CA VAL B 127 -9.03 23.12 12.23
C VAL B 127 -10.07 23.87 13.06
N ILE B 128 -10.84 24.73 12.41
CA ILE B 128 -11.84 25.55 13.11
C ILE B 128 -11.19 26.35 14.24
N LYS B 129 -11.26 25.83 15.47
CA LYS B 129 -10.66 26.50 16.62
C LYS B 129 -9.30 25.87 16.93
N GLN B 130 -9.30 24.77 17.68
CA GLN B 130 -8.06 24.12 18.11
C GLN B 130 -8.15 22.61 17.91
N LEU B 131 -7.17 22.07 17.20
CA LEU B 131 -7.17 20.65 16.87
C LEU B 131 -5.84 19.99 17.23
N VAL B 132 -5.91 18.92 18.01
CA VAL B 132 -4.72 18.16 18.39
C VAL B 132 -4.67 16.84 17.62
N VAL B 133 -3.54 16.58 16.98
CA VAL B 133 -3.39 15.40 16.13
C VAL B 133 -2.22 14.53 16.60
N TYR B 134 -2.50 13.27 16.89
CA TYR B 134 -1.47 12.32 17.29
C TYR B 134 -0.64 11.90 16.09
N GLU B 135 0.48 11.24 16.35
CA GLU B 135 1.28 10.65 15.30
C GLU B 135 0.62 9.33 14.87
N GLY B 136 0.85 8.94 13.62
CA GLY B 136 0.18 7.79 13.03
C GLY B 136 -0.01 6.60 13.94
N LYS B 137 1.07 6.17 14.59
CA LYS B 137 1.06 5.00 15.47
C LYS B 137 -0.22 4.92 16.31
N ALA B 138 -0.89 3.77 16.27
CA ALA B 138 -2.07 3.54 17.09
C ALA B 138 -1.67 2.98 18.44
N ILE B 139 -2.31 3.48 19.51
CA ILE B 139 -1.89 3.16 20.87
C ILE B 139 -3.08 2.91 21.78
N LEU B 140 -3.14 1.72 22.36
CA LEU B 140 -4.16 1.38 23.34
C LEU B 140 -3.88 2.11 24.65
N PRO B 141 -4.93 2.39 25.44
CA PRO B 141 -4.74 3.07 26.71
C PRO B 141 -3.97 2.22 27.71
N ASN B 142 -4.17 0.90 27.63
CA ASN B 142 -3.47 -0.03 28.50
C ASN B 142 -2.17 -0.54 27.87
N SER B 143 -1.63 0.23 26.93
CA SER B 143 -0.39 -0.14 26.26
C SER B 143 0.82 0.32 27.07
N LYS B 144 2.00 0.06 26.54
CA LYS B 144 3.25 0.54 27.15
C LYS B 144 3.69 1.85 26.47
N ASP B 145 3.18 2.09 25.28
CA ASP B 145 3.48 3.31 24.54
C ASP B 145 2.55 4.46 24.93
N ASN B 146 1.57 4.17 25.79
CA ASN B 146 0.64 5.18 26.27
C ASN B 146 1.28 6.02 27.36
N VAL B 147 2.33 6.75 27.01
CA VAL B 147 3.09 7.55 27.97
C VAL B 147 2.23 8.70 28.51
N LYS B 148 2.76 9.41 29.50
CA LYS B 148 1.99 10.41 30.24
C LYS B 148 1.35 11.45 29.33
N THR B 149 2.14 12.02 28.42
CA THR B 149 1.63 13.07 27.54
C THR B 149 0.47 12.55 26.68
N ILE B 150 0.60 11.32 26.19
CA ILE B 150 -0.47 10.70 25.41
C ILE B 150 -1.68 10.43 26.31
N ALA B 151 -1.43 9.80 27.44
CA ALA B 151 -2.49 9.38 28.36
C ALA B 151 -3.33 10.55 28.85
N GLU B 152 -2.70 11.70 29.03
CA GLU B 152 -3.41 12.89 29.52
C GLU B 152 -4.21 13.55 28.40
N GLN B 153 -3.69 13.47 27.18
CA GLN B 153 -4.34 14.09 26.04
C GLN B 153 -5.60 13.34 25.63
N ARG B 154 -5.48 12.02 25.45
CA ARG B 154 -6.60 11.19 25.01
C ARG B 154 -7.79 11.31 25.94
N THR B 155 -7.54 11.58 27.22
CA THR B 155 -8.61 11.74 28.18
C THR B 155 -9.34 13.06 27.94
N LYS B 156 -8.58 14.09 27.56
CA LYS B 156 -9.13 15.40 27.28
C LYS B 156 -9.90 15.40 25.96
N GLU B 157 -9.33 14.76 24.95
CA GLU B 157 -9.95 14.69 23.63
C GLU B 157 -11.35 14.10 23.75
N VAL B 158 -11.44 12.91 24.33
CA VAL B 158 -12.71 12.23 24.52
C VAL B 158 -13.68 13.07 25.35
N SER B 159 -13.15 13.77 26.35
CA SER B 159 -13.96 14.59 27.23
C SER B 159 -14.57 15.76 26.45
N GLU B 160 -13.77 16.35 25.57
CA GLU B 160 -14.24 17.45 24.72
C GLU B 160 -15.31 16.97 23.76
N ASN B 161 -15.07 15.81 23.14
CA ASN B 161 -16.00 15.27 22.15
C ASN B 161 -17.37 14.94 22.73
N LYS B 162 -17.41 14.45 23.96
CA LYS B 162 -18.67 14.12 24.61
C LYS B 162 -19.61 15.32 24.66
N LYS B 163 -19.04 16.52 24.61
CA LYS B 163 -19.83 17.75 24.69
C LYS B 163 -20.45 18.10 23.34
N LEU B 164 -19.85 17.61 22.26
CA LEU B 164 -20.33 17.91 20.92
C LEU B 164 -21.27 16.82 20.40
N TYR B 165 -21.06 15.59 20.85
CA TYR B 165 -21.83 14.45 20.36
C TYR B 165 -22.65 13.80 21.46
N LYS B 166 -23.86 14.32 21.68
CA LYS B 166 -24.76 13.81 22.69
C LYS B 166 -25.79 12.88 22.08
N TRP B 167 -26.46 12.08 22.91
CA TRP B 167 -27.55 11.25 22.45
C TRP B 167 -28.82 12.08 22.31
N GLY B 168 -29.38 12.10 21.10
CA GLY B 168 -30.57 12.89 20.82
C GLY B 168 -31.78 12.50 21.65
N THR B 169 -32.66 13.47 21.87
CA THR B 169 -33.89 13.24 22.61
C THR B 169 -35.12 13.71 21.83
N ASP B 170 -34.95 13.96 20.54
CA ASP B 170 -36.05 14.33 19.66
C ASP B 170 -37.23 13.40 19.92
N PRO B 171 -38.33 13.93 20.48
CA PRO B 171 -39.47 13.09 20.88
C PRO B 171 -40.03 12.22 19.75
N ARG B 172 -39.87 12.68 18.51
CA ARG B 172 -40.36 11.92 17.37
C ARG B 172 -39.72 10.53 17.28
N TYR B 173 -38.51 10.39 17.81
CA TYR B 173 -37.70 9.19 17.58
C TYR B 173 -37.12 8.55 18.84
N VAL B 174 -37.61 8.91 20.01
CA VAL B 174 -37.07 8.37 21.26
C VAL B 174 -37.67 7.01 21.63
N GLN B 175 -38.78 6.64 21.00
CA GLN B 175 -39.50 5.43 21.40
C GLN B 175 -39.32 4.28 20.40
N ASP B 176 -38.90 3.13 20.91
CA ASP B 176 -38.77 1.92 20.12
C ASP B 176 -37.89 2.10 18.87
N LEU B 177 -36.77 2.79 19.06
CA LEU B 177 -35.80 2.98 17.97
C LEU B 177 -34.39 3.04 18.54
N PRO B 178 -33.38 2.83 17.69
CA PRO B 178 -31.98 2.95 18.13
C PRO B 178 -31.67 4.38 18.55
N GLY B 179 -30.63 4.55 19.38
CA GLY B 179 -30.19 5.87 19.75
C GLY B 179 -29.69 6.61 18.54
N PHE B 180 -29.57 7.93 18.65
CA PHE B 180 -29.10 8.75 17.54
C PHE B 180 -28.41 10.01 18.06
N VAL B 181 -27.68 10.68 17.18
CA VAL B 181 -26.97 11.90 17.56
C VAL B 181 -27.95 13.04 17.77
N ASP B 182 -27.60 13.97 18.65
CA ASP B 182 -28.41 15.14 18.90
C ASP B 182 -28.05 16.24 17.91
N ALA B 183 -28.94 16.49 16.95
CA ALA B 183 -28.74 17.52 15.95
C ALA B 183 -30.06 17.88 15.31
N GLU B 184 -30.35 19.18 15.22
CA GLU B 184 -31.61 19.64 14.67
C GLU B 184 -31.59 19.58 13.14
N GLU B 185 -30.43 19.87 12.56
CA GLU B 185 -30.26 19.83 11.12
C GLU B 185 -28.84 19.40 10.76
N PRO B 186 -28.60 19.04 9.49
CA PRO B 186 -27.24 18.67 9.08
C PRO B 186 -26.22 19.77 9.39
N LYS B 187 -26.65 21.03 9.33
CA LYS B 187 -25.76 22.16 9.56
C LYS B 187 -25.41 22.32 11.04
N SER B 188 -26.29 21.89 11.93
CA SER B 188 -26.05 22.02 13.36
C SER B 188 -25.08 20.97 13.89
N LEU B 189 -24.58 20.13 12.99
CA LEU B 189 -23.58 19.13 13.36
C LEU B 189 -22.17 19.74 13.29
N PRO B 190 -21.24 19.16 14.05
CA PRO B 190 -19.83 19.56 13.94
C PRO B 190 -19.36 19.44 12.48
N LYS B 191 -18.56 20.40 12.03
CA LYS B 191 -18.14 20.44 10.63
C LYS B 191 -17.48 19.14 10.19
N ASP B 192 -16.82 18.46 11.12
CA ASP B 192 -16.07 17.25 10.80
C ASP B 192 -16.96 16.09 10.33
N VAL B 193 -18.24 16.13 10.68
CA VAL B 193 -19.15 15.06 10.31
C VAL B 193 -20.32 15.55 9.44
N GLN B 194 -20.14 16.70 8.81
CA GLN B 194 -21.15 17.25 7.92
C GLN B 194 -21.03 16.65 6.52
N PHE B 195 -21.98 16.97 5.66
CA PHE B 195 -21.94 16.53 4.28
C PHE B 195 -20.70 17.08 3.59
N THR B 196 -20.01 16.24 2.84
CA THR B 196 -18.82 16.66 2.10
C THR B 196 -19.22 17.32 0.79
N ASP B 197 -20.52 17.39 0.52
CA ASP B 197 -21.03 18.06 -0.66
C ASP B 197 -22.32 18.80 -0.29
N GLU B 198 -22.36 20.09 -0.60
CA GLU B 198 -23.46 20.94 -0.16
C GLU B 198 -24.77 20.61 -0.89
N ALA B 199 -24.66 20.01 -2.07
CA ALA B 199 -25.84 19.66 -2.85
C ALA B 199 -26.66 18.57 -2.17
N THR B 200 -26.00 17.76 -1.36
CA THR B 200 -26.64 16.63 -0.70
C THR B 200 -27.84 17.03 0.14
N SER B 201 -27.71 18.14 0.86
CA SER B 201 -28.74 18.58 1.80
C SER B 201 -30.10 18.80 1.13
N SER B 202 -30.10 19.06 -0.17
CA SER B 202 -31.34 19.33 -0.90
C SER B 202 -31.59 18.31 -1.99
N LEU B 203 -31.49 17.04 -1.64
CA LEU B 203 -31.58 15.95 -2.63
C LEU B 203 -32.91 15.20 -2.55
N PHE B 204 -33.55 15.22 -1.38
CA PHE B 204 -34.78 14.47 -1.17
C PHE B 204 -36.02 15.34 -1.27
N ARG B 205 -35.84 16.58 -1.69
CA ARG B 205 -36.98 17.44 -1.99
C ARG B 205 -37.49 17.06 -3.37
N VAL B 206 -38.79 16.84 -3.49
CA VAL B 206 -39.36 16.38 -4.75
C VAL B 206 -40.34 17.40 -5.30
N GLY B 207 -39.84 18.59 -5.62
CA GLY B 207 -40.66 19.64 -6.17
C GLY B 207 -40.66 19.64 -7.68
N LEU B 208 -41.24 20.68 -8.27
CA LEU B 208 -41.34 20.80 -9.72
C LEU B 208 -39.97 20.75 -10.38
N ALA B 209 -39.00 21.40 -9.77
CA ALA B 209 -37.66 21.49 -10.35
C ALA B 209 -36.98 20.11 -10.40
N ASP B 210 -37.36 19.24 -9.47
CA ASP B 210 -36.79 17.90 -9.42
C ASP B 210 -37.43 17.02 -10.50
N PHE B 211 -38.72 17.24 -10.76
CA PHE B 211 -39.38 16.63 -11.89
C PHE B 211 -38.70 17.08 -13.17
N ALA B 212 -38.37 18.37 -13.22
CA ALA B 212 -37.80 18.97 -14.41
C ALA B 212 -36.38 18.46 -14.67
N ASN B 213 -35.65 18.14 -13.62
CA ASN B 213 -34.30 17.60 -13.77
C ASN B 213 -34.30 16.28 -14.52
N LEU B 214 -35.41 15.53 -14.39
CA LEU B 214 -35.54 14.25 -15.06
C LEU B 214 -36.26 14.40 -16.40
N GLY B 215 -36.68 15.62 -16.72
CA GLY B 215 -37.37 15.89 -17.97
C GLY B 215 -38.81 15.41 -17.93
N LEU B 216 -39.41 15.47 -16.75
CA LEU B 216 -40.77 14.95 -16.56
C LEU B 216 -41.68 15.96 -15.86
N SER B 217 -41.34 17.24 -15.94
CA SER B 217 -42.11 18.26 -15.25
C SER B 217 -43.52 18.39 -15.79
N HIS B 218 -43.75 17.88 -17.00
CA HIS B 218 -45.09 17.91 -17.60
C HIS B 218 -46.04 16.96 -16.89
N LEU B 219 -45.50 16.12 -16.01
CA LEU B 219 -46.31 15.18 -15.25
C LEU B 219 -46.52 15.62 -13.81
N PHE B 220 -46.02 16.80 -13.47
CA PHE B 220 -46.17 17.31 -12.11
C PHE B 220 -47.61 17.73 -11.84
N GLY B 221 -48.18 17.19 -10.77
CA GLY B 221 -49.54 17.51 -10.38
C GLY B 221 -50.58 16.73 -11.17
N ILE B 222 -50.12 15.80 -12.00
CA ILE B 222 -51.02 15.01 -12.83
C ILE B 222 -51.40 13.71 -12.11
N TRP B 223 -52.66 13.61 -11.69
CA TRP B 223 -53.12 12.49 -10.89
C TRP B 223 -53.89 11.46 -11.73
N ASP B 224 -53.61 11.42 -13.02
CA ASP B 224 -54.27 10.48 -13.92
C ASP B 224 -53.63 9.10 -13.83
N ASP B 225 -54.39 8.09 -14.23
CA ASP B 225 -53.86 6.74 -14.36
C ASP B 225 -52.89 6.71 -15.52
N TRP B 226 -52.00 5.72 -15.50
CA TRP B 226 -51.22 5.40 -16.69
C TRP B 226 -52.13 4.59 -17.61
N ASP B 227 -52.03 4.83 -18.92
CA ASP B 227 -52.89 4.16 -19.87
C ASP B 227 -52.67 2.65 -19.85
N CYS B 228 -51.41 2.24 -19.80
CA CYS B 228 -51.07 0.83 -19.75
C CYS B 228 -49.75 0.59 -19.04
N LEU B 229 -49.46 -0.66 -18.73
CA LEU B 229 -48.30 -1.05 -17.95
C LEU B 229 -46.99 -0.65 -18.62
N GLU B 230 -46.98 -0.65 -19.96
CA GLU B 230 -45.77 -0.37 -20.71
C GLU B 230 -45.38 1.10 -20.67
N ASP B 231 -46.32 1.96 -20.29
CA ASP B 231 -46.07 3.40 -20.28
C ASP B 231 -45.17 3.83 -19.11
N PHE B 232 -44.98 2.95 -18.14
CA PHE B 232 -44.07 3.24 -17.03
C PHE B 232 -42.64 3.42 -17.54
N ARG B 233 -42.36 2.89 -18.72
CA ARG B 233 -41.03 3.03 -19.32
C ARG B 233 -40.74 4.48 -19.70
N GLN B 234 -41.77 5.33 -19.68
CA GLN B 234 -41.61 6.74 -19.99
C GLN B 234 -40.77 7.45 -18.93
N LEU B 235 -40.75 6.89 -17.73
CA LEU B 235 -40.06 7.51 -16.61
C LEU B 235 -38.54 7.37 -16.73
N ILE B 236 -38.09 6.50 -17.61
CA ILE B 236 -36.65 6.30 -17.82
C ILE B 236 -36.16 7.16 -18.97
N THR B 237 -35.83 8.41 -18.66
CA THR B 237 -35.30 9.35 -19.63
C THR B 237 -33.79 9.28 -19.65
N PRO B 238 -33.14 9.99 -20.59
CA PRO B 238 -31.68 10.03 -20.61
C PRO B 238 -31.10 10.58 -19.30
N ALA B 239 -31.92 11.25 -18.50
CA ALA B 239 -31.50 11.76 -17.20
C ALA B 239 -31.17 10.60 -16.28
N ILE B 240 -31.81 9.46 -16.49
CA ILE B 240 -31.50 8.24 -15.76
C ILE B 240 -30.39 7.50 -16.50
N LYS B 241 -29.18 7.61 -15.98
CA LYS B 241 -27.99 7.17 -16.71
C LYS B 241 -27.82 5.65 -16.72
N SER B 242 -28.43 4.97 -15.75
CA SER B 242 -28.36 3.51 -15.72
C SER B 242 -29.19 2.89 -16.85
N GLY B 243 -30.11 3.68 -17.41
CA GLY B 243 -30.91 3.24 -18.53
C GLY B 243 -32.13 2.44 -18.12
N LEU B 244 -32.72 1.74 -19.07
CA LEU B 244 -33.93 0.94 -18.83
C LEU B 244 -33.60 -0.30 -18.02
N PRO B 245 -34.24 -0.45 -16.84
CA PRO B 245 -34.02 -1.65 -16.03
C PRO B 245 -34.41 -2.92 -16.79
N HIS B 246 -33.71 -4.01 -16.55
CA HIS B 246 -34.05 -5.28 -17.17
C HIS B 246 -35.45 -5.72 -16.74
N ALA B 247 -35.87 -5.28 -15.56
CA ALA B 247 -37.21 -5.59 -15.06
C ALA B 247 -38.27 -5.27 -16.11
N ALA B 248 -38.07 -4.17 -16.83
CA ALA B 248 -39.02 -3.75 -17.85
C ALA B 248 -39.28 -4.86 -18.87
N GLU B 249 -38.31 -5.75 -19.02
CA GLU B 249 -38.37 -6.78 -20.05
C GLU B 249 -38.76 -8.15 -19.49
N TYR B 250 -38.72 -8.31 -18.18
CA TYR B 250 -38.91 -9.63 -17.56
C TYR B 250 -39.96 -9.67 -16.45
N TRP B 251 -40.42 -8.52 -15.98
CA TRP B 251 -41.19 -8.44 -14.74
C TRP B 251 -42.41 -9.38 -14.69
N ARG B 252 -42.98 -9.70 -15.84
CA ARG B 252 -44.18 -10.55 -15.89
C ARG B 252 -43.85 -12.02 -15.66
N ASP B 253 -42.59 -12.39 -15.89
CA ASP B 253 -42.16 -13.80 -15.81
C ASP B 253 -42.10 -14.28 -14.36
N ASP B 254 -42.78 -15.39 -14.09
CA ASP B 254 -42.79 -15.98 -12.75
C ASP B 254 -41.37 -16.30 -12.26
N VAL B 255 -40.50 -16.67 -13.17
CA VAL B 255 -39.12 -16.99 -12.81
C VAL B 255 -38.39 -15.73 -12.36
N TRP B 256 -38.56 -14.65 -13.12
CA TRP B 256 -37.98 -13.37 -12.75
C TRP B 256 -38.57 -12.90 -11.43
N PHE B 257 -39.89 -13.03 -11.30
CA PHE B 257 -40.59 -12.61 -10.10
C PHE B 257 -40.00 -13.25 -8.86
N GLY B 258 -39.87 -14.58 -8.88
CA GLY B 258 -39.30 -15.30 -7.77
C GLY B 258 -37.89 -14.84 -7.44
N SER B 259 -37.09 -14.59 -8.48
CA SER B 259 -35.69 -14.21 -8.29
C SER B 259 -35.54 -12.82 -7.67
N GLN B 260 -36.60 -12.01 -7.73
CA GLN B 260 -36.56 -10.67 -7.16
C GLN B 260 -36.55 -10.70 -5.63
N PHE B 261 -36.95 -11.83 -5.06
CA PHE B 261 -36.93 -11.99 -3.61
C PHE B 261 -35.58 -12.50 -3.13
N LEU B 262 -34.72 -12.85 -4.07
CA LEU B 262 -33.37 -13.31 -3.78
C LEU B 262 -32.33 -12.29 -4.22
N ASN B 263 -32.50 -11.76 -5.42
CA ASN B 263 -31.47 -10.94 -6.05
C ASN B 263 -31.99 -9.55 -6.42
N GLY B 264 -33.04 -9.10 -5.73
CA GLY B 264 -33.55 -7.76 -5.91
C GLY B 264 -32.87 -6.83 -4.93
N SER B 265 -33.68 -6.10 -4.16
CA SER B 265 -33.15 -5.16 -3.17
C SER B 265 -33.50 -5.58 -1.75
N ASN B 266 -34.22 -6.70 -1.60
CA ASN B 266 -34.66 -7.14 -0.29
C ASN B 266 -34.69 -8.67 -0.16
N PRO B 267 -33.53 -9.26 0.15
CA PRO B 267 -33.38 -10.71 0.29
C PRO B 267 -33.48 -11.16 1.76
N GLU B 268 -34.26 -10.46 2.57
CA GLU B 268 -34.29 -10.71 4.00
C GLU B 268 -35.53 -11.47 4.49
N VAL B 269 -36.47 -11.73 3.59
CA VAL B 269 -37.78 -12.24 4.01
C VAL B 269 -37.99 -13.73 3.72
N ILE B 270 -37.69 -14.16 2.50
CA ILE B 270 -37.98 -15.54 2.09
C ILE B 270 -37.24 -16.53 2.97
N ARG B 271 -37.88 -17.65 3.27
CA ARG B 271 -37.26 -18.71 4.07
C ARG B 271 -37.90 -20.06 3.80
N ARG B 272 -37.15 -21.13 4.06
CA ARG B 272 -37.67 -22.48 3.89
C ARG B 272 -38.89 -22.70 4.76
N CYS B 273 -39.86 -23.44 4.23
CA CYS B 273 -41.10 -23.71 4.94
C CYS B 273 -41.32 -25.22 5.02
N ASP B 274 -41.19 -25.76 6.23
CA ASP B 274 -41.35 -27.19 6.45
C ASP B 274 -42.80 -27.54 6.80
N LYS B 275 -43.57 -26.52 7.17
CA LYS B 275 -45.00 -26.70 7.45
C LYS B 275 -45.74 -25.39 7.30
N LEU B 276 -46.84 -25.42 6.55
CA LEU B 276 -47.65 -24.23 6.32
C LEU B 276 -48.20 -23.67 7.61
N PRO B 277 -48.26 -22.34 7.72
CA PRO B 277 -49.00 -21.72 8.82
C PRO B 277 -50.47 -22.14 8.76
N GLU B 278 -51.10 -22.33 9.92
CA GLU B 278 -52.48 -22.76 9.96
C GLU B 278 -53.41 -21.79 9.23
N ASN B 279 -53.00 -20.53 9.15
CA ASN B 279 -53.80 -19.50 8.51
C ASN B 279 -53.49 -19.34 7.02
N PHE B 280 -52.79 -20.31 6.45
CA PHE B 280 -52.44 -20.28 5.03
C PHE B 280 -52.74 -21.65 4.43
N PRO B 281 -54.04 -21.99 4.34
CA PRO B 281 -54.49 -23.33 3.96
C PRO B 281 -54.34 -23.65 2.47
N VAL B 282 -53.10 -23.73 2.01
CA VAL B 282 -52.83 -24.11 0.62
C VAL B 282 -52.99 -25.62 0.46
N LYS B 283 -53.90 -26.02 -0.44
CA LYS B 283 -54.15 -27.44 -0.68
C LYS B 283 -53.44 -27.91 -1.94
N ASN B 284 -53.05 -29.17 -1.94
CA ASN B 284 -52.30 -29.77 -3.04
C ASN B 284 -52.99 -29.56 -4.38
N GLU B 285 -54.32 -29.66 -4.39
CA GLU B 285 -55.09 -29.52 -5.63
C GLU B 285 -54.82 -28.19 -6.30
N MET B 286 -54.51 -27.17 -5.49
CA MET B 286 -54.33 -25.82 -6.01
C MET B 286 -53.02 -25.67 -6.77
N VAL B 287 -52.00 -26.44 -6.40
CA VAL B 287 -50.65 -26.18 -6.88
C VAL B 287 -49.93 -27.41 -7.44
N GLU B 288 -50.62 -28.55 -7.48
CA GLU B 288 -49.96 -29.81 -7.80
C GLU B 288 -49.32 -29.82 -9.19
N LYS B 289 -50.02 -29.28 -10.18
CA LYS B 289 -49.51 -29.31 -11.55
C LYS B 289 -48.39 -28.28 -11.78
N LEU B 290 -48.18 -27.42 -10.79
CA LEU B 290 -47.08 -26.47 -10.83
C LEU B 290 -45.79 -27.13 -10.34
N LEU B 291 -45.93 -28.18 -9.54
CA LEU B 291 -44.79 -28.90 -8.99
C LEU B 291 -44.23 -29.88 -10.01
N ASP B 292 -43.21 -30.62 -9.61
CA ASP B 292 -42.65 -31.67 -10.45
C ASP B 292 -43.64 -32.83 -10.55
N ARG B 293 -43.60 -33.54 -11.68
CA ARG B 293 -44.38 -34.76 -11.82
C ARG B 293 -43.98 -35.74 -10.72
N GLY B 294 -44.97 -36.27 -10.02
CA GLY B 294 -44.72 -37.23 -8.96
C GLY B 294 -44.57 -36.59 -7.60
N TYR B 295 -44.75 -35.28 -7.54
CA TYR B 295 -44.63 -34.54 -6.27
C TYR B 295 -45.95 -33.98 -5.81
N THR B 296 -46.20 -34.10 -4.51
CA THR B 296 -47.32 -33.43 -3.86
C THR B 296 -46.77 -32.30 -3.01
N LEU B 297 -47.63 -31.36 -2.63
CA LEU B 297 -47.20 -30.26 -1.79
C LEU B 297 -46.51 -30.77 -0.54
N GLU B 298 -47.03 -31.86 0.01
CA GLU B 298 -46.50 -32.44 1.24
C GLU B 298 -45.09 -32.98 1.02
N LYS B 299 -44.90 -33.70 -0.09
CA LYS B 299 -43.60 -34.27 -0.41
C LYS B 299 -42.57 -33.17 -0.67
N ALA B 300 -43.00 -32.11 -1.35
CA ALA B 300 -42.14 -30.98 -1.66
C ALA B 300 -41.58 -30.36 -0.39
N MET B 301 -42.43 -30.23 0.62
CA MET B 301 -42.01 -29.63 1.88
C MET B 301 -41.02 -30.50 2.62
N LYS B 302 -41.29 -31.81 2.66
CA LYS B 302 -40.38 -32.75 3.30
C LYS B 302 -38.97 -32.64 2.73
N GLU B 303 -38.88 -32.37 1.42
CA GLU B 303 -37.58 -32.34 0.74
C GLU B 303 -36.98 -30.94 0.69
N GLY B 304 -37.64 -29.97 1.32
CA GLY B 304 -37.11 -28.63 1.42
C GLY B 304 -37.14 -27.88 0.10
N LEU B 305 -38.22 -28.05 -0.66
CA LEU B 305 -38.37 -27.38 -1.94
C LEU B 305 -39.39 -26.24 -1.85
N ILE B 306 -39.95 -26.04 -0.67
CA ILE B 306 -41.01 -25.05 -0.47
C ILE B 306 -40.52 -23.91 0.42
N PHE B 307 -40.62 -22.68 -0.10
CA PHE B 307 -40.21 -21.50 0.65
C PHE B 307 -41.38 -20.53 0.75
N ILE B 308 -41.31 -19.61 1.71
CA ILE B 308 -42.44 -18.74 2.01
C ILE B 308 -41.98 -17.33 2.37
N THR B 309 -42.80 -16.35 2.00
CA THR B 309 -42.58 -14.96 2.40
C THR B 309 -43.81 -14.45 3.16
N ASP B 310 -43.70 -14.38 4.48
CA ASP B 310 -44.82 -13.99 5.34
C ASP B 310 -44.66 -12.55 5.81
N TYR B 311 -45.60 -11.70 5.45
CA TYR B 311 -45.55 -10.28 5.82
C TYR B 311 -46.53 -9.95 6.94
N LYS B 312 -46.60 -10.84 7.92
CA LYS B 312 -47.45 -10.66 9.08
C LYS B 312 -47.20 -9.32 9.78
N ILE B 313 -45.96 -8.83 9.69
CA ILE B 313 -45.56 -7.63 10.43
C ILE B 313 -46.36 -6.40 9.99
N LEU B 314 -46.92 -6.44 8.79
CA LEU B 314 -47.70 -5.31 8.28
C LEU B 314 -49.06 -5.22 8.96
N GLU B 315 -49.43 -6.26 9.70
CA GLU B 315 -50.71 -6.29 10.39
C GLU B 315 -50.78 -5.19 11.45
N GLY B 316 -51.78 -4.33 11.34
CA GLY B 316 -51.97 -3.26 12.29
C GLY B 316 -51.38 -1.93 11.84
N ILE B 317 -50.61 -1.96 10.76
CA ILE B 317 -49.99 -0.73 10.24
C ILE B 317 -50.98 0.03 9.37
N PRO B 318 -51.32 1.26 9.77
CA PRO B 318 -52.29 2.07 9.02
C PRO B 318 -51.73 2.62 7.72
N THR B 319 -52.60 2.76 6.71
CA THR B 319 -52.22 3.33 5.43
C THR B 319 -52.84 4.71 5.29
N MET B 320 -52.30 5.52 4.39
CA MET B 320 -52.75 6.89 4.25
C MET B 320 -54.24 6.95 3.95
N ASP B 321 -54.95 7.80 4.69
CA ASP B 321 -56.39 7.94 4.53
C ASP B 321 -56.79 9.42 4.63
N THR B 322 -56.67 10.13 3.53
CA THR B 322 -57.10 11.51 3.46
C THR B 322 -58.11 11.64 2.33
N PRO B 323 -58.92 12.71 2.33
CA PRO B 323 -59.94 12.88 1.29
C PRO B 323 -59.38 12.81 -0.13
N GLU B 324 -58.19 13.38 -0.33
CA GLU B 324 -57.61 13.48 -1.66
C GLU B 324 -56.56 12.42 -1.95
N ASP B 325 -56.20 11.62 -0.96
CA ASP B 325 -55.17 10.61 -1.12
C ASP B 325 -55.41 9.42 -0.21
N LYS B 326 -55.87 8.32 -0.80
CA LYS B 326 -56.11 7.09 -0.06
C LYS B 326 -55.27 5.96 -0.64
N ARG B 327 -54.53 5.28 0.22
CA ARG B 327 -53.67 4.18 -0.20
C ARG B 327 -53.99 2.92 0.58
N TYR B 328 -53.63 1.77 0.02
CA TYR B 328 -53.97 0.50 0.62
C TYR B 328 -52.80 -0.46 0.64
N ILE B 329 -52.85 -1.42 1.55
CA ILE B 329 -51.88 -2.48 1.63
C ILE B 329 -52.52 -3.67 2.32
N THR B 330 -52.01 -4.86 2.07
CA THR B 330 -52.52 -6.06 2.71
C THR B 330 -51.43 -6.64 3.61
N THR B 331 -51.63 -7.89 4.04
CA THR B 331 -50.68 -8.55 4.92
C THR B 331 -50.44 -9.95 4.37
N PRO B 332 -49.87 -10.02 3.16
CA PRO B 332 -49.90 -11.23 2.33
C PRO B 332 -48.95 -12.33 2.75
N LEU B 333 -49.17 -13.51 2.18
CA LEU B 333 -48.23 -14.62 2.28
C LEU B 333 -47.99 -15.18 0.89
N GLY B 334 -46.73 -15.40 0.55
CA GLY B 334 -46.39 -15.96 -0.74
C GLY B 334 -45.70 -17.29 -0.57
N LEU B 335 -46.04 -18.25 -1.42
CA LEU B 335 -45.43 -19.56 -1.38
C LEU B 335 -44.65 -19.79 -2.67
N PHE B 336 -43.44 -20.30 -2.55
CA PHE B 336 -42.57 -20.50 -3.70
C PHE B 336 -42.09 -21.94 -3.79
N TYR B 337 -41.72 -22.35 -5.00
CA TYR B 337 -41.25 -23.70 -5.26
C TYR B 337 -39.85 -23.66 -5.86
N LEU B 338 -38.96 -24.52 -5.37
CA LEU B 338 -37.62 -24.61 -5.92
C LEU B 338 -37.60 -25.60 -7.08
N LYS B 339 -37.57 -25.07 -8.30
CA LYS B 339 -37.60 -25.89 -9.49
C LYS B 339 -36.35 -26.75 -9.63
N ASN B 340 -36.40 -27.74 -10.51
CA ASN B 340 -35.30 -28.67 -10.70
C ASN B 340 -34.05 -27.97 -11.22
N ASN B 341 -34.24 -26.84 -11.89
CA ASN B 341 -33.12 -26.09 -12.46
C ASN B 341 -32.68 -24.94 -11.56
N ASP B 342 -33.14 -24.95 -10.32
CA ASP B 342 -32.69 -24.02 -9.28
C ASP B 342 -33.36 -22.65 -9.32
N ASP B 343 -34.34 -22.47 -10.21
CA ASP B 343 -35.17 -21.27 -10.18
C ASP B 343 -36.31 -21.46 -9.18
N ILE B 344 -36.60 -20.42 -8.41
CA ILE B 344 -37.78 -20.45 -7.54
C ILE B 344 -38.92 -19.69 -8.20
N ILE B 345 -40.12 -20.26 -8.12
CA ILE B 345 -41.30 -19.62 -8.70
C ILE B 345 -42.42 -19.50 -7.66
N PRO B 346 -43.22 -18.44 -7.77
CA PRO B 346 -44.41 -18.30 -6.92
C PRO B 346 -45.47 -19.30 -7.33
N ILE B 347 -46.10 -19.96 -6.37
CA ILE B 347 -47.13 -20.94 -6.69
C ILE B 347 -48.45 -20.69 -5.97
N ALA B 348 -48.45 -19.77 -5.01
CA ALA B 348 -49.66 -19.47 -4.25
C ALA B 348 -49.51 -18.16 -3.48
N ILE B 349 -50.60 -17.42 -3.34
CA ILE B 349 -50.59 -16.15 -2.64
C ILE B 349 -51.91 -15.91 -1.89
N GLN B 350 -51.80 -15.41 -0.67
CA GLN B 350 -52.96 -15.02 0.11
C GLN B 350 -52.74 -13.59 0.60
N LEU B 351 -53.65 -12.69 0.25
CA LEU B 351 -53.43 -11.26 0.45
C LEU B 351 -53.49 -10.84 1.93
N TYR B 352 -54.39 -11.44 2.69
CA TYR B 352 -54.51 -11.11 4.12
C TYR B 352 -54.20 -12.34 4.97
N GLN B 353 -53.77 -12.09 6.21
CA GLN B 353 -53.34 -13.16 7.11
C GLN B 353 -54.45 -14.18 7.38
N GLN B 354 -55.64 -13.70 7.71
CA GLN B 354 -56.73 -14.59 8.11
C GLN B 354 -57.61 -15.01 6.93
N PRO B 355 -57.74 -16.32 6.70
CA PRO B 355 -58.57 -16.82 5.60
C PRO B 355 -60.03 -16.39 5.73
N GLY B 356 -60.67 -16.12 4.60
CA GLY B 356 -62.06 -15.69 4.60
C GLY B 356 -62.68 -15.76 3.22
N GLU B 357 -63.94 -15.36 3.12
CA GLU B 357 -64.66 -15.42 1.85
C GLU B 357 -64.10 -14.41 0.85
N ASN B 358 -63.63 -13.28 1.36
CA ASN B 358 -63.03 -12.25 0.51
C ASN B 358 -61.51 -12.31 0.54
N ASN B 359 -60.97 -13.40 1.06
CA ASN B 359 -59.53 -13.58 1.18
C ASN B 359 -59.14 -15.00 0.80
N SER B 360 -59.19 -15.28 -0.50
CA SER B 360 -58.93 -16.63 -1.01
C SER B 360 -57.46 -16.82 -1.33
N ILE B 361 -57.10 -18.05 -1.70
CA ILE B 361 -55.75 -18.35 -2.15
C ILE B 361 -55.67 -18.24 -3.67
N TRP B 362 -54.76 -17.39 -4.15
CA TRP B 362 -54.58 -17.18 -5.58
C TRP B 362 -53.48 -18.10 -6.10
N THR B 363 -53.66 -18.55 -7.34
CA THR B 363 -52.76 -19.54 -7.92
C THR B 363 -52.83 -19.49 -9.44
N PRO B 364 -51.67 -19.53 -10.11
CA PRO B 364 -51.64 -19.42 -11.57
C PRO B 364 -52.29 -20.62 -12.27
N LEU B 365 -52.40 -21.72 -11.54
CA LEU B 365 -53.08 -22.92 -12.03
C LEU B 365 -54.61 -22.79 -12.05
N LYS B 366 -55.17 -22.15 -11.03
CA LYS B 366 -56.61 -22.12 -10.83
C LYS B 366 -57.22 -20.75 -11.16
N ASP B 367 -56.39 -19.73 -11.25
CA ASP B 367 -56.88 -18.37 -11.47
C ASP B 367 -56.55 -17.86 -12.86
N THR B 368 -57.25 -16.81 -13.27
CA THR B 368 -57.01 -16.21 -14.57
C THR B 368 -55.64 -15.56 -14.58
N GLU B 369 -55.14 -15.25 -15.76
CA GLU B 369 -53.80 -14.69 -15.91
C GLU B 369 -53.73 -13.27 -15.35
N TRP B 370 -54.77 -12.48 -15.59
CA TRP B 370 -54.82 -11.12 -15.05
C TRP B 370 -54.95 -11.14 -13.53
N ASP B 371 -55.74 -12.07 -13.00
CA ASP B 371 -55.88 -12.20 -11.55
C ASP B 371 -54.55 -12.54 -10.91
N TRP B 372 -53.83 -13.48 -11.52
CA TRP B 372 -52.53 -13.90 -10.99
C TRP B 372 -51.55 -12.73 -10.98
N ILE B 373 -51.56 -11.93 -12.04
CA ILE B 373 -50.70 -10.75 -12.12
C ILE B 373 -51.06 -9.76 -11.01
N MET B 374 -52.36 -9.56 -10.79
CA MET B 374 -52.81 -8.67 -9.72
C MET B 374 -52.30 -9.17 -8.37
N ALA B 375 -52.47 -10.46 -8.12
CA ALA B 375 -52.05 -11.05 -6.85
C ALA B 375 -50.57 -10.82 -6.60
N LYS B 376 -49.76 -11.00 -7.64
CA LYS B 376 -48.32 -10.81 -7.53
C LYS B 376 -47.94 -9.36 -7.22
N LEU B 377 -48.65 -8.42 -7.83
CA LEU B 377 -48.38 -7.00 -7.62
C LEU B 377 -48.59 -6.62 -6.16
N TRP B 378 -49.62 -7.18 -5.54
CA TRP B 378 -49.93 -6.88 -4.14
C TRP B 378 -48.91 -7.49 -3.18
N LEU B 379 -48.32 -8.61 -3.58
CA LEU B 379 -47.28 -9.25 -2.77
C LEU B 379 -46.00 -8.42 -2.79
N ARG B 380 -45.66 -7.90 -3.97
CA ARG B 380 -44.48 -7.06 -4.13
C ARG B 380 -44.65 -5.72 -3.40
N CYS B 381 -45.87 -5.19 -3.43
CA CYS B 381 -46.15 -3.92 -2.78
C CYS B 381 -45.86 -4.03 -1.29
N ALA B 382 -46.29 -5.13 -0.69
CA ALA B 382 -46.02 -5.39 0.72
C ALA B 382 -44.51 -5.44 0.97
N ASP B 383 -43.79 -6.10 0.06
CA ASP B 383 -42.35 -6.26 0.19
C ASP B 383 -41.66 -4.90 0.11
N THR B 384 -42.19 -4.00 -0.70
CA THR B 384 -41.63 -2.66 -0.83
C THR B 384 -41.70 -1.91 0.50
N GLN B 385 -42.84 -2.02 1.18
CA GLN B 385 -43.02 -1.38 2.48
C GLN B 385 -41.91 -1.89 3.40
N TYR B 386 -41.73 -3.20 3.40
CA TYR B 386 -40.74 -3.86 4.25
C TYR B 386 -39.33 -3.40 3.91
N HIS B 387 -39.02 -3.37 2.61
CA HIS B 387 -37.67 -3.03 2.16
C HIS B 387 -37.28 -1.60 2.53
N GLN B 388 -38.14 -0.65 2.23
CA GLN B 388 -37.83 0.76 2.43
C GLN B 388 -37.62 1.10 3.91
N MET B 389 -38.56 0.68 4.76
CA MET B 389 -38.56 1.09 6.15
C MET B 389 -37.70 0.19 7.04
N ILE B 390 -37.76 -1.11 6.81
CA ILE B 390 -37.07 -2.05 7.69
C ILE B 390 -35.70 -2.46 7.15
N THR B 391 -35.66 -2.99 5.94
CA THR B 391 -34.41 -3.50 5.37
C THR B 391 -33.39 -2.39 5.13
N HIS B 392 -33.86 -1.24 4.65
CA HIS B 392 -32.95 -0.15 4.31
C HIS B 392 -32.77 0.84 5.46
N LEU B 393 -33.80 1.63 5.75
CA LEU B 393 -33.67 2.71 6.72
C LEU B 393 -33.33 2.20 8.13
N LEU B 394 -34.17 1.34 8.68
CA LEU B 394 -33.95 0.87 10.05
C LEU B 394 -32.67 0.03 10.18
N ARG B 395 -32.61 -1.07 9.45
CA ARG B 395 -31.58 -2.09 9.68
C ARG B 395 -30.20 -1.69 9.15
N CYS B 396 -30.12 -0.63 8.36
CA CYS B 396 -28.83 -0.11 7.92
C CYS B 396 -28.55 1.27 8.50
N HIS B 397 -29.35 2.25 8.11
CA HIS B 397 -29.12 3.64 8.52
C HIS B 397 -29.20 3.81 10.04
N LEU B 398 -30.36 3.51 10.62
CA LEU B 398 -30.60 3.81 12.03
C LEU B 398 -29.86 2.87 12.99
N MET B 399 -29.75 1.60 12.64
CA MET B 399 -29.12 0.62 13.52
C MET B 399 -27.60 0.79 13.58
N MET B 400 -27.02 1.46 12.59
CA MET B 400 -25.57 1.64 12.54
C MET B 400 -25.12 2.99 13.11
N GLU B 401 -26.04 3.95 13.20
CA GLU B 401 -25.68 5.29 13.66
C GLU B 401 -25.07 5.29 15.06
N PRO B 402 -25.65 4.50 15.99
CA PRO B 402 -25.16 4.48 17.37
C PRO B 402 -23.66 4.19 17.49
N THR B 403 -23.11 3.41 16.57
CA THR B 403 -21.69 3.07 16.62
C THR B 403 -20.84 4.29 16.27
N ALA B 404 -21.37 5.16 15.43
CA ALA B 404 -20.66 6.40 15.07
C ALA B 404 -20.66 7.34 16.27
N VAL B 405 -21.82 7.49 16.90
CA VAL B 405 -21.96 8.38 18.04
C VAL B 405 -21.09 7.92 19.21
N SER B 406 -21.09 6.61 19.47
CA SER B 406 -20.32 6.07 20.58
C SER B 406 -18.82 6.21 20.33
N SER B 407 -18.41 6.15 19.06
CA SER B 407 -17.01 6.32 18.70
C SER B 407 -16.50 7.68 19.13
N TRP B 408 -17.28 8.72 18.84
CA TRP B 408 -16.92 10.09 19.16
C TRP B 408 -16.90 10.32 20.66
N ARG B 409 -17.76 9.61 21.38
CA ARG B 409 -17.94 9.85 22.81
C ARG B 409 -16.97 9.09 23.71
N ASN B 410 -16.40 7.99 23.20
CA ASN B 410 -15.62 7.10 24.05
C ASN B 410 -14.22 6.76 23.53
N LEU B 411 -13.96 7.00 22.25
CA LEU B 411 -12.67 6.63 21.67
C LEU B 411 -11.88 7.85 21.22
N PRO B 412 -10.59 7.90 21.58
CA PRO B 412 -9.68 8.92 21.06
C PRO B 412 -9.15 8.52 19.70
N SER B 413 -8.77 9.50 18.88
CA SER B 413 -8.35 9.22 17.51
C SER B 413 -7.03 8.44 17.41
N VAL B 414 -6.41 8.18 18.55
CA VAL B 414 -5.17 7.40 18.58
C VAL B 414 -5.47 5.90 18.76
N HIS B 415 -6.73 5.58 19.07
CA HIS B 415 -7.15 4.21 19.29
C HIS B 415 -7.29 3.47 17.95
N PRO B 416 -6.78 2.23 17.88
CA PRO B 416 -6.80 1.47 16.62
C PRO B 416 -8.21 1.19 16.08
N VAL B 417 -9.16 0.96 16.97
CA VAL B 417 -10.55 0.70 16.57
C VAL B 417 -11.19 1.95 15.97
N TRP B 418 -10.86 3.12 16.51
CA TRP B 418 -11.34 4.37 15.96
C TRP B 418 -10.88 4.51 14.51
N LYS B 419 -9.61 4.17 14.27
CA LYS B 419 -9.03 4.24 12.94
C LYS B 419 -9.70 3.22 12.02
N LEU B 420 -10.01 2.05 12.57
CA LEU B 420 -10.61 0.97 11.81
C LEU B 420 -11.99 1.36 11.29
N LEU B 421 -12.82 1.90 12.18
CA LEU B 421 -14.22 2.16 11.86
C LEU B 421 -14.42 3.49 11.14
N TYR B 422 -13.48 4.41 11.27
CA TYR B 422 -13.68 5.77 10.79
C TYR B 422 -14.18 5.83 9.35
N PRO B 423 -13.48 5.15 8.42
CA PRO B 423 -13.90 5.25 7.01
C PRO B 423 -15.26 4.60 6.75
N HIS B 424 -15.72 3.73 7.65
CA HIS B 424 -16.95 2.99 7.44
C HIS B 424 -18.17 3.65 8.07
N THR B 425 -17.94 4.51 9.06
CA THR B 425 -19.03 5.21 9.73
C THR B 425 -19.12 6.65 9.22
N LYS B 426 -18.28 6.99 8.25
CA LYS B 426 -18.23 8.34 7.73
C LYS B 426 -19.52 8.72 7.01
N GLY B 427 -20.13 9.82 7.45
CA GLY B 427 -21.28 10.37 6.75
C GLY B 427 -22.63 9.89 7.23
N ILE B 428 -22.65 8.90 8.13
CA ILE B 428 -23.92 8.32 8.57
C ILE B 428 -24.73 9.27 9.43
N MET B 429 -24.06 10.07 10.26
CA MET B 429 -24.76 11.03 11.11
C MET B 429 -25.41 12.13 10.28
N ALA B 430 -24.70 12.63 9.29
CA ALA B 430 -25.22 13.67 8.42
C ALA B 430 -26.49 13.21 7.70
N ILE B 431 -26.41 12.07 7.02
CA ILE B 431 -27.54 11.58 6.22
C ILE B 431 -28.76 11.24 7.08
N ASN B 432 -28.53 10.69 8.26
CA ASN B 432 -29.62 10.31 9.14
C ASN B 432 -30.33 11.52 9.74
N THR B 433 -29.57 12.60 9.98
CA THR B 433 -30.15 13.83 10.49
C THR B 433 -31.08 14.41 9.43
N LEU B 434 -30.63 14.35 8.17
CA LEU B 434 -31.45 14.78 7.04
C LEU B 434 -32.66 13.86 6.92
N GLY B 435 -32.43 12.57 7.05
CA GLY B 435 -33.49 11.58 6.96
C GLY B 435 -34.59 11.83 7.99
N ARG B 436 -34.19 12.18 9.20
CA ARG B 436 -35.15 12.44 10.27
C ARG B 436 -36.04 13.64 9.97
N ASN B 437 -35.67 14.43 8.97
CA ASN B 437 -36.47 15.61 8.60
C ASN B 437 -37.15 15.48 7.24
N ASP B 438 -36.49 14.81 6.29
CA ASP B 438 -36.94 14.83 4.90
C ASP B 438 -37.30 13.45 4.31
N LEU B 439 -37.08 12.39 5.07
CA LEU B 439 -37.38 11.05 4.60
C LEU B 439 -38.44 10.36 5.45
N ILE B 440 -38.17 10.26 6.74
CA ILE B 440 -38.98 9.46 7.64
C ILE B 440 -40.27 10.13 8.10
N PRO B 441 -40.21 11.43 8.45
CA PRO B 441 -41.40 12.06 9.03
C PRO B 441 -42.52 12.26 8.01
N THR B 442 -43.68 12.69 8.49
CA THR B 442 -44.79 13.02 7.60
C THR B 442 -44.42 14.24 6.75
N GLY B 443 -44.67 14.14 5.45
CA GLY B 443 -44.25 15.17 4.52
C GLY B 443 -42.95 14.80 3.83
N GLY B 444 -42.31 13.75 4.33
CA GLY B 444 -41.05 13.28 3.77
C GLY B 444 -41.24 12.44 2.52
N ALA B 445 -40.14 12.01 1.93
CA ALA B 445 -40.17 11.23 0.70
C ALA B 445 -40.98 9.94 0.88
N ALA B 446 -40.65 9.17 1.91
CA ALA B 446 -41.34 7.90 2.18
C ALA B 446 -42.84 8.15 2.28
N ASP B 447 -43.20 9.23 2.94
CA ASP B 447 -44.60 9.58 3.16
C ASP B 447 -45.33 9.80 1.84
N LYS B 448 -44.59 10.23 0.81
CA LYS B 448 -45.20 10.58 -0.48
C LYS B 448 -45.35 9.40 -1.44
N VAL B 449 -44.64 8.31 -1.19
CA VAL B 449 -44.61 7.20 -2.15
C VAL B 449 -45.13 5.87 -1.59
N LEU B 450 -45.07 5.70 -0.27
CA LEU B 450 -45.50 4.45 0.34
C LEU B 450 -46.97 4.51 0.75
N SER B 451 -47.67 3.39 0.62
CA SER B 451 -49.07 3.33 1.01
C SER B 451 -49.22 3.35 2.53
N ILE B 452 -48.18 2.93 3.24
CA ILE B 452 -48.18 3.03 4.70
C ILE B 452 -47.73 4.42 5.14
N GLY B 453 -47.54 5.31 4.17
CA GLY B 453 -47.27 6.71 4.47
C GLY B 453 -48.43 7.30 5.23
N GLY B 454 -48.18 8.41 5.91
CA GLY B 454 -49.20 9.05 6.73
C GLY B 454 -48.96 8.80 8.20
N GLY B 455 -47.85 8.14 8.52
CA GLY B 455 -47.49 7.87 9.90
C GLY B 455 -47.08 6.42 10.14
N GLY B 456 -47.61 5.52 9.33
CA GLY B 456 -47.34 4.10 9.50
C GLY B 456 -45.90 3.69 9.22
N GLN B 457 -45.20 4.49 8.42
CA GLN B 457 -43.83 4.16 8.05
C GLN B 457 -42.92 4.12 9.28
N VAL B 458 -43.18 5.00 10.24
CA VAL B 458 -42.40 5.02 11.46
C VAL B 458 -42.83 3.88 12.38
N THR B 459 -44.13 3.62 12.42
CA THR B 459 -44.68 2.57 13.25
C THR B 459 -44.15 1.20 12.83
N LEU B 460 -43.93 1.03 11.53
CA LEU B 460 -43.40 -0.24 11.01
C LEU B 460 -41.98 -0.47 11.50
N MET B 461 -41.18 0.59 11.53
CA MET B 461 -39.82 0.51 12.03
C MET B 461 -39.82 0.16 13.52
N GLN B 462 -40.66 0.87 14.27
CA GLN B 462 -40.77 0.65 15.70
C GLN B 462 -41.18 -0.78 16.01
N LYS B 463 -42.03 -1.35 15.15
CA LYS B 463 -42.55 -2.69 15.36
C LYS B 463 -41.45 -3.73 15.16
N HIS B 464 -40.57 -3.49 14.20
CA HIS B 464 -39.47 -4.41 13.95
C HIS B 464 -38.40 -4.28 15.04
N TYR B 465 -38.14 -3.04 15.46
CA TYR B 465 -37.11 -2.78 16.46
C TYR B 465 -37.44 -3.46 17.78
N ARG B 466 -38.69 -3.38 18.19
CA ARG B 466 -39.13 -3.99 19.46
C ARG B 466 -38.69 -5.45 19.57
N SER B 467 -38.53 -6.13 18.44
CA SER B 467 -38.21 -7.56 18.45
C SER B 467 -36.82 -7.87 17.91
N VAL B 468 -36.10 -6.86 17.45
CA VAL B 468 -34.80 -7.09 16.81
C VAL B 468 -33.70 -7.36 17.83
N THR B 469 -32.79 -8.28 17.48
CA THR B 469 -31.56 -8.47 18.22
C THR B 469 -30.42 -8.57 17.23
N PHE B 470 -29.19 -8.56 17.72
CA PHE B 470 -28.02 -8.60 16.85
C PHE B 470 -27.74 -10.00 16.30
N ASP B 471 -28.50 -10.99 16.76
CA ASP B 471 -28.40 -12.34 16.20
C ASP B 471 -28.81 -12.30 14.73
N SER B 472 -29.73 -11.41 14.39
CA SER B 472 -30.20 -11.29 13.02
C SER B 472 -29.17 -10.60 12.13
N TYR B 473 -28.07 -10.15 12.72
CA TYR B 473 -26.99 -9.51 11.97
C TYR B 473 -25.84 -10.46 11.70
N ASP B 474 -25.86 -11.63 12.36
CA ASP B 474 -24.90 -12.67 12.05
C ASP B 474 -25.31 -13.32 10.73
N LEU B 475 -24.74 -12.82 9.65
CA LEU B 475 -25.12 -13.23 8.30
C LEU B 475 -25.15 -14.75 8.16
N VAL B 476 -24.03 -15.38 8.51
CA VAL B 476 -23.87 -16.83 8.32
C VAL B 476 -24.99 -17.61 8.99
N LYS B 477 -25.29 -17.28 10.23
CA LYS B 477 -26.28 -18.02 11.01
C LYS B 477 -27.71 -17.63 10.62
N ASP B 478 -27.90 -16.41 10.13
CA ASP B 478 -29.22 -15.97 9.71
C ASP B 478 -29.65 -16.71 8.44
N LEU B 479 -28.80 -16.67 7.43
CA LEU B 479 -29.07 -17.38 6.18
C LEU B 479 -29.28 -18.87 6.45
N ARG B 480 -28.56 -19.38 7.44
CA ARG B 480 -28.59 -20.81 7.74
C ARG B 480 -29.89 -21.23 8.43
N GLN B 481 -30.35 -20.43 9.38
CA GLN B 481 -31.57 -20.74 10.10
C GLN B 481 -32.79 -20.51 9.21
N ARG B 482 -32.62 -19.72 8.15
CA ARG B 482 -33.68 -19.50 7.18
C ARG B 482 -33.70 -20.60 6.12
N GLY B 483 -32.65 -21.42 6.10
CA GLY B 483 -32.57 -22.54 5.18
C GLY B 483 -32.43 -22.11 3.73
N VAL B 484 -31.83 -20.95 3.50
CA VAL B 484 -31.71 -20.41 2.14
C VAL B 484 -30.25 -20.31 1.69
N ASP B 485 -29.31 -20.70 2.54
CA ASP B 485 -27.90 -20.55 2.23
C ASP B 485 -27.40 -21.57 1.22
N GLY B 486 -28.23 -22.55 0.88
CA GLY B 486 -27.86 -23.58 -0.07
C GLY B 486 -28.36 -23.34 -1.48
N LEU B 487 -29.17 -22.30 -1.67
CA LEU B 487 -29.75 -22.00 -2.97
C LEU B 487 -28.69 -21.62 -4.00
N ARG B 488 -28.66 -22.34 -5.10
CA ARG B 488 -27.62 -22.17 -6.13
C ARG B 488 -27.68 -20.82 -6.82
N LYS B 489 -28.88 -20.30 -7.05
CA LYS B 489 -29.06 -19.06 -7.82
C LYS B 489 -29.46 -17.91 -6.91
N PHE B 490 -28.98 -17.96 -5.66
CA PHE B 490 -29.17 -16.89 -4.70
C PHE B 490 -27.87 -16.08 -4.67
N TYR B 491 -27.70 -15.20 -5.66
CA TYR B 491 -26.43 -14.54 -5.90
C TYR B 491 -26.02 -13.59 -4.78
N TYR B 492 -27.00 -12.91 -4.18
CA TYR B 492 -26.71 -12.06 -3.04
C TYR B 492 -26.04 -12.86 -1.93
N LYS B 493 -26.55 -14.05 -1.69
CA LYS B 493 -26.06 -14.90 -0.61
C LYS B 493 -24.61 -15.33 -0.87
N ASP B 494 -24.32 -15.74 -2.10
CA ASP B 494 -22.97 -16.18 -2.44
C ASP B 494 -21.96 -15.05 -2.27
N ASP B 495 -22.30 -13.87 -2.78
CA ASP B 495 -21.39 -12.73 -2.76
C ASP B 495 -21.24 -12.16 -1.35
N ALA B 496 -22.37 -12.04 -0.64
CA ALA B 496 -22.36 -11.50 0.71
C ALA B 496 -21.53 -12.38 1.65
N LEU B 497 -21.54 -13.68 1.42
CA LEU B 497 -20.79 -14.61 2.28
C LEU B 497 -19.29 -14.55 2.01
N LEU B 498 -18.91 -14.26 0.78
CA LEU B 498 -17.50 -14.07 0.45
C LEU B 498 -16.98 -12.80 1.12
N LEU B 499 -17.76 -11.74 1.05
CA LEU B 499 -17.37 -10.44 1.59
C LEU B 499 -17.33 -10.48 3.12
N TRP B 500 -18.31 -11.14 3.71
CA TRP B 500 -18.37 -11.28 5.16
C TRP B 500 -17.10 -11.94 5.69
N ASN B 501 -16.72 -13.05 5.07
CA ASN B 501 -15.54 -13.80 5.51
C ASN B 501 -14.24 -13.06 5.24
N VAL B 502 -14.21 -12.27 4.18
CA VAL B 502 -13.03 -11.48 3.85
C VAL B 502 -12.90 -10.28 4.78
N ILE B 503 -14.04 -9.69 5.16
CA ILE B 503 -14.04 -8.57 6.09
C ILE B 503 -13.73 -9.06 7.50
N HIS B 504 -14.22 -10.25 7.83
CA HIS B 504 -13.96 -10.83 9.14
C HIS B 504 -12.47 -11.08 9.31
N GLN B 505 -11.83 -11.53 8.23
CA GLN B 505 -10.40 -11.79 8.25
C GLN B 505 -9.62 -10.50 8.47
N PHE B 506 -10.03 -9.44 7.77
CA PHE B 506 -9.36 -8.14 7.88
C PHE B 506 -9.45 -7.59 9.30
N VAL B 507 -10.67 -7.57 9.84
CA VAL B 507 -10.88 -7.06 11.20
C VAL B 507 -10.07 -7.87 12.20
N GLN B 508 -10.00 -9.18 12.00
CA GLN B 508 -9.24 -10.05 12.89
C GLN B 508 -7.76 -9.73 12.83
N ASP B 509 -7.25 -9.51 11.63
CA ASP B 509 -5.85 -9.17 11.45
C ASP B 509 -5.49 -7.88 12.18
N ILE B 510 -6.31 -6.85 12.01
CA ILE B 510 -6.08 -5.57 12.65
C ILE B 510 -6.11 -5.70 14.17
N ILE B 511 -7.13 -6.37 14.68
CA ILE B 511 -7.30 -6.51 16.12
C ILE B 511 -6.17 -7.31 16.76
N GLN B 512 -5.66 -8.32 16.06
CA GLN B 512 -4.60 -9.16 16.60
C GLN B 512 -3.22 -8.49 16.53
N ILE B 513 -3.15 -7.36 15.83
CA ILE B 513 -1.94 -6.56 15.79
C ILE B 513 -1.76 -5.79 17.10
N TYR B 514 -2.87 -5.36 17.69
CA TYR B 514 -2.84 -4.50 18.87
C TYR B 514 -3.25 -5.23 20.15
N TYR B 515 -4.15 -6.20 20.03
CA TYR B 515 -4.57 -6.99 21.17
C TYR B 515 -3.89 -8.36 21.15
N ASN B 516 -2.92 -8.55 22.03
CA ASN B 516 -2.15 -9.78 22.05
C ASN B 516 -2.92 -10.95 22.68
N ASP B 517 -3.92 -10.63 23.50
CA ASP B 517 -4.71 -11.65 24.17
C ASP B 517 -6.02 -11.09 24.70
N ASP B 518 -6.85 -11.95 25.26
CA ASP B 518 -8.17 -11.55 25.73
C ASP B 518 -8.07 -10.55 26.89
N ASP B 519 -6.98 -10.62 27.65
CA ASP B 519 -6.77 -9.70 28.76
C ASP B 519 -6.56 -8.29 28.22
N SER B 520 -5.89 -8.20 27.07
CA SER B 520 -5.67 -6.92 26.42
C SER B 520 -6.99 -6.22 26.15
N VAL B 521 -8.02 -7.02 25.89
CA VAL B 521 -9.35 -6.48 25.58
C VAL B 521 -10.08 -6.06 26.85
N LYS B 522 -10.00 -6.89 27.89
CA LYS B 522 -10.64 -6.58 29.17
C LYS B 522 -10.12 -5.26 29.73
N LYS B 523 -8.81 -5.06 29.66
CA LYS B 523 -8.16 -3.94 30.32
C LYS B 523 -8.10 -2.68 29.47
N ASP B 524 -8.68 -2.73 28.28
CA ASP B 524 -8.80 -1.54 27.45
C ASP B 524 -10.04 -0.76 27.88
N ASN B 525 -9.87 0.12 28.86
CA ASN B 525 -10.98 0.86 29.42
C ASN B 525 -11.78 1.64 28.39
N GLU B 526 -11.13 1.99 27.28
CA GLU B 526 -11.76 2.84 26.26
C GLU B 526 -12.75 2.08 25.37
N ILE B 527 -12.41 0.84 25.00
CA ILE B 527 -13.33 0.03 24.21
C ILE B 527 -14.50 -0.43 25.08
N GLN B 528 -14.24 -0.56 26.38
CA GLN B 528 -15.28 -0.96 27.32
C GLN B 528 -16.29 0.17 27.51
N ASP B 529 -15.81 1.41 27.46
CA ASP B 529 -16.69 2.57 27.50
C ASP B 529 -17.54 2.61 26.23
N TRP B 530 -16.89 2.29 25.12
CA TRP B 530 -17.54 2.29 23.82
C TRP B 530 -18.73 1.32 23.80
N ILE B 531 -18.46 0.06 24.11
CA ILE B 531 -19.51 -0.96 24.05
C ILE B 531 -20.55 -0.78 25.13
N ARG B 532 -20.15 -0.22 26.27
CA ARG B 532 -21.10 0.03 27.36
C ARG B 532 -22.07 1.15 27.00
N ASP B 533 -21.57 2.14 26.27
CA ASP B 533 -22.41 3.25 25.85
C ASP B 533 -23.43 2.79 24.81
N LEU B 534 -23.05 1.83 23.99
CA LEU B 534 -23.95 1.26 22.99
C LEU B 534 -25.04 0.43 23.65
N HIS B 535 -24.64 -0.39 24.62
CA HIS B 535 -25.58 -1.27 25.31
C HIS B 535 -26.65 -0.47 26.07
N GLU B 536 -26.26 0.67 26.61
CA GLU B 536 -27.14 1.46 27.46
C GLU B 536 -27.97 2.48 26.69
N ASN B 537 -27.31 3.21 25.79
CA ASN B 537 -27.98 4.30 25.07
C ASN B 537 -28.13 4.03 23.57
N GLY B 538 -27.21 3.26 23.00
CA GLY B 538 -27.24 2.99 21.57
C GLY B 538 -28.39 2.12 21.14
N TYR B 539 -28.74 1.13 21.95
CA TYR B 539 -29.76 0.16 21.59
C TYR B 539 -30.66 -0.19 22.77
N PRO B 540 -31.52 0.76 23.19
CA PRO B 540 -32.47 0.50 24.26
C PRO B 540 -33.39 -0.68 23.92
N ALA B 541 -33.72 -1.48 24.92
CA ALA B 541 -34.47 -2.72 24.71
C ALA B 541 -35.78 -2.50 23.97
N GLY B 542 -36.45 -1.38 24.26
CA GLY B 542 -37.73 -1.09 23.66
C GLY B 542 -38.88 -1.44 24.60
N SER B 543 -40.11 -1.20 24.14
CA SER B 543 -41.27 -1.31 25.02
C SER B 543 -41.75 -2.75 25.23
N ASP B 544 -41.08 -3.72 24.61
CA ASP B 544 -41.38 -5.12 24.85
C ASP B 544 -40.33 -5.74 25.78
N GLY B 545 -39.29 -4.96 26.10
CA GLY B 545 -38.24 -5.43 26.98
C GLY B 545 -37.31 -6.43 26.32
N THR B 546 -37.35 -6.47 24.99
CA THR B 546 -36.53 -7.42 24.25
C THR B 546 -35.08 -6.94 24.16
N ASP B 547 -34.21 -7.59 24.93
CA ASP B 547 -32.79 -7.26 24.91
C ASP B 547 -32.22 -7.45 23.51
N LYS B 548 -31.40 -6.48 23.09
CA LYS B 548 -30.88 -6.46 21.72
C LYS B 548 -29.61 -7.31 21.58
N LYS B 549 -29.18 -7.92 22.69
CA LYS B 549 -28.02 -8.80 22.69
C LYS B 549 -26.73 -8.08 22.29
N VAL B 550 -26.63 -6.81 22.67
CA VAL B 550 -25.36 -6.09 22.56
C VAL B 550 -24.60 -6.34 23.85
N PRO B 551 -23.32 -6.75 23.74
CA PRO B 551 -22.56 -7.10 24.94
C PRO B 551 -22.47 -5.95 25.96
N LYS B 552 -22.48 -6.30 27.24
CA LYS B 552 -22.25 -5.32 28.30
C LYS B 552 -20.77 -4.97 28.36
N SER B 553 -19.94 -5.91 27.91
CA SER B 553 -18.50 -5.70 27.87
C SER B 553 -17.87 -6.71 26.92
N PHE B 554 -16.66 -6.41 26.45
CA PHE B 554 -15.91 -7.33 25.62
C PHE B 554 -14.95 -8.13 26.48
N GLU B 555 -15.17 -9.44 26.57
CA GLU B 555 -14.37 -10.29 27.44
C GLU B 555 -13.25 -11.01 26.70
N ASN B 556 -13.32 -11.03 25.37
CA ASN B 556 -12.27 -11.65 24.57
C ASN B 556 -12.16 -10.99 23.20
N ARG B 557 -11.16 -11.42 22.43
CA ARG B 557 -10.89 -10.82 21.12
C ARG B 557 -11.92 -11.25 20.08
N GLU B 558 -12.43 -12.47 20.22
CA GLU B 558 -13.39 -13.01 19.25
C GLU B 558 -14.70 -12.22 19.27
N GLU B 559 -15.19 -11.90 20.45
CA GLU B 559 -16.40 -11.09 20.58
C GLU B 559 -16.20 -9.74 19.92
N LEU B 560 -15.02 -9.16 20.14
CA LEU B 560 -14.70 -7.84 19.61
C LEU B 560 -14.65 -7.87 18.08
N VAL B 561 -14.01 -8.89 17.53
CA VAL B 561 -13.90 -9.02 16.07
C VAL B 561 -15.28 -9.18 15.44
N HIS B 562 -16.11 -10.05 16.01
CA HIS B 562 -17.43 -10.30 15.45
C HIS B 562 -18.25 -9.03 15.38
N PHE B 563 -18.36 -8.33 16.50
CA PHE B 563 -19.17 -7.13 16.58
C PHE B 563 -18.72 -6.09 15.55
N LEU B 564 -17.41 -5.97 15.37
CA LEU B 564 -16.85 -5.00 14.43
C LEU B 564 -17.06 -5.45 12.99
N THR B 565 -17.03 -6.76 12.77
CA THR B 565 -17.30 -7.31 11.46
C THR B 565 -18.71 -6.96 11.02
N VAL B 566 -19.65 -7.08 11.97
CA VAL B 566 -21.04 -6.72 11.71
C VAL B 566 -21.16 -5.26 11.25
N VAL B 567 -20.45 -4.37 11.94
CA VAL B 567 -20.53 -2.94 11.64
C VAL B 567 -19.96 -2.64 10.25
N VAL B 568 -18.75 -3.12 9.98
CA VAL B 568 -18.09 -2.86 8.71
C VAL B 568 -18.89 -3.44 7.54
N PHE B 569 -19.44 -4.63 7.74
CA PHE B 569 -20.20 -5.31 6.69
C PHE B 569 -21.51 -4.58 6.40
N THR B 570 -22.19 -4.13 7.45
CA THR B 570 -23.49 -3.49 7.30
C THR B 570 -23.36 -2.08 6.71
N CYS B 571 -22.33 -1.36 7.11
CA CYS B 571 -22.11 0.01 6.63
C CYS B 571 -21.67 0.03 5.17
N SER B 572 -21.05 -1.06 4.73
CA SER B 572 -20.54 -1.12 3.36
C SER B 572 -21.37 -2.01 2.44
N CYS B 573 -21.29 -3.33 2.65
CA CYS B 573 -21.89 -4.29 1.73
C CYS B 573 -23.42 -4.31 1.80
N GLN B 574 -23.95 -4.56 2.99
CA GLN B 574 -25.40 -4.68 3.16
C GLN B 574 -26.12 -3.46 2.61
N HIS B 575 -25.68 -2.27 3.03
CA HIS B 575 -26.30 -1.04 2.56
C HIS B 575 -26.24 -0.95 1.04
N ALA B 576 -25.09 -1.32 0.47
CA ALA B 576 -24.92 -1.26 -0.98
C ALA B 576 -25.90 -2.18 -1.69
N ALA B 577 -26.09 -3.37 -1.14
CA ALA B 577 -26.92 -4.39 -1.77
C ALA B 577 -28.39 -3.97 -1.80
N VAL B 578 -28.85 -3.30 -0.74
CA VAL B 578 -30.25 -2.94 -0.62
C VAL B 578 -30.52 -1.47 -0.97
N ASN B 579 -29.48 -0.74 -1.36
CA ASN B 579 -29.63 0.69 -1.65
C ASN B 579 -29.39 1.01 -3.12
N PHE B 580 -28.21 0.68 -3.63
CA PHE B 580 -27.84 1.07 -4.99
C PHE B 580 -28.43 0.16 -6.04
N SER B 581 -29.15 -0.87 -5.60
CA SER B 581 -29.86 -1.76 -6.49
C SER B 581 -31.29 -1.29 -6.70
N GLN B 582 -31.64 -0.16 -6.09
CA GLN B 582 -33.03 0.31 -6.06
C GLN B 582 -33.55 0.78 -7.41
N MET B 583 -32.67 1.20 -8.31
CA MET B 583 -33.12 1.68 -9.62
C MET B 583 -33.47 0.49 -10.50
N ALA B 584 -32.71 -0.59 -10.38
CA ALA B 584 -32.99 -1.82 -11.10
C ALA B 584 -34.29 -2.43 -10.61
N THR B 585 -34.63 -2.16 -9.35
CA THR B 585 -35.80 -2.76 -8.72
C THR B 585 -37.05 -1.90 -8.87
N TYR B 586 -36.91 -0.59 -8.66
CA TYR B 586 -38.05 0.32 -8.67
C TYR B 586 -38.12 1.18 -9.93
N GLY B 587 -37.07 1.13 -10.74
CA GLY B 587 -37.06 1.90 -11.98
C GLY B 587 -38.33 1.68 -12.76
N PHE B 588 -38.66 0.42 -13.01
CA PHE B 588 -39.92 0.05 -13.64
C PHE B 588 -40.93 -0.28 -12.54
N HIS B 589 -41.83 0.67 -12.28
CA HIS B 589 -42.68 0.63 -11.09
C HIS B 589 -43.41 -0.69 -10.88
N PRO B 590 -43.99 -1.27 -11.94
CA PRO B 590 -44.75 -2.52 -11.78
C PRO B 590 -43.93 -3.68 -11.20
N ASN B 591 -42.62 -3.62 -11.32
CA ASN B 591 -41.77 -4.68 -10.78
C ASN B 591 -41.76 -4.69 -9.26
N SER B 592 -42.09 -3.55 -8.66
CA SER B 592 -42.16 -3.44 -7.21
C SER B 592 -42.94 -2.19 -6.81
N PRO B 593 -44.28 -2.29 -6.84
CA PRO B 593 -45.17 -1.17 -6.53
C PRO B 593 -44.92 -0.59 -5.13
N THR B 594 -45.00 0.72 -5.02
CA THR B 594 -44.78 1.39 -3.74
C THR B 594 -46.09 1.64 -3.00
N LEU B 595 -47.17 1.79 -3.75
CA LEU B 595 -48.49 2.00 -3.16
C LEU B 595 -49.59 1.45 -4.04
N MET B 596 -50.78 1.30 -3.47
CA MET B 596 -51.97 0.96 -4.22
C MET B 596 -53.06 1.97 -3.91
N ARG B 597 -53.76 2.43 -4.95
CA ARG B 597 -54.76 3.48 -4.79
C ARG B 597 -56.16 2.90 -4.63
N GLN B 598 -56.29 1.59 -4.82
CA GLN B 598 -57.57 0.91 -4.66
C GLN B 598 -57.37 -0.29 -3.75
N PRO B 599 -58.43 -0.68 -3.03
CA PRO B 599 -58.33 -1.90 -2.21
C PRO B 599 -58.16 -3.12 -3.09
N PRO B 600 -57.65 -4.22 -2.51
CA PRO B 600 -57.46 -5.45 -3.30
C PRO B 600 -58.78 -6.04 -3.76
N PRO B 601 -58.73 -6.98 -4.70
CA PRO B 601 -59.95 -7.63 -5.18
C PRO B 601 -60.55 -8.55 -4.12
N THR B 602 -61.87 -8.68 -4.13
CA THR B 602 -62.56 -9.56 -3.19
C THR B 602 -63.12 -10.80 -3.88
N GLU B 603 -63.12 -10.77 -5.22
CA GLU B 603 -63.66 -11.88 -6.01
C GLU B 603 -62.72 -12.26 -7.14
N LYS B 604 -62.92 -13.46 -7.68
CA LYS B 604 -62.15 -13.93 -8.82
C LYS B 604 -62.71 -13.35 -10.12
N GLY B 605 -61.90 -13.34 -11.16
CA GLY B 605 -62.34 -12.97 -12.50
C GLY B 605 -62.62 -11.50 -12.72
N LYS B 606 -62.30 -10.66 -11.73
CA LYS B 606 -62.59 -9.24 -11.85
C LYS B 606 -61.42 -8.44 -12.43
N SER B 607 -60.24 -9.06 -12.48
CA SER B 607 -59.03 -8.33 -12.88
C SER B 607 -58.84 -8.24 -14.39
N ASN B 608 -58.34 -7.10 -14.82
CA ASN B 608 -57.95 -6.87 -16.21
C ASN B 608 -56.97 -5.71 -16.27
N HIS B 609 -56.53 -5.34 -17.47
CA HIS B 609 -55.49 -4.34 -17.62
C HIS B 609 -55.87 -3.00 -16.97
N LYS B 610 -57.03 -2.47 -17.34
CA LYS B 610 -57.45 -1.16 -16.85
C LYS B 610 -57.70 -1.14 -15.34
N VAL B 611 -58.21 -2.23 -14.80
CA VAL B 611 -58.43 -2.34 -13.35
C VAL B 611 -57.11 -2.23 -12.63
N ILE B 612 -56.09 -2.90 -13.16
CA ILE B 612 -54.76 -2.89 -12.57
C ILE B 612 -54.16 -1.49 -12.63
N MET B 613 -54.35 -0.79 -13.74
CA MET B 613 -53.83 0.56 -13.88
C MET B 613 -54.46 1.51 -12.86
N ALA B 614 -55.64 1.18 -12.37
CA ALA B 614 -56.35 2.02 -11.43
C ALA B 614 -55.81 1.82 -10.01
N SER B 615 -55.19 0.67 -9.75
CA SER B 615 -54.60 0.39 -8.45
C SER B 615 -53.17 0.94 -8.38
N LEU B 616 -52.41 0.75 -9.45
CA LEU B 616 -51.02 1.19 -9.46
C LEU B 616 -50.93 2.72 -9.34
N ALA B 617 -49.76 3.18 -8.91
CA ALA B 617 -49.53 4.61 -8.71
C ALA B 617 -49.92 5.43 -9.92
N ASN B 618 -50.39 6.65 -9.68
CA ASN B 618 -50.71 7.56 -10.77
C ASN B 618 -49.43 8.19 -11.29
N LYS B 619 -49.54 9.10 -12.26
CA LYS B 619 -48.37 9.65 -12.92
C LYS B 619 -47.48 10.45 -11.97
N HIS B 620 -48.07 11.38 -11.22
CA HIS B 620 -47.30 12.20 -10.28
C HIS B 620 -46.58 11.33 -9.24
N GLN B 621 -47.30 10.34 -8.72
CA GLN B 621 -46.76 9.46 -7.69
C GLN B 621 -45.57 8.65 -8.21
N ALA B 622 -45.70 8.15 -9.44
CA ALA B 622 -44.67 7.32 -10.04
C ALA B 622 -43.38 8.12 -10.28
N VAL B 623 -43.53 9.35 -10.74
CA VAL B 623 -42.38 10.23 -10.97
C VAL B 623 -41.69 10.54 -9.64
N THR B 624 -42.49 10.74 -8.60
CA THR B 624 -41.94 11.04 -7.28
C THR B 624 -41.02 9.93 -6.82
N MET B 625 -41.40 8.68 -7.07
CA MET B 625 -40.61 7.54 -6.66
C MET B 625 -39.29 7.49 -7.43
N VAL B 626 -39.34 7.74 -8.73
CA VAL B 626 -38.15 7.72 -9.56
C VAL B 626 -37.17 8.82 -9.16
N SER B 627 -37.72 9.98 -8.80
CA SER B 627 -36.90 11.09 -8.35
C SER B 627 -36.19 10.72 -7.05
N VAL B 628 -36.91 10.06 -6.16
CA VAL B 628 -36.35 9.64 -4.88
C VAL B 628 -35.29 8.56 -5.07
N VAL B 629 -35.65 7.49 -5.77
CA VAL B 629 -34.72 6.38 -6.00
C VAL B 629 -33.46 6.87 -6.71
N ASN B 630 -33.63 7.82 -7.63
CA ASN B 630 -32.50 8.39 -8.34
C ASN B 630 -31.58 9.14 -7.37
N ALA B 631 -32.18 9.74 -6.35
CA ALA B 631 -31.42 10.48 -5.35
C ALA B 631 -30.71 9.52 -4.37
N LEU B 632 -31.43 8.51 -3.92
CA LEU B 632 -30.88 7.55 -2.96
C LEU B 632 -29.68 6.80 -3.52
N THR B 633 -29.61 6.69 -4.85
CA THR B 633 -28.51 5.98 -5.50
C THR B 633 -27.43 6.92 -6.01
N THR B 634 -27.37 8.12 -5.44
CA THR B 634 -26.36 9.11 -5.82
C THR B 634 -24.97 8.68 -5.37
N ILE B 635 -24.06 8.58 -6.32
CA ILE B 635 -22.66 8.30 -6.02
C ILE B 635 -21.77 9.43 -6.53
N TYR B 636 -21.16 10.16 -5.62
CA TYR B 636 -20.29 11.27 -5.99
C TYR B 636 -18.94 10.77 -6.49
N PRO B 637 -18.28 11.54 -7.37
CA PRO B 637 -17.00 11.13 -7.96
C PRO B 637 -15.90 10.91 -6.90
N THR B 638 -16.09 11.47 -5.72
CA THR B 638 -15.09 11.38 -4.66
C THR B 638 -15.25 10.10 -3.84
N GLU B 639 -16.41 9.45 -3.97
CA GLU B 639 -16.71 8.27 -3.16
C GLU B 639 -15.56 7.28 -3.13
N LYS B 640 -15.31 6.70 -1.96
CA LYS B 640 -14.26 5.69 -1.79
C LYS B 640 -14.90 4.33 -1.56
N PHE B 641 -14.59 3.38 -2.42
CA PHE B 641 -15.23 2.08 -2.38
C PHE B 641 -14.47 1.09 -1.48
N LEU B 642 -15.08 -0.06 -1.24
CA LEU B 642 -14.61 -0.99 -0.23
C LEU B 642 -13.13 -1.33 -0.40
N GLY B 643 -12.34 -1.05 0.64
CA GLY B 643 -10.93 -1.37 0.63
C GLY B 643 -10.05 -0.19 0.25
N ASP B 644 -10.64 0.78 -0.44
CA ASP B 644 -9.91 1.98 -0.83
C ASP B 644 -9.82 2.95 0.34
N TYR B 645 -8.72 2.87 1.09
CA TYR B 645 -8.51 3.71 2.26
C TYR B 645 -7.51 4.81 1.95
N ALA B 646 -7.91 5.77 1.11
CA ALA B 646 -7.02 6.86 0.72
C ALA B 646 -6.78 7.80 1.89
N ASP B 647 -7.80 8.02 2.70
CA ASP B 647 -7.68 8.88 3.88
C ASP B 647 -7.29 8.04 5.09
N ASN B 648 -6.30 7.18 4.91
CA ASN B 648 -5.89 6.22 5.94
C ASN B 648 -5.34 6.91 7.19
N LEU B 649 -5.83 6.47 8.35
CA LEU B 649 -5.38 7.02 9.63
C LEU B 649 -4.30 6.16 10.27
N PHE B 650 -4.11 4.95 9.75
CA PHE B 650 -3.11 4.04 10.29
C PHE B 650 -1.70 4.44 9.86
N GLY B 651 -0.78 4.47 10.82
CA GLY B 651 0.61 4.73 10.55
C GLY B 651 1.45 3.48 10.63
N ASP B 652 1.00 2.51 11.42
CA ASP B 652 1.74 1.28 11.62
C ASP B 652 1.81 0.48 10.32
N ALA B 653 3.03 0.07 9.96
CA ALA B 653 3.26 -0.67 8.73
C ALA B 653 2.55 -2.03 8.74
N ALA B 654 2.30 -2.57 9.93
CA ALA B 654 1.61 -3.84 10.07
C ALA B 654 0.15 -3.69 9.67
N ALA B 655 -0.43 -2.53 9.96
CA ALA B 655 -1.81 -2.26 9.57
C ALA B 655 -1.92 -2.17 8.06
N HIS B 656 -0.94 -1.52 7.44
CA HIS B 656 -0.92 -1.38 5.99
C HIS B 656 -0.84 -2.75 5.32
N ALA B 657 -0.11 -3.68 5.93
CA ALA B 657 0.00 -5.02 5.40
C ALA B 657 -1.35 -5.72 5.44
N ALA B 658 -2.08 -5.52 6.54
CA ALA B 658 -3.40 -6.12 6.70
C ALA B 658 -4.37 -5.55 5.68
N MET B 659 -4.32 -4.23 5.51
CA MET B 659 -5.18 -3.55 4.54
C MET B 659 -4.88 -3.98 3.10
N ALA B 660 -3.61 -4.21 2.80
CA ALA B 660 -3.22 -4.62 1.45
C ALA B 660 -3.69 -6.04 1.16
N LYS B 661 -3.60 -6.92 2.16
CA LYS B 661 -4.09 -8.28 2.04
C LYS B 661 -5.60 -8.26 1.82
N PHE B 662 -6.27 -7.33 2.51
CA PHE B 662 -7.70 -7.11 2.36
C PHE B 662 -8.03 -6.78 0.91
N LYS B 663 -7.35 -5.79 0.35
CA LYS B 663 -7.58 -5.39 -1.04
C LYS B 663 -7.31 -6.53 -2.01
N SER B 664 -6.35 -7.40 -1.68
CA SER B 664 -6.02 -8.52 -2.54
C SER B 664 -7.13 -9.56 -2.50
N ASN B 665 -7.72 -9.76 -1.33
CA ASN B 665 -8.82 -10.70 -1.18
C ASN B 665 -10.07 -10.20 -1.88
N LEU B 666 -10.26 -8.88 -1.88
CA LEU B 666 -11.38 -8.27 -2.56
C LEU B 666 -11.22 -8.41 -4.07
N ALA B 667 -10.00 -8.20 -4.55
CA ALA B 667 -9.71 -8.32 -5.98
C ALA B 667 -10.04 -9.72 -6.47
N ASN B 668 -9.87 -10.71 -5.61
CA ASN B 668 -10.17 -12.10 -5.96
C ASN B 668 -11.68 -12.35 -5.99
N ILE B 669 -12.40 -11.70 -5.09
CA ILE B 669 -13.86 -11.79 -5.07
C ILE B 669 -14.43 -11.14 -6.32
N THR B 670 -13.91 -9.97 -6.66
CA THR B 670 -14.30 -9.28 -7.89
C THR B 670 -14.20 -10.22 -9.07
N LYS B 671 -13.09 -10.95 -9.13
CA LYS B 671 -12.82 -11.87 -10.23
C LYS B 671 -13.83 -13.02 -10.26
N GLN B 672 -14.18 -13.54 -9.10
CA GLN B 672 -15.18 -14.61 -9.02
C GLN B 672 -16.53 -14.14 -9.53
N ILE B 673 -17.00 -13.02 -8.99
CA ILE B 673 -18.30 -12.47 -9.36
C ILE B 673 -18.37 -12.22 -10.86
N THR B 674 -17.27 -11.72 -11.42
CA THR B 674 -17.21 -11.41 -12.84
C THR B 674 -17.34 -12.69 -13.68
N GLU B 675 -16.65 -13.74 -13.27
CA GLU B 675 -16.68 -15.00 -14.00
C GLU B 675 -18.07 -15.64 -13.96
N ARG B 676 -18.74 -15.52 -12.82
CA ARG B 676 -20.10 -16.04 -12.69
C ARG B 676 -21.06 -15.23 -13.54
N ASN B 677 -20.90 -13.92 -13.55
CA ASN B 677 -21.78 -13.03 -14.28
C ASN B 677 -21.58 -13.10 -15.79
N GLN B 678 -20.58 -13.88 -16.22
CA GLN B 678 -20.25 -13.95 -17.63
C GLN B 678 -21.41 -14.50 -18.46
N GLY B 679 -21.84 -13.72 -19.44
CA GLY B 679 -22.84 -14.17 -20.39
C GLY B 679 -24.28 -14.02 -19.91
N MET B 680 -24.46 -13.38 -18.75
CA MET B 680 -25.80 -13.16 -18.21
C MET B 680 -26.42 -11.90 -18.81
N VAL B 681 -27.75 -11.91 -18.92
CA VAL B 681 -28.48 -10.74 -19.40
C VAL B 681 -28.59 -9.71 -18.28
N SER B 682 -28.92 -10.18 -17.09
CA SER B 682 -29.05 -9.32 -15.91
C SER B 682 -28.18 -9.84 -14.78
N PRO B 683 -26.86 -9.56 -14.85
CA PRO B 683 -25.93 -10.02 -13.81
C PRO B 683 -26.15 -9.33 -12.47
N TYR B 684 -25.89 -10.04 -11.39
CA TYR B 684 -25.96 -9.43 -10.06
C TYR B 684 -24.62 -8.75 -9.77
N THR B 685 -24.65 -7.43 -9.69
CA THR B 685 -23.41 -6.64 -9.68
C THR B 685 -23.31 -5.71 -8.47
N TRP B 686 -24.24 -5.82 -7.53
CA TRP B 686 -24.35 -4.84 -6.46
C TRP B 686 -23.39 -5.09 -5.30
N LEU B 687 -22.72 -6.24 -5.31
CA LEU B 687 -21.74 -6.55 -4.27
C LEU B 687 -20.34 -6.74 -4.84
N ILE B 688 -20.13 -6.27 -6.06
CA ILE B 688 -18.78 -6.17 -6.61
C ILE B 688 -18.05 -5.12 -5.77
N PRO B 689 -16.94 -5.52 -5.11
CA PRO B 689 -16.25 -4.63 -4.17
C PRO B 689 -16.03 -3.22 -4.72
N GLY B 690 -15.66 -3.11 -5.99
CA GLY B 690 -15.44 -1.82 -6.61
C GLY B 690 -16.68 -0.97 -6.73
N HIS B 691 -17.84 -1.57 -6.49
CA HIS B 691 -19.12 -0.86 -6.55
C HIS B 691 -19.69 -0.60 -5.15
N VAL B 692 -19.03 -1.11 -4.12
CA VAL B 692 -19.54 -1.01 -2.75
C VAL B 692 -18.85 0.11 -1.97
N PRO B 693 -19.58 1.19 -1.68
CA PRO B 693 -18.99 2.27 -0.88
C PRO B 693 -18.56 1.79 0.50
N ASN B 694 -17.63 2.50 1.12
CA ASN B 694 -17.12 2.11 2.44
C ASN B 694 -18.12 2.36 3.55
N SER B 695 -19.01 3.34 3.36
CA SER B 695 -19.93 3.73 4.41
C SER B 695 -21.34 3.99 3.92
N ILE B 696 -22.21 4.38 4.86
CA ILE B 696 -23.56 4.81 4.55
C ILE B 696 -23.59 6.34 4.50
N ALA B 697 -23.41 6.90 3.32
CA ALA B 697 -23.40 8.36 3.16
C ALA B 697 -24.54 8.83 2.29
N ILE B 698 -25.50 7.94 2.01
CA ILE B 698 -26.62 8.29 1.15
C ILE B 698 -27.78 7.31 1.35
C1 GLC C . 23.44 -17.33 14.08
C2 GLC C . 23.27 -18.51 13.14
C3 GLC C . 22.54 -19.66 13.83
C4 GLC C . 23.25 -20.00 15.13
C5 GLC C . 23.42 -18.75 15.99
C6 GLC C . 24.23 -19.09 17.25
O2 GLC C . 22.55 -18.12 12.00
O3 GLC C . 22.51 -20.79 12.99
O4 GLC C . 22.51 -20.96 15.85
O5 GLC C . 24.11 -17.74 15.27
O6 GLC C . 23.95 -18.16 18.27
H1 GLC C . 24.03 -16.56 13.58
H2 GLC C . 24.26 -18.86 12.84
H3 GLC C . 21.53 -19.34 14.06
H4 GLC C . 24.23 -20.39 14.90
H5 GLC C . 22.44 -18.39 16.29
H61 GLC C . 23.97 -20.10 17.59
H62 GLC C . 25.30 -19.07 17.02
HO2 GLC C . 22.32 -17.17 12.07
HO3 GLC C . 22.96 -20.58 12.15
HO4 GLC C . 21.70 -21.19 15.34
HO6 GLC C . 23.29 -17.50 17.95
C1 FRU C . 22.02 -14.72 13.23
C2 FRU C . 22.16 -15.42 14.58
C3 FRU C . 21.01 -15.07 15.51
C4 FRU C . 21.66 -14.92 16.86
C5 FRU C . 23.09 -14.54 16.54
C6 FRU C . 24.05 -15.15 17.56
O1 FRU C . 21.99 -13.33 13.43
O2 FRU C . 22.16 -16.82 14.40
O3 FRU C . 20.03 -16.09 15.52
O4 FRU C . 21.02 -13.95 17.66
O5 FRU C . 23.35 -15.00 15.23
O6 FRU C . 25.10 -14.25 17.86
H11 FRU C . 22.88 -14.97 12.60
H12 FRU C . 21.12 -15.05 12.74
H3 FRU C . 20.57 -14.12 15.21
H4 FRU C . 21.65 -15.89 17.37
H5 FRU C . 23.18 -13.45 16.58
H61 FRU C . 23.50 -15.40 18.47
H62 FRU C . 24.47 -16.07 17.15
HO1 FRU C . 22.75 -13.05 13.98
HO3 FRU C . 20.30 -16.81 14.93
HO4 FRU C . 20.27 -13.56 17.17
HO6 FRU C . 24.97 -13.42 17.35
C1 GLC D . -23.44 -22.88 1.48
C2 GLC D . -23.29 -23.24 2.95
C3 GLC D . -22.65 -24.60 3.11
C4 GLC D . -23.37 -25.64 2.27
C5 GLC D . -23.50 -25.15 0.83
C6 GLC D . -24.29 -26.14 -0.02
O2 GLC D . -22.49 -22.26 3.57
O3 GLC D . -22.70 -24.98 4.47
O4 GLC D . -22.66 -26.86 2.30
O5 GLC D . -24.16 -23.90 0.81
O6 GLC D . -23.42 -26.94 -0.80
H1 GLC D . -23.99 -21.95 1.39
H3 GLC D . -21.61 -24.54 2.80
H4 GLC D . -24.37 -25.79 2.68
H5 GLC D . -22.51 -25.05 0.41
H61 GLC D . -24.88 -26.79 0.63
H62 GLC D . -24.97 -25.61 -0.68
HO2 GLC D . -22.22 -21.59 2.91
HO3 GLC D . -23.14 -24.27 5.00
HO4 GLC D . -21.86 -26.76 2.87
HO6 GLC D . -22.49 -26.68 -0.63
C1 FRU D . -22.12 -20.41 0.38
C2 FRU D . -22.14 -21.83 -0.17
C3 FRU D . -20.93 -22.11 -1.03
C4 FRU D . -21.47 -22.72 -2.31
C5 FRU D . -22.94 -22.29 -2.32
C6 FRU D . -23.85 -23.37 -2.91
O1 FRU D . -22.08 -19.48 -0.68
O2 FRU D . -22.16 -22.75 0.90
O3 FRU D . -20.04 -23.01 -0.39
O4 FRU D . -20.80 -22.25 -3.45
O5 FRU D . -23.30 -22.01 -0.99
O6 FRU D . -24.92 -22.77 -3.59
H11 FRU D . -21.24 -20.28 1.02
H12 FRU D . -23.01 -20.23 0.98
H3 FRU D . -20.42 -21.17 -1.27
H4 FRU D . -21.41 -23.81 -2.25
H5 FRU D . -23.03 -21.38 -2.93
H61 FRU D . -24.22 -24.01 -2.12
H62 FRU D . -23.27 -23.98 -3.62
HO1 FRU D . -22.85 -19.61 -1.26
HO3 FRU D . -20.40 -23.25 0.48
HO4 FRU D . -20.10 -21.62 -3.19
HO6 FRU D . -24.85 -21.79 -3.52
FE FE2 E . 29.10 2.34 -4.76
FE FE2 F . -29.18 4.60 2.05
#